data_8XVN
#
_entry.id   8XVN
#
_cell.length_a   68.410
_cell.length_b   133.460
_cell.length_c   94.221
_cell.angle_alpha   90.00
_cell.angle_beta   91.03
_cell.angle_gamma   90.00
#
_symmetry.space_group_name_H-M   'P 1 21 1'
#
loop_
_entity.id
_entity.type
_entity.pdbx_description
1 polymer 'Short-chain dehydrogenases/reductase'
2 water water
#
_entity_poly.entity_id   1
_entity_poly.type   'polypeptide(L)'
_entity_poly.pdbx_seq_one_letter_code
;MSHTSTRVAIVTGAAQGLGASIALRLADDGLDVAVNDIGSKSDQLQQIVAQIQAKGRRALAVPADVSRDVDVQAMVAKVV
EELGGLDVVRGSPVAAPSTTNLMCYVVYDLQMVANAGIVLYQSLADTQLEVWDRIMSVNLRGVMLCYKYAGVQMIKQGRG
GRIIAASSAAGKKGMINLPAYSASKFAVRGITQSAALEFAPHNITVNAYCPGGIRTPMSSHADIKLLDLPTNLPFADPEV
VASLVSYLAKPEAYFITGQSILVDGGVLFD
;
_entity_poly.pdbx_strand_id   A,B,C,D,E,F,G,H
#
# COMPACT_ATOMS: atom_id res chain seq x y z
N SER A 5 11.08 -50.98 1.66
CA SER A 5 10.72 -49.55 1.84
C SER A 5 9.28 -49.29 1.35
N THR A 6 8.42 -50.29 1.42
CA THR A 6 7.02 -50.16 0.96
C THR A 6 6.23 -49.33 1.98
N ARG A 7 5.38 -48.43 1.51
CA ARG A 7 4.55 -47.63 2.44
C ARG A 7 3.39 -48.50 2.94
N VAL A 8 2.93 -48.22 4.14
CA VAL A 8 1.89 -49.04 4.83
C VAL A 8 0.69 -48.16 5.13
N ALA A 9 -0.51 -48.63 4.83
CA ALA A 9 -1.79 -47.95 5.12
C ALA A 9 -2.60 -48.77 6.13
N ILE A 10 -3.29 -48.08 7.02
CA ILE A 10 -4.48 -48.61 7.71
C ILE A 10 -5.73 -47.97 7.09
N VAL A 11 -6.73 -48.80 6.81
CA VAL A 11 -8.10 -48.34 6.46
C VAL A 11 -9.08 -48.90 7.49
N THR A 12 -9.85 -48.04 8.14
CA THR A 12 -10.91 -48.43 9.10
C THR A 12 -12.25 -48.53 8.35
N GLY A 13 -13.16 -49.33 8.87
CA GLY A 13 -14.47 -49.60 8.24
C GLY A 13 -14.29 -50.17 6.85
N ALA A 14 -13.35 -51.09 6.65
CA ALA A 14 -12.88 -51.52 5.32
C ALA A 14 -13.44 -52.88 4.89
N ALA A 15 -14.41 -53.43 5.60
CA ALA A 15 -15.00 -54.76 5.31
C ALA A 15 -15.80 -54.68 4.02
N GLN A 16 -16.37 -53.52 3.70
CA GLN A 16 -17.19 -53.32 2.49
C GLN A 16 -17.34 -51.84 2.14
N GLY A 17 -18.07 -51.58 1.05
CA GLY A 17 -18.42 -50.23 0.58
C GLY A 17 -17.18 -49.39 0.30
N LEU A 18 -17.22 -48.15 0.76
CA LEU A 18 -16.13 -47.18 0.60
C LEU A 18 -14.79 -47.74 1.10
N GLY A 19 -14.76 -48.20 2.35
CA GLY A 19 -13.50 -48.66 2.98
C GLY A 19 -12.80 -49.75 2.18
N ALA A 20 -13.56 -50.71 1.66
CA ALA A 20 -13.01 -51.87 0.91
C ALA A 20 -12.41 -51.36 -0.40
N SER A 21 -13.11 -50.44 -1.04
CA SER A 21 -12.67 -49.84 -2.33
C SER A 21 -11.37 -49.05 -2.07
N ILE A 22 -11.29 -48.29 -0.99
CA ILE A 22 -10.06 -47.52 -0.64
C ILE A 22 -8.91 -48.50 -0.41
N ALA A 23 -9.11 -49.53 0.44
CA ALA A 23 -8.08 -50.55 0.79
C ALA A 23 -7.55 -51.20 -0.50
N LEU A 24 -8.44 -51.64 -1.39
CA LEU A 24 -8.02 -52.37 -2.61
C LEU A 24 -7.32 -51.40 -3.58
N ARG A 25 -7.72 -50.12 -3.62
CA ARG A 25 -7.03 -49.12 -4.48
C ARG A 25 -5.62 -48.82 -3.92
N LEU A 26 -5.46 -48.67 -2.61
CA LEU A 26 -4.11 -48.42 -2.03
C LEU A 26 -3.20 -49.61 -2.30
N ALA A 27 -3.71 -50.85 -2.21
CA ALA A 27 -2.97 -52.09 -2.57
C ALA A 27 -2.53 -52.01 -4.05
N ASP A 28 -3.45 -51.66 -4.95
CA ASP A 28 -3.16 -51.45 -6.40
C ASP A 28 -2.11 -50.34 -6.58
N ASP A 29 -2.12 -49.34 -5.71
CA ASP A 29 -1.16 -48.21 -5.76
C ASP A 29 0.22 -48.69 -5.32
N GLY A 30 0.31 -49.86 -4.72
CA GLY A 30 1.61 -50.39 -4.31
C GLY A 30 1.86 -50.32 -2.81
N LEU A 31 0.83 -50.04 -2.01
CA LEU A 31 0.99 -49.97 -0.53
C LEU A 31 0.65 -51.35 0.06
N ASP A 32 1.31 -51.72 1.16
CA ASP A 32 0.86 -52.80 2.08
C ASP A 32 -0.28 -52.22 2.92
N VAL A 33 -1.32 -53.01 3.21
CA VAL A 33 -2.59 -52.48 3.79
C VAL A 33 -3.04 -53.35 4.95
N ALA A 34 -3.35 -52.72 6.08
CA ALA A 34 -4.07 -53.31 7.22
C ALA A 34 -5.52 -52.82 7.19
N VAL A 35 -6.48 -53.75 7.16
CA VAL A 35 -7.93 -53.43 7.10
C VAL A 35 -8.58 -53.69 8.46
N ASN A 36 -9.31 -52.71 8.92
CA ASN A 36 -10.04 -52.78 10.20
C ASN A 36 -11.53 -52.73 9.90
N ASP A 37 -12.31 -53.46 10.70
CA ASP A 37 -13.78 -53.27 10.83
C ASP A 37 -14.19 -53.89 12.18
N ILE A 38 -15.48 -53.88 12.49
CA ILE A 38 -15.99 -54.50 13.76
C ILE A 38 -15.76 -56.01 13.64
N GLY A 39 -15.56 -56.69 14.76
CA GLY A 39 -15.35 -58.15 14.88
C GLY A 39 -16.31 -58.98 14.04
N SER A 40 -17.60 -58.64 14.02
CA SER A 40 -18.66 -59.39 13.29
C SER A 40 -18.44 -59.36 11.76
N LYS A 41 -17.59 -58.49 11.21
CA LYS A 41 -17.33 -58.52 9.74
C LYS A 41 -15.96 -59.14 9.49
N SER A 42 -15.45 -59.91 10.45
CA SER A 42 -14.13 -60.59 10.36
C SER A 42 -14.04 -61.40 9.06
N ASP A 43 -15.10 -62.11 8.66
CA ASP A 43 -15.04 -62.98 7.45
C ASP A 43 -14.83 -62.13 6.20
N GLN A 44 -15.60 -61.05 6.04
CA GLN A 44 -15.46 -60.08 4.92
C GLN A 44 -14.04 -59.47 4.95
N LEU A 45 -13.52 -59.12 6.13
CA LEU A 45 -12.15 -58.58 6.28
C LEU A 45 -11.14 -59.56 5.71
N GLN A 46 -11.33 -60.87 5.97
CA GLN A 46 -10.39 -61.92 5.51
C GLN A 46 -10.42 -61.99 3.98
N GLN A 47 -11.59 -61.79 3.38
CA GLN A 47 -11.74 -61.79 1.92
C GLN A 47 -10.93 -60.62 1.35
N ILE A 48 -11.06 -59.44 1.93
CA ILE A 48 -10.29 -58.25 1.47
C ILE A 48 -8.80 -58.55 1.57
N VAL A 49 -8.40 -59.13 2.69
CA VAL A 49 -6.96 -59.47 2.91
C VAL A 49 -6.48 -60.37 1.76
N ALA A 50 -7.25 -61.38 1.38
CA ALA A 50 -6.82 -62.37 0.35
C ALA A 50 -6.71 -61.66 -0.99
N GLN A 51 -7.57 -60.69 -1.27
CA GLN A 51 -7.55 -59.91 -2.54
C GLN A 51 -6.33 -58.99 -2.55
N ILE A 52 -5.97 -58.42 -1.43
CA ILE A 52 -4.75 -57.57 -1.38
C ILE A 52 -3.53 -58.46 -1.57
N GLN A 53 -3.49 -59.65 -0.94
CA GLN A 53 -2.35 -60.59 -1.12
C GLN A 53 -2.27 -61.07 -2.58
N ALA A 54 -3.39 -61.26 -3.27
CA ALA A 54 -3.40 -61.64 -4.71
C ALA A 54 -2.75 -60.54 -5.57
N LYS A 55 -2.70 -59.30 -5.11
CA LYS A 55 -2.05 -58.19 -5.87
C LYS A 55 -0.54 -58.16 -5.57
N GLY A 56 -0.05 -59.13 -4.83
CA GLY A 56 1.38 -59.22 -4.47
C GLY A 56 1.74 -58.29 -3.33
N ARG A 57 0.77 -57.80 -2.57
CA ARG A 57 1.07 -56.92 -1.44
C ARG A 57 0.92 -57.66 -0.12
N ARG A 58 1.46 -57.10 0.96
CA ARG A 58 1.24 -57.63 2.33
C ARG A 58 -0.04 -57.02 2.90
N ALA A 59 -0.77 -57.81 3.69
CA ALA A 59 -2.09 -57.45 4.25
C ALA A 59 -2.31 -58.16 5.57
N LEU A 60 -3.13 -57.54 6.39
CA LEU A 60 -3.40 -57.93 7.80
C LEU A 60 -4.83 -57.46 8.09
N ALA A 61 -5.68 -58.31 8.65
CA ALA A 61 -6.96 -57.88 9.24
C ALA A 61 -6.70 -57.47 10.71
N VAL A 62 -7.18 -56.29 11.11
CA VAL A 62 -7.12 -55.80 12.52
C VAL A 62 -8.53 -55.42 12.99
N PRO A 63 -9.40 -56.40 13.32
CA PRO A 63 -10.70 -56.09 13.89
C PRO A 63 -10.48 -55.30 15.19
N ALA A 64 -11.30 -54.27 15.40
CA ALA A 64 -11.19 -53.40 16.59
C ALA A 64 -12.38 -52.45 16.59
N ASP A 65 -12.75 -52.01 17.79
CA ASP A 65 -13.72 -50.91 18.02
C ASP A 65 -12.94 -49.59 18.02
N VAL A 66 -13.06 -48.79 16.96
CA VAL A 66 -12.32 -47.51 16.78
C VAL A 66 -12.82 -46.46 17.78
N SER A 67 -13.95 -46.69 18.43
CA SER A 67 -14.39 -45.80 19.54
C SER A 67 -13.63 -46.09 20.84
N ARG A 68 -12.83 -47.15 20.91
CA ARG A 68 -12.08 -47.48 22.16
C ARG A 68 -10.61 -47.10 22.00
N ASP A 69 -10.14 -46.27 22.89
CA ASP A 69 -8.76 -45.79 22.98
C ASP A 69 -7.76 -46.95 22.93
N VAL A 70 -7.97 -47.97 23.77
CA VAL A 70 -7.05 -49.14 23.87
C VAL A 70 -7.06 -49.93 22.57
N ASP A 71 -8.22 -50.14 21.95
CA ASP A 71 -8.35 -50.86 20.65
C ASP A 71 -7.53 -50.16 19.56
N VAL A 72 -7.65 -48.85 19.42
CA VAL A 72 -6.96 -48.09 18.33
C VAL A 72 -5.45 -48.11 18.59
N GLN A 73 -5.02 -47.85 19.83
CA GLN A 73 -3.60 -47.95 20.19
C GLN A 73 -3.04 -49.36 19.83
N ALA A 74 -3.69 -50.45 20.25
CA ALA A 74 -3.25 -51.85 19.95
C ALA A 74 -3.28 -52.08 18.43
N MET A 75 -4.29 -51.55 17.73
CA MET A 75 -4.43 -51.73 16.27
C MET A 75 -3.20 -51.12 15.57
N VAL A 76 -2.79 -49.90 15.94
CA VAL A 76 -1.61 -49.23 15.32
C VAL A 76 -0.35 -49.98 15.72
N ALA A 77 -0.22 -50.39 16.98
CA ALA A 77 0.95 -51.18 17.46
C ALA A 77 1.05 -52.51 16.69
N LYS A 78 -0.05 -53.23 16.48
CA LYS A 78 -0.04 -54.52 15.72
C LYS A 78 0.40 -54.29 14.26
N VAL A 79 -0.07 -53.25 13.61
CA VAL A 79 0.36 -52.88 12.23
C VAL A 79 1.86 -52.55 12.20
N VAL A 80 2.38 -51.77 13.16
CA VAL A 80 3.83 -51.40 13.20
C VAL A 80 4.67 -52.69 13.34
N GLU A 81 4.26 -53.60 14.21
CA GLU A 81 4.91 -54.90 14.48
C GLU A 81 4.94 -55.79 13.22
N GLU A 82 3.80 -55.91 12.57
CA GLU A 82 3.60 -56.88 11.47
C GLU A 82 4.10 -56.29 10.14
N LEU A 83 3.68 -55.09 9.75
CA LEU A 83 3.99 -54.48 8.44
C LEU A 83 5.20 -53.55 8.54
N GLY A 84 5.69 -53.20 9.72
CA GLY A 84 6.94 -52.42 9.85
C GLY A 84 6.71 -50.94 10.13
N ASP A 109 3.77 -47.31 9.62
CA ASP A 109 2.47 -46.63 9.30
C ASP A 109 2.75 -45.33 8.55
N LEU A 110 2.35 -45.23 7.29
CA LEU A 110 2.55 -44.01 6.45
C LEU A 110 1.24 -43.36 6.03
N GLN A 111 0.17 -44.14 5.97
CA GLN A 111 -1.17 -43.59 5.66
C GLN A 111 -2.22 -44.18 6.59
N MET A 112 -3.01 -43.29 7.17
CA MET A 112 -4.17 -43.65 8.01
C MET A 112 -5.41 -43.11 7.31
N VAL A 113 -6.33 -43.99 6.94
CA VAL A 113 -7.67 -43.62 6.42
C VAL A 113 -8.73 -43.99 7.46
N ALA A 114 -9.28 -42.99 8.15
CA ALA A 114 -10.29 -43.09 9.23
C ALA A 114 -11.67 -43.01 8.57
N ASN A 115 -12.09 -44.15 8.06
CA ASN A 115 -13.26 -44.27 7.17
C ASN A 115 -14.45 -44.79 7.96
N ALA A 116 -14.24 -45.49 9.07
CA ALA A 116 -15.38 -46.10 9.81
C ALA A 116 -16.40 -45.02 10.18
N GLY A 117 -17.67 -45.31 9.99
CA GLY A 117 -18.76 -44.40 10.36
C GLY A 117 -20.09 -45.13 10.36
N ILE A 118 -21.08 -44.57 11.02
CA ILE A 118 -22.46 -45.12 10.95
C ILE A 118 -23.38 -43.95 10.61
N VAL A 119 -24.44 -44.30 9.89
CA VAL A 119 -25.55 -43.42 9.48
C VAL A 119 -26.80 -43.97 10.17
N LEU A 120 -27.42 -43.19 11.04
CA LEU A 120 -28.78 -43.45 11.56
C LEU A 120 -29.58 -42.18 11.34
N TYR A 121 -30.81 -42.32 10.82
CA TYR A 121 -31.80 -41.23 10.65
C TYR A 121 -32.59 -41.08 11.95
N GLN A 122 -32.62 -39.88 12.53
CA GLN A 122 -33.42 -39.60 13.75
C GLN A 122 -33.48 -38.08 13.87
N SER A 123 -34.69 -37.54 13.80
CA SER A 123 -34.98 -36.11 14.01
C SER A 123 -34.44 -35.67 15.37
N LEU A 124 -34.21 -34.37 15.52
CA LEU A 124 -33.91 -33.72 16.81
C LEU A 124 -35.08 -33.87 17.79
N ALA A 125 -36.33 -33.68 17.35
CA ALA A 125 -37.52 -33.92 18.20
C ALA A 125 -37.46 -35.33 18.82
N ASP A 126 -37.05 -36.34 18.03
CA ASP A 126 -37.06 -37.78 18.42
C ASP A 126 -35.69 -38.24 18.96
N THR A 127 -34.77 -37.33 19.27
CA THR A 127 -33.36 -37.73 19.55
C THR A 127 -33.27 -38.50 20.89
N GLN A 128 -32.69 -39.69 20.81
CA GLN A 128 -32.35 -40.53 21.98
C GLN A 128 -30.85 -40.38 22.20
N LEU A 129 -30.43 -40.09 23.43
CA LEU A 129 -28.98 -39.95 23.75
C LEU A 129 -28.18 -41.17 23.31
N GLU A 130 -28.72 -42.39 23.39
CA GLU A 130 -27.90 -43.59 23.02
C GLU A 130 -27.65 -43.62 21.49
N VAL A 131 -28.56 -43.12 20.64
CA VAL A 131 -28.32 -42.95 19.18
C VAL A 131 -27.30 -41.81 18.99
N TRP A 132 -27.57 -40.65 19.63
CA TRP A 132 -26.69 -39.46 19.57
C TRP A 132 -25.24 -39.87 19.91
N ASP A 133 -25.00 -40.54 21.05
CA ASP A 133 -23.63 -40.83 21.55
C ASP A 133 -22.99 -41.92 20.68
N ARG A 134 -23.77 -42.88 20.17
CA ARG A 134 -23.23 -43.99 19.35
C ARG A 134 -22.69 -43.40 18.04
N ILE A 135 -23.44 -42.49 17.43
CA ILE A 135 -22.99 -41.79 16.20
C ILE A 135 -21.72 -41.01 16.57
N MET A 136 -21.70 -40.27 17.67
CA MET A 136 -20.50 -39.44 17.95
C MET A 136 -19.34 -40.37 18.27
N SER A 137 -19.59 -41.52 18.91
CA SER A 137 -18.48 -42.37 19.41
C SER A 137 -17.72 -42.92 18.20
N VAL A 138 -18.40 -43.35 17.15
CA VAL A 138 -17.68 -43.93 15.98
C VAL A 138 -17.25 -42.79 15.04
N ASN A 139 -18.16 -41.92 14.66
CA ASN A 139 -17.91 -40.92 13.60
C ASN A 139 -16.86 -39.88 13.99
N LEU A 140 -16.82 -39.44 15.25
CA LEU A 140 -15.92 -38.34 15.69
C LEU A 140 -14.82 -38.89 16.62
N ARG A 141 -15.19 -39.52 17.74
CA ARG A 141 -14.20 -40.03 18.72
C ARG A 141 -13.28 -41.04 18.00
N GLY A 142 -13.85 -41.93 17.20
CA GLY A 142 -13.05 -42.88 16.40
C GLY A 142 -12.06 -42.17 15.51
N VAL A 143 -12.50 -41.08 14.87
CA VAL A 143 -11.60 -40.32 13.97
C VAL A 143 -10.49 -39.69 14.81
N MET A 144 -10.84 -39.06 15.93
CA MET A 144 -9.86 -38.41 16.82
C MET A 144 -8.80 -39.43 17.24
N LEU A 145 -9.21 -40.61 17.70
CA LEU A 145 -8.25 -41.62 18.20
C LEU A 145 -7.37 -42.13 17.06
N CYS A 146 -7.92 -42.31 15.85
CA CYS A 146 -7.10 -42.72 14.67
C CYS A 146 -6.13 -41.60 14.32
N TYR A 147 -6.57 -40.33 14.34
CA TYR A 147 -5.71 -39.15 14.08
C TYR A 147 -4.55 -39.13 15.07
N LYS A 148 -4.84 -39.32 16.35
CA LYS A 148 -3.86 -39.23 17.47
C LYS A 148 -2.80 -40.34 17.38
N TYR A 149 -3.20 -41.60 17.29
CA TYR A 149 -2.23 -42.73 17.33
C TYR A 149 -1.47 -42.86 16.01
N ALA A 150 -2.07 -42.58 14.86
CA ALA A 150 -1.35 -42.46 13.57
C ALA A 150 -0.31 -41.34 13.68
N GLY A 151 -0.73 -40.16 14.08
CA GLY A 151 0.17 -39.00 14.19
C GLY A 151 1.36 -39.27 15.08
N VAL A 152 1.10 -39.85 16.24
CA VAL A 152 2.18 -40.13 17.22
C VAL A 152 3.16 -41.13 16.59
N GLN A 153 2.66 -42.16 15.91
CA GLN A 153 3.53 -43.16 15.25
C GLN A 153 4.32 -42.48 14.13
N MET A 154 3.70 -41.60 13.35
CA MET A 154 4.36 -40.98 12.19
C MET A 154 5.42 -39.98 12.69
N ILE A 155 5.14 -39.28 13.78
CA ILE A 155 6.13 -38.34 14.40
C ILE A 155 7.36 -39.14 14.83
N LYS A 156 7.13 -40.30 15.46
CA LYS A 156 8.21 -41.24 15.88
C LYS A 156 9.07 -41.66 14.66
N GLN A 157 8.46 -42.01 13.53
CA GLN A 157 9.22 -42.51 12.34
C GLN A 157 10.07 -41.40 11.71
N GLY A 158 9.62 -40.15 11.75
CA GLY A 158 10.35 -39.02 11.14
C GLY A 158 10.41 -39.08 9.63
N ARG A 159 9.46 -39.74 8.97
CA ARG A 159 9.40 -39.75 7.48
C ARG A 159 8.08 -39.13 6.97
N GLY A 160 7.38 -38.33 7.78
CA GLY A 160 6.11 -37.71 7.38
C GLY A 160 4.97 -38.73 7.27
N GLY A 161 3.88 -38.35 6.63
CA GLY A 161 2.69 -39.22 6.57
C GLY A 161 1.50 -38.54 5.98
N ARG A 162 0.44 -39.32 5.88
CA ARG A 162 -0.83 -38.93 5.25
C ARG A 162 -1.91 -39.42 6.21
N ILE A 163 -2.71 -38.50 6.72
CA ILE A 163 -3.87 -38.84 7.57
C ILE A 163 -5.11 -38.33 6.83
N ILE A 164 -6.08 -39.20 6.62
CA ILE A 164 -7.28 -38.88 5.78
C ILE A 164 -8.51 -39.48 6.48
N ALA A 165 -9.52 -38.65 6.72
CA ALA A 165 -10.80 -39.11 7.33
C ALA A 165 -11.95 -38.94 6.35
N ALA A 166 -12.93 -39.79 6.51
CA ALA A 166 -14.29 -39.65 5.94
C ALA A 166 -15.02 -38.50 6.65
N SER A 167 -15.23 -37.39 5.97
CA SER A 167 -16.34 -36.46 6.28
C SER A 167 -17.54 -36.95 5.47
N SER A 168 -18.33 -36.03 4.95
CA SER A 168 -19.56 -36.30 4.18
C SER A 168 -20.00 -34.98 3.56
N ALA A 169 -20.85 -35.05 2.54
CA ALA A 169 -21.65 -33.89 2.10
C ALA A 169 -22.39 -33.32 3.31
N ALA A 170 -22.78 -34.18 4.23
CA ALA A 170 -23.52 -33.77 5.45
C ALA A 170 -22.63 -32.99 6.41
N GLY A 171 -21.30 -33.03 6.24
CA GLY A 171 -20.31 -32.23 6.98
C GLY A 171 -20.08 -30.89 6.29
N LYS A 172 -20.68 -30.64 5.11
CA LYS A 172 -20.61 -29.30 4.46
C LYS A 172 -21.96 -28.59 4.48
N LYS A 173 -23.04 -29.35 4.51
CA LYS A 173 -24.42 -28.81 4.57
C LYS A 173 -25.27 -29.79 5.37
N GLY A 174 -25.70 -29.38 6.56
CA GLY A 174 -26.45 -30.25 7.47
C GLY A 174 -27.70 -30.73 6.77
N MET A 175 -28.16 -31.91 7.12
CA MET A 175 -29.30 -32.56 6.44
C MET A 175 -30.42 -32.84 7.43
N ILE A 176 -31.66 -32.68 6.96
CA ILE A 176 -32.91 -32.98 7.71
C ILE A 176 -32.82 -34.44 8.18
N ASN A 177 -33.23 -34.68 9.42
CA ASN A 177 -33.30 -36.00 10.10
C ASN A 177 -31.93 -36.64 10.26
N LEU A 178 -30.85 -35.93 9.98
CA LEU A 178 -29.47 -36.38 10.30
C LEU A 178 -28.75 -35.36 11.19
N PRO A 179 -29.36 -34.83 12.27
CA PRO A 179 -28.65 -33.88 13.13
C PRO A 179 -27.36 -34.42 13.76
N ALA A 180 -27.41 -35.65 14.31
CA ALA A 180 -26.22 -36.31 14.91
C ALA A 180 -25.16 -36.57 13.82
N TYR A 181 -25.57 -37.13 12.69
CA TYR A 181 -24.67 -37.47 11.57
C TYR A 181 -24.01 -36.20 11.04
N SER A 182 -24.78 -35.16 10.76
CA SER A 182 -24.34 -33.84 10.27
C SER A 182 -23.36 -33.22 11.28
N ALA A 183 -23.71 -33.18 12.57
CA ALA A 183 -22.84 -32.68 13.65
C ALA A 183 -21.50 -33.42 13.63
N SER A 184 -21.52 -34.76 13.53
CA SER A 184 -20.30 -35.60 13.58
C SER A 184 -19.40 -35.31 12.37
N LYS A 185 -19.98 -35.11 11.18
CA LYS A 185 -19.17 -34.90 9.95
C LYS A 185 -18.65 -33.46 9.83
N PHE A 186 -19.34 -32.46 10.37
CA PHE A 186 -18.80 -31.09 10.51
C PHE A 186 -17.59 -31.17 11.47
N ALA A 187 -17.73 -31.90 12.58
CA ALA A 187 -16.71 -32.06 13.62
C ALA A 187 -15.44 -32.67 13.02
N VAL A 188 -15.57 -33.67 12.13
CA VAL A 188 -14.42 -34.26 11.38
C VAL A 188 -13.62 -33.16 10.66
N ARG A 189 -14.32 -32.21 10.06
CA ARG A 189 -13.61 -31.11 9.36
C ARG A 189 -12.84 -30.23 10.36
N GLY A 190 -13.47 -29.85 11.46
CA GLY A 190 -12.81 -29.08 12.54
C GLY A 190 -11.50 -29.71 13.02
N ILE A 191 -11.53 -30.99 13.37
CA ILE A 191 -10.31 -31.68 13.90
C ILE A 191 -9.29 -31.90 12.76
N THR A 192 -9.72 -32.15 11.54
CA THR A 192 -8.84 -32.17 10.35
C THR A 192 -8.03 -30.86 10.26
N GLN A 193 -8.67 -29.70 10.40
CA GLN A 193 -7.99 -28.39 10.24
C GLN A 193 -7.04 -28.16 11.42
N SER A 194 -7.51 -28.46 12.63
CA SER A 194 -6.67 -28.33 13.84
C SER A 194 -5.47 -29.28 13.75
N ALA A 195 -5.67 -30.52 13.31
CA ALA A 195 -4.59 -31.54 13.23
C ALA A 195 -3.59 -31.15 12.11
N ALA A 196 -4.08 -30.60 11.01
CA ALA A 196 -3.24 -30.21 9.85
C ALA A 196 -2.24 -29.17 10.34
N LEU A 197 -2.66 -28.27 11.25
CA LEU A 197 -1.75 -27.23 11.81
C LEU A 197 -0.75 -27.88 12.76
N GLU A 198 -1.22 -28.70 13.71
CA GLU A 198 -0.34 -29.39 14.69
C GLU A 198 0.73 -30.25 14.03
N PHE A 199 0.38 -31.03 13.02
CA PHE A 199 1.29 -32.02 12.38
C PHE A 199 2.10 -31.44 11.22
N ALA A 200 1.85 -30.21 10.75
CA ALA A 200 2.60 -29.62 9.58
C ALA A 200 4.12 -29.63 9.84
N PRO A 201 4.69 -29.24 10.99
CA PRO A 201 6.15 -29.32 11.17
C PRO A 201 6.79 -30.72 10.99
N HIS A 202 6.00 -31.78 11.08
CA HIS A 202 6.44 -33.19 10.87
C HIS A 202 6.13 -33.68 9.45
N ASN A 203 5.64 -32.81 8.58
CA ASN A 203 5.33 -33.15 7.17
C ASN A 203 4.29 -34.29 7.10
N ILE A 204 3.29 -34.20 7.95
CA ILE A 204 2.11 -35.09 7.90
C ILE A 204 0.95 -34.22 7.41
N THR A 205 0.33 -34.55 6.29
CA THR A 205 -0.91 -33.87 5.85
C THR A 205 -2.10 -34.55 6.53
N VAL A 206 -3.13 -33.77 6.80
CA VAL A 206 -4.42 -34.24 7.32
C VAL A 206 -5.53 -33.62 6.47
N ASN A 207 -6.25 -34.47 5.73
CA ASN A 207 -7.34 -34.05 4.81
C ASN A 207 -8.58 -34.89 5.05
N ALA A 208 -9.70 -34.48 4.51
CA ALA A 208 -10.96 -35.25 4.54
C ALA A 208 -11.62 -35.27 3.16
N TYR A 209 -12.36 -36.33 2.91
CA TYR A 209 -13.23 -36.52 1.72
C TYR A 209 -14.66 -36.33 2.22
N CYS A 210 -15.48 -35.67 1.41
CA CYS A 210 -16.92 -35.41 1.66
C CYS A 210 -17.70 -36.02 0.48
N PRO A 211 -18.02 -37.33 0.49
CA PRO A 211 -18.81 -37.93 -0.59
C PRO A 211 -20.29 -37.56 -0.54
N GLY A 212 -20.87 -37.44 -1.72
CA GLY A 212 -22.32 -37.31 -1.90
C GLY A 212 -22.91 -38.65 -2.24
N GLY A 213 -23.61 -38.75 -3.37
CA GLY A 213 -24.41 -39.93 -3.77
C GLY A 213 -23.53 -41.09 -4.24
N ILE A 214 -23.14 -41.98 -3.34
CA ILE A 214 -22.31 -43.15 -3.69
C ILE A 214 -23.21 -44.38 -3.63
N ARG A 215 -23.21 -45.21 -4.67
CA ARG A 215 -23.94 -46.50 -4.65
C ARG A 215 -22.98 -47.55 -4.12
N ASN A 232 -33.58 -35.73 -8.67
CA ASN A 232 -32.69 -36.85 -9.08
C ASN A 232 -31.23 -36.35 -9.11
N LEU A 233 -30.45 -36.75 -8.11
CA LEU A 233 -29.04 -36.33 -7.89
C LEU A 233 -28.10 -37.22 -8.70
N PRO A 234 -26.86 -36.77 -8.99
CA PRO A 234 -25.86 -37.66 -9.54
C PRO A 234 -25.48 -38.72 -8.49
N PHE A 235 -25.01 -39.87 -8.96
CA PHE A 235 -24.51 -40.97 -8.11
C PHE A 235 -23.29 -41.60 -8.79
N ALA A 236 -22.46 -42.29 -8.02
CA ALA A 236 -21.21 -42.90 -8.53
C ALA A 236 -20.83 -44.14 -7.70
N ASP A 237 -20.01 -44.98 -8.31
CA ASP A 237 -19.35 -46.14 -7.67
C ASP A 237 -18.39 -45.62 -6.59
N PRO A 238 -18.12 -46.39 -5.52
CA PRO A 238 -17.14 -46.00 -4.51
C PRO A 238 -15.70 -45.78 -5.00
N GLU A 239 -15.35 -46.31 -6.18
CA GLU A 239 -14.05 -46.09 -6.86
C GLU A 239 -13.70 -44.60 -6.90
N VAL A 240 -14.69 -43.72 -7.06
CA VAL A 240 -14.43 -42.26 -7.20
C VAL A 240 -13.92 -41.74 -5.85
N VAL A 241 -14.38 -42.30 -4.74
CA VAL A 241 -13.83 -41.85 -3.42
C VAL A 241 -12.42 -42.44 -3.21
N ALA A 242 -12.24 -43.71 -3.53
CA ALA A 242 -10.92 -44.41 -3.50
C ALA A 242 -9.91 -43.66 -4.37
N SER A 243 -10.35 -43.17 -5.52
CA SER A 243 -9.48 -42.36 -6.42
C SER A 243 -9.00 -41.10 -5.68
N LEU A 244 -9.88 -40.41 -4.95
CA LEU A 244 -9.52 -39.13 -4.26
C LEU A 244 -8.56 -39.44 -3.10
N VAL A 245 -8.87 -40.46 -2.31
CA VAL A 245 -8.02 -40.86 -1.16
C VAL A 245 -6.64 -41.26 -1.70
N SER A 246 -6.62 -42.06 -2.76
CA SER A 246 -5.38 -42.51 -3.44
C SER A 246 -4.52 -41.29 -3.78
N TYR A 247 -5.13 -40.23 -4.31
CA TYR A 247 -4.35 -39.03 -4.72
C TYR A 247 -3.78 -38.36 -3.47
N LEU A 248 -4.62 -38.08 -2.45
CA LEU A 248 -4.24 -37.36 -1.22
C LEU A 248 -3.12 -38.14 -0.50
N ALA A 249 -3.10 -39.48 -0.62
CA ALA A 249 -2.12 -40.38 0.05
C ALA A 249 -0.76 -40.31 -0.64
N LYS A 250 -0.64 -39.65 -1.80
CA LYS A 250 0.60 -39.73 -2.61
C LYS A 250 1.65 -38.79 -2.03
N PRO A 251 2.95 -39.12 -2.21
CA PRO A 251 4.03 -38.17 -1.93
C PRO A 251 3.91 -36.80 -2.61
N GLU A 252 3.43 -36.71 -3.85
CA GLU A 252 3.37 -35.41 -4.57
C GLU A 252 2.24 -34.52 -4.01
N ALA A 253 1.35 -35.06 -3.16
CA ALA A 253 0.21 -34.30 -2.58
C ALA A 253 0.61 -33.66 -1.24
N TYR A 254 1.91 -33.43 -1.00
CA TYR A 254 2.42 -32.92 0.30
C TYR A 254 1.95 -31.49 0.59
N PHE A 255 1.56 -30.67 -0.39
CA PHE A 255 1.19 -29.26 -0.18
C PHE A 255 -0.32 -29.07 0.01
N ILE A 256 -1.08 -30.16 0.03
CA ILE A 256 -2.55 -30.06 0.30
C ILE A 256 -2.78 -30.58 1.71
N THR A 257 -3.22 -29.70 2.61
CA THR A 257 -3.43 -30.11 4.01
C THR A 257 -4.52 -29.25 4.63
N GLY A 258 -5.29 -29.87 5.50
CA GLY A 258 -6.42 -29.28 6.20
C GLY A 258 -7.64 -29.13 5.32
N GLN A 259 -7.66 -29.80 4.14
CA GLN A 259 -8.73 -29.59 3.15
C GLN A 259 -9.74 -30.70 3.30
N SER A 260 -11.01 -30.35 3.08
CA SER A 260 -12.15 -31.26 3.00
C SER A 260 -12.74 -31.17 1.59
N ILE A 261 -12.58 -32.19 0.76
CA ILE A 261 -12.90 -32.10 -0.68
C ILE A 261 -14.21 -32.85 -0.99
N LEU A 262 -15.14 -32.16 -1.66
CA LEU A 262 -16.44 -32.68 -2.16
C LEU A 262 -16.25 -33.53 -3.42
N VAL A 263 -16.70 -34.77 -3.33
CA VAL A 263 -16.76 -35.71 -4.47
C VAL A 263 -18.23 -36.17 -4.52
N ASP A 264 -19.03 -35.37 -5.19
CA ASP A 264 -20.52 -35.53 -5.15
C ASP A 264 -21.16 -35.21 -6.51
N GLY A 265 -20.40 -35.03 -7.58
CA GLY A 265 -20.96 -34.83 -8.93
C GLY A 265 -21.58 -33.46 -9.09
N GLY A 266 -21.22 -32.51 -8.22
CA GLY A 266 -21.59 -31.08 -8.33
C GLY A 266 -22.94 -30.78 -7.70
N VAL A 267 -23.21 -31.31 -6.52
CA VAL A 267 -24.44 -30.99 -5.74
C VAL A 267 -24.05 -29.86 -4.77
N LEU A 268 -22.99 -30.00 -4.00
CA LEU A 268 -22.47 -28.89 -3.16
C LEU A 268 -21.19 -28.39 -3.79
N PHE A 269 -20.84 -27.14 -3.53
CA PHE A 269 -19.60 -26.53 -4.02
C PHE A 269 -18.93 -25.86 -2.82
N ASP A 270 -17.61 -25.98 -2.70
CA ASP A 270 -16.82 -25.17 -1.74
C ASP A 270 -15.52 -24.72 -2.41
N THR B 4 -7.67 -45.87 -24.58
CA THR B 4 -6.37 -45.90 -25.33
C THR B 4 -6.19 -44.60 -26.14
N SER B 5 -7.25 -44.08 -26.77
CA SER B 5 -7.20 -42.84 -27.60
C SER B 5 -6.49 -41.72 -26.82
N THR B 6 -5.43 -41.15 -27.37
CA THR B 6 -4.64 -40.06 -26.74
C THR B 6 -5.56 -38.87 -26.48
N ARG B 7 -5.42 -38.23 -25.35
CA ARG B 7 -6.28 -37.07 -25.00
C ARG B 7 -5.46 -35.80 -25.23
N VAL B 8 -6.14 -34.69 -25.49
CA VAL B 8 -5.55 -33.41 -25.94
C VAL B 8 -5.89 -32.36 -24.89
N ALA B 9 -4.88 -31.63 -24.44
CA ALA B 9 -5.01 -30.51 -23.49
C ALA B 9 -4.59 -29.22 -24.18
N ILE B 10 -5.27 -28.13 -23.86
CA ILE B 10 -4.76 -26.73 -24.00
C ILE B 10 -4.42 -26.20 -22.60
N VAL B 11 -3.26 -25.55 -22.50
CA VAL B 11 -2.88 -24.76 -21.31
C VAL B 11 -2.61 -23.31 -21.71
N THR B 12 -3.33 -22.36 -21.12
CA THR B 12 -3.14 -20.92 -21.37
C THR B 12 -2.12 -20.42 -20.36
N GLY B 13 -1.40 -19.36 -20.72
CA GLY B 13 -0.37 -18.79 -19.82
C GLY B 13 0.73 -19.79 -19.55
N ALA B 14 1.16 -20.53 -20.59
CA ALA B 14 2.04 -21.71 -20.45
C ALA B 14 3.51 -21.41 -20.81
N ALA B 15 3.87 -20.15 -21.09
CA ALA B 15 5.20 -19.79 -21.63
C ALA B 15 6.26 -20.10 -20.57
N GLN B 16 5.91 -19.94 -19.29
CA GLN B 16 6.87 -20.12 -18.16
C GLN B 16 6.06 -20.43 -16.89
N GLY B 17 6.74 -20.54 -15.74
CA GLY B 17 6.13 -20.63 -14.40
C GLY B 17 5.14 -21.79 -14.27
N LEU B 18 3.99 -21.51 -13.67
CA LEU B 18 2.92 -22.48 -13.37
C LEU B 18 2.45 -23.18 -14.64
N GLY B 19 2.16 -22.39 -15.68
CA GLY B 19 1.55 -22.88 -16.92
C GLY B 19 2.46 -23.89 -17.59
N ALA B 20 3.76 -23.60 -17.61
CA ALA B 20 4.76 -24.50 -18.24
C ALA B 20 4.81 -25.80 -17.44
N SER B 21 4.77 -25.70 -16.11
CA SER B 21 4.85 -26.87 -15.20
C SER B 21 3.61 -27.74 -15.40
N ILE B 22 2.42 -27.15 -15.56
CA ILE B 22 1.16 -27.90 -15.83
C ILE B 22 1.27 -28.60 -17.21
N ALA B 23 1.66 -27.88 -18.28
CA ALA B 23 1.78 -28.43 -19.66
C ALA B 23 2.75 -29.63 -19.65
N LEU B 24 3.91 -29.51 -19.01
CA LEU B 24 4.93 -30.58 -18.99
C LEU B 24 4.42 -31.80 -18.22
N ARG B 25 3.69 -31.59 -17.12
CA ARG B 25 3.12 -32.71 -16.31
C ARG B 25 2.06 -33.41 -17.14
N LEU B 26 1.15 -32.68 -17.81
CA LEU B 26 0.11 -33.35 -18.63
C LEU B 26 0.77 -34.16 -19.76
N ALA B 27 1.86 -33.67 -20.34
CA ALA B 27 2.65 -34.43 -21.36
C ALA B 27 3.26 -35.68 -20.70
N ASP B 28 3.82 -35.58 -19.50
CA ASP B 28 4.29 -36.76 -18.72
C ASP B 28 3.13 -37.72 -18.49
N ASP B 29 1.89 -37.25 -18.33
CA ASP B 29 0.71 -38.14 -18.09
C ASP B 29 0.22 -38.82 -19.38
N GLY B 30 0.77 -38.48 -20.57
CA GLY B 30 0.40 -39.11 -21.85
C GLY B 30 -0.54 -38.23 -22.68
N LEU B 31 -0.78 -36.96 -22.35
CA LEU B 31 -1.68 -36.09 -23.18
C LEU B 31 -0.84 -35.38 -24.22
N ASP B 32 -1.41 -35.16 -25.41
CA ASP B 32 -0.87 -34.20 -26.40
C ASP B 32 -1.26 -32.81 -25.89
N VAL B 33 -0.38 -31.83 -26.05
CA VAL B 33 -0.56 -30.50 -25.39
C VAL B 33 -0.34 -29.36 -26.41
N ALA B 34 -1.31 -28.48 -26.48
CA ALA B 34 -1.27 -27.17 -27.14
C ALA B 34 -1.01 -26.12 -26.07
N VAL B 35 0.08 -25.37 -26.20
CA VAL B 35 0.44 -24.37 -25.16
C VAL B 35 0.20 -22.98 -25.74
N ASN B 36 -0.44 -22.14 -24.96
CA ASN B 36 -0.81 -20.77 -25.35
C ASN B 36 -0.09 -19.80 -24.42
N ASP B 37 0.37 -18.69 -24.95
CA ASP B 37 0.67 -17.45 -24.20
C ASP B 37 0.53 -16.29 -25.19
N ILE B 38 0.86 -15.08 -24.79
CA ILE B 38 0.88 -13.88 -25.66
C ILE B 38 1.92 -14.08 -26.78
N GLY B 39 1.65 -13.49 -27.94
CA GLY B 39 2.53 -13.55 -29.14
C GLY B 39 3.97 -13.21 -28.82
N SER B 40 4.24 -12.27 -27.90
CA SER B 40 5.63 -11.78 -27.61
C SER B 40 6.45 -12.89 -26.91
N LYS B 41 5.82 -13.93 -26.39
CA LYS B 41 6.58 -15.06 -25.76
C LYS B 41 6.56 -16.29 -26.67
N SER B 42 6.40 -16.11 -27.99
CA SER B 42 6.42 -17.17 -29.02
C SER B 42 7.69 -18.03 -28.91
N ASP B 43 8.82 -17.42 -28.52
CA ASP B 43 10.15 -18.10 -28.38
C ASP B 43 10.12 -19.03 -27.17
N GLN B 44 9.57 -18.58 -26.04
CA GLN B 44 9.45 -19.42 -24.81
C GLN B 44 8.43 -20.55 -25.09
N LEU B 45 7.37 -20.29 -25.84
CA LEU B 45 6.34 -21.30 -26.17
C LEU B 45 6.96 -22.40 -27.04
N GLN B 46 7.82 -22.05 -28.01
CA GLN B 46 8.43 -23.08 -28.89
C GLN B 46 9.38 -23.96 -28.06
N GLN B 47 9.94 -23.46 -26.97
CA GLN B 47 10.83 -24.31 -26.14
C GLN B 47 10.00 -25.36 -25.39
N ILE B 48 8.85 -24.95 -24.87
CA ILE B 48 7.93 -25.86 -24.13
C ILE B 48 7.46 -26.94 -25.10
N VAL B 49 7.04 -26.55 -26.31
CA VAL B 49 6.58 -27.48 -27.38
C VAL B 49 7.67 -28.52 -27.60
N ALA B 50 8.95 -28.11 -27.63
CA ALA B 50 10.10 -29.01 -27.87
C ALA B 50 10.21 -29.97 -26.70
N GLN B 51 10.07 -29.46 -25.48
CA GLN B 51 10.17 -30.28 -24.24
C GLN B 51 9.04 -31.30 -24.22
N ILE B 52 7.88 -30.96 -24.74
CA ILE B 52 6.72 -31.88 -24.77
C ILE B 52 6.96 -32.92 -25.85
N GLN B 53 7.42 -32.48 -27.02
CA GLN B 53 7.79 -33.39 -28.13
C GLN B 53 8.81 -34.42 -27.64
N ALA B 54 9.80 -34.00 -26.84
CA ALA B 54 10.91 -34.84 -26.34
C ALA B 54 10.37 -35.96 -25.43
N LYS B 55 9.19 -35.79 -24.84
CA LYS B 55 8.57 -36.83 -23.97
C LYS B 55 7.77 -37.81 -24.84
N GLY B 56 7.72 -37.59 -26.15
CA GLY B 56 7.04 -38.50 -27.12
C GLY B 56 5.60 -38.09 -27.42
N ARG B 57 5.21 -36.86 -27.10
CA ARG B 57 3.83 -36.38 -27.36
C ARG B 57 3.84 -35.48 -28.59
N ARG B 58 2.64 -35.18 -29.06
CA ARG B 58 2.43 -34.16 -30.09
C ARG B 58 2.20 -32.86 -29.30
N ALA B 59 2.67 -31.75 -29.83
CA ALA B 59 2.57 -30.42 -29.19
C ALA B 59 2.49 -29.36 -30.28
N LEU B 60 1.91 -28.23 -29.92
CA LEU B 60 1.57 -27.11 -30.81
C LEU B 60 1.64 -25.83 -29.99
N ALA B 61 2.29 -24.77 -30.49
CA ALA B 61 2.14 -23.42 -29.93
C ALA B 61 0.93 -22.73 -30.58
N VAL B 62 0.01 -22.17 -29.78
CA VAL B 62 -1.15 -21.39 -30.25
C VAL B 62 -1.13 -20.02 -29.56
N PRO B 63 -0.31 -19.08 -30.06
CA PRO B 63 -0.26 -17.71 -29.50
C PRO B 63 -1.64 -17.07 -29.62
N ALA B 64 -2.13 -16.44 -28.55
CA ALA B 64 -3.42 -15.74 -28.60
C ALA B 64 -3.57 -14.89 -27.34
N ASP B 65 -4.25 -13.77 -27.51
CA ASP B 65 -4.73 -12.89 -26.42
C ASP B 65 -6.04 -13.48 -25.89
N VAL B 66 -6.02 -14.11 -24.72
CA VAL B 66 -7.19 -14.84 -24.16
C VAL B 66 -8.29 -13.84 -23.76
N SER B 67 -8.00 -12.55 -23.73
CA SER B 67 -9.05 -11.51 -23.48
C SER B 67 -9.86 -11.22 -24.75
N ARG B 68 -9.50 -11.79 -25.90
CA ARG B 68 -10.19 -11.49 -27.19
C ARG B 68 -11.02 -12.70 -27.62
N ASP B 69 -12.30 -12.48 -27.77
CA ASP B 69 -13.24 -13.54 -28.21
C ASP B 69 -12.75 -14.29 -29.47
N VAL B 70 -12.42 -13.56 -30.53
CA VAL B 70 -11.98 -14.19 -31.80
C VAL B 70 -10.67 -15.00 -31.61
N ASP B 71 -9.72 -14.50 -30.84
CA ASP B 71 -8.44 -15.21 -30.59
C ASP B 71 -8.75 -16.56 -29.94
N VAL B 72 -9.60 -16.59 -28.92
CA VAL B 72 -9.89 -17.83 -28.15
C VAL B 72 -10.64 -18.81 -29.05
N GLN B 73 -11.68 -18.37 -29.74
CA GLN B 73 -12.40 -19.22 -30.71
C GLN B 73 -11.42 -19.85 -31.71
N ALA B 74 -10.53 -19.06 -32.31
CA ALA B 74 -9.62 -19.58 -33.35
C ALA B 74 -8.53 -20.49 -32.71
N MET B 75 -8.14 -20.26 -31.45
CA MET B 75 -7.14 -21.11 -30.73
C MET B 75 -7.73 -22.53 -30.57
N VAL B 76 -8.96 -22.63 -30.09
CA VAL B 76 -9.66 -23.93 -29.91
C VAL B 76 -9.82 -24.61 -31.27
N ALA B 77 -10.25 -23.89 -32.32
CA ALA B 77 -10.49 -24.48 -33.65
C ALA B 77 -9.15 -24.98 -34.22
N LYS B 78 -8.05 -24.29 -33.94
CA LYS B 78 -6.69 -24.66 -34.42
C LYS B 78 -6.23 -25.97 -33.77
N VAL B 79 -6.52 -26.12 -32.50
CA VAL B 79 -6.12 -27.31 -31.72
C VAL B 79 -6.97 -28.48 -32.22
N VAL B 80 -8.24 -28.23 -32.47
CA VAL B 80 -9.15 -29.31 -32.97
C VAL B 80 -8.63 -29.79 -34.33
N GLU B 81 -8.24 -28.84 -35.16
CA GLU B 81 -7.78 -29.08 -36.56
C GLU B 81 -6.46 -29.87 -36.57
N GLU B 82 -5.49 -29.49 -35.73
CA GLU B 82 -4.12 -30.04 -35.73
C GLU B 82 -4.03 -31.29 -34.86
N LEU B 83 -4.61 -31.28 -33.66
CA LEU B 83 -4.53 -32.44 -32.75
C LEU B 83 -5.89 -33.18 -32.75
N TYR B 108 -9.11 -32.72 -31.73
CA TYR B 108 -9.90 -33.00 -30.51
C TYR B 108 -9.51 -32.07 -29.35
N ASP B 109 -10.37 -31.88 -28.35
CA ASP B 109 -10.01 -31.16 -27.09
C ASP B 109 -10.64 -31.95 -25.95
N LEU B 110 -9.84 -32.54 -25.06
CA LEU B 110 -10.33 -33.32 -23.90
C LEU B 110 -10.14 -32.53 -22.61
N GLN B 111 -9.18 -31.63 -22.59
CA GLN B 111 -8.88 -30.90 -21.35
C GLN B 111 -8.44 -29.45 -21.61
N MET B 112 -9.05 -28.52 -20.88
CA MET B 112 -8.74 -27.09 -21.02
C MET B 112 -8.34 -26.53 -19.65
N VAL B 113 -7.10 -26.07 -19.56
CA VAL B 113 -6.57 -25.43 -18.34
C VAL B 113 -6.46 -23.94 -18.65
N ALA B 114 -7.37 -23.14 -18.10
CA ALA B 114 -7.39 -21.66 -18.23
C ALA B 114 -6.51 -21.08 -17.11
N ASN B 115 -5.21 -21.02 -17.35
CA ASN B 115 -4.20 -20.68 -16.32
C ASN B 115 -3.80 -19.21 -16.43
N ALA B 116 -3.99 -18.57 -17.58
CA ALA B 116 -3.49 -17.20 -17.83
C ALA B 116 -4.09 -16.26 -16.80
N GLY B 117 -3.27 -15.44 -16.17
CA GLY B 117 -3.76 -14.41 -15.25
C GLY B 117 -2.71 -13.36 -15.03
N ILE B 118 -3.09 -12.23 -14.43
CA ILE B 118 -2.14 -11.17 -14.01
C ILE B 118 -2.44 -10.75 -12.58
N VAL B 119 -1.40 -10.39 -11.83
CA VAL B 119 -1.57 -9.80 -10.48
C VAL B 119 -1.00 -8.39 -10.57
N LEU B 120 -1.77 -7.41 -10.14
CA LEU B 120 -1.28 -6.03 -9.87
C LEU B 120 -1.79 -5.64 -8.50
N TYR B 121 -0.95 -4.97 -7.72
CA TYR B 121 -1.28 -4.47 -6.37
C TYR B 121 -1.69 -3.00 -6.48
N GLN B 122 -2.88 -2.69 -6.00
CA GLN B 122 -3.44 -1.33 -6.05
C GLN B 122 -4.65 -1.29 -5.11
N SER B 123 -4.61 -0.36 -4.17
CA SER B 123 -5.67 -0.11 -3.19
C SER B 123 -6.95 0.33 -3.91
N LEU B 124 -8.10 0.11 -3.28
CA LEU B 124 -9.39 0.61 -3.80
C LEU B 124 -9.33 2.15 -3.89
N ALA B 125 -8.79 2.82 -2.86
CA ALA B 125 -8.63 4.29 -2.81
C ALA B 125 -7.84 4.77 -4.03
N ASP B 126 -6.83 4.02 -4.44
CA ASP B 126 -5.93 4.41 -5.56
C ASP B 126 -6.39 3.80 -6.90
N THR B 127 -7.56 3.15 -6.96
CA THR B 127 -7.88 2.20 -8.06
C THR B 127 -8.01 3.01 -9.37
N GLN B 128 -7.29 2.60 -10.40
CA GLN B 128 -7.45 3.19 -11.76
C GLN B 128 -8.28 2.24 -12.60
N LEU B 129 -9.26 2.76 -13.34
CA LEU B 129 -10.15 1.95 -14.20
C LEU B 129 -9.32 1.06 -15.13
N GLU B 130 -8.25 1.63 -15.69
CA GLU B 130 -7.30 0.94 -16.62
C GLU B 130 -6.81 -0.36 -15.94
N VAL B 131 -6.43 -0.33 -14.67
CA VAL B 131 -5.90 -1.51 -13.92
C VAL B 131 -7.05 -2.47 -13.61
N TRP B 132 -8.15 -1.97 -13.04
CA TRP B 132 -9.38 -2.74 -12.73
C TRP B 132 -9.78 -3.51 -13.99
N ASP B 133 -9.98 -2.82 -15.11
CA ASP B 133 -10.57 -3.42 -16.35
C ASP B 133 -9.57 -4.43 -16.94
N ARG B 134 -8.28 -4.15 -16.87
CA ARG B 134 -7.22 -5.03 -17.41
C ARG B 134 -7.26 -6.36 -16.64
N ILE B 135 -7.23 -6.30 -15.31
CA ILE B 135 -7.32 -7.52 -14.48
C ILE B 135 -8.57 -8.33 -14.87
N MET B 136 -9.74 -7.69 -15.00
CA MET B 136 -11.01 -8.40 -15.25
C MET B 136 -10.99 -9.00 -16.67
N SER B 137 -10.44 -8.28 -17.64
CA SER B 137 -10.33 -8.72 -19.04
C SER B 137 -9.51 -10.02 -19.14
N VAL B 138 -8.39 -10.12 -18.45
CA VAL B 138 -7.53 -11.33 -18.53
C VAL B 138 -8.08 -12.41 -17.58
N ASN B 139 -8.25 -12.07 -16.30
CA ASN B 139 -8.46 -13.05 -15.20
C ASN B 139 -9.85 -13.65 -15.27
N LEU B 140 -10.85 -12.86 -15.64
CA LEU B 140 -12.23 -13.37 -15.65
C LEU B 140 -12.73 -13.56 -17.08
N ARG B 141 -12.65 -12.53 -17.92
CA ARG B 141 -13.17 -12.64 -19.32
C ARG B 141 -12.41 -13.77 -20.04
N GLY B 142 -11.10 -13.86 -19.85
CA GLY B 142 -10.24 -14.89 -20.47
C GLY B 142 -10.69 -16.28 -20.05
N VAL B 143 -10.95 -16.46 -18.77
CA VAL B 143 -11.47 -17.74 -18.23
C VAL B 143 -12.84 -18.03 -18.83
N MET B 144 -13.72 -17.04 -18.89
CA MET B 144 -15.08 -17.25 -19.44
C MET B 144 -14.98 -17.75 -20.90
N LEU B 145 -14.12 -17.11 -21.69
CA LEU B 145 -14.01 -17.38 -23.15
C LEU B 145 -13.43 -18.79 -23.32
N CYS B 146 -12.44 -19.16 -22.51
CA CYS B 146 -11.85 -20.52 -22.58
C CYS B 146 -12.90 -21.55 -22.15
N TYR B 147 -13.64 -21.27 -21.09
CA TYR B 147 -14.75 -22.14 -20.62
C TYR B 147 -15.77 -22.32 -21.75
N LYS B 148 -16.20 -21.23 -22.37
CA LYS B 148 -17.24 -21.26 -23.41
C LYS B 148 -16.75 -22.12 -24.59
N TYR B 149 -15.62 -21.78 -25.21
CA TYR B 149 -15.16 -22.42 -26.47
C TYR B 149 -14.68 -23.86 -26.22
N ALA B 150 -14.05 -24.15 -25.08
CA ALA B 150 -13.68 -25.53 -24.68
C ALA B 150 -14.96 -26.38 -24.52
N GLY B 151 -15.90 -25.87 -23.72
CA GLY B 151 -17.20 -26.49 -23.42
C GLY B 151 -18.01 -26.78 -24.67
N VAL B 152 -18.13 -25.82 -25.60
CA VAL B 152 -18.95 -26.05 -26.82
C VAL B 152 -18.30 -27.19 -27.61
N GLN B 153 -16.97 -27.22 -27.68
CA GLN B 153 -16.27 -28.25 -28.50
C GLN B 153 -16.40 -29.62 -27.81
N MET B 154 -16.32 -29.67 -26.48
CA MET B 154 -16.47 -30.94 -25.75
C MET B 154 -17.92 -31.44 -25.85
N ILE B 155 -18.92 -30.57 -25.80
CA ILE B 155 -20.35 -30.97 -25.96
C ILE B 155 -20.52 -31.59 -27.37
N LYS B 156 -19.94 -30.97 -28.38
CA LYS B 156 -20.03 -31.45 -29.77
C LYS B 156 -19.40 -32.84 -29.91
N GLN B 157 -18.32 -33.09 -29.19
CA GLN B 157 -17.51 -34.33 -29.36
C GLN B 157 -18.26 -35.49 -28.70
N GLY B 158 -19.03 -35.19 -27.64
CA GLY B 158 -19.87 -36.17 -26.93
C GLY B 158 -19.08 -37.23 -26.17
N ARG B 159 -17.83 -36.97 -25.76
CA ARG B 159 -17.06 -37.95 -24.93
C ARG B 159 -16.59 -37.29 -23.61
N GLY B 160 -17.33 -36.31 -23.11
CA GLY B 160 -16.97 -35.66 -21.85
C GLY B 160 -15.70 -34.82 -22.00
N GLY B 161 -15.14 -34.43 -20.88
CA GLY B 161 -14.02 -33.48 -20.88
C GLY B 161 -13.74 -32.92 -19.50
N ARG B 162 -12.66 -32.17 -19.42
CA ARG B 162 -12.16 -31.54 -18.18
C ARG B 162 -11.85 -30.08 -18.46
N ILE B 163 -12.48 -29.18 -17.70
CA ILE B 163 -12.17 -27.73 -17.72
C ILE B 163 -11.72 -27.33 -16.33
N ILE B 164 -10.57 -26.68 -16.27
CA ILE B 164 -9.86 -26.29 -15.03
C ILE B 164 -9.38 -24.85 -15.18
N ALA B 165 -9.71 -24.00 -14.21
CA ALA B 165 -9.21 -22.61 -14.15
C ALA B 165 -8.30 -22.40 -12.93
N ALA B 166 -7.35 -21.50 -13.12
CA ALA B 166 -6.62 -20.86 -12.01
C ALA B 166 -7.60 -19.93 -11.29
N SER B 167 -8.00 -20.30 -10.09
CA SER B 167 -8.43 -19.30 -9.10
C SER B 167 -7.17 -18.89 -8.31
N SER B 168 -7.27 -18.77 -7.00
CA SER B 168 -6.20 -18.29 -6.10
C SER B 168 -6.68 -18.40 -4.66
N ALA B 169 -5.77 -18.43 -3.71
CA ALA B 169 -6.11 -18.24 -2.29
C ALA B 169 -6.86 -16.90 -2.15
N ALA B 170 -6.57 -15.89 -2.98
CA ALA B 170 -7.23 -14.56 -2.97
C ALA B 170 -8.68 -14.68 -3.45
N GLY B 171 -9.01 -15.80 -4.09
CA GLY B 171 -10.39 -16.11 -4.53
C GLY B 171 -11.20 -16.79 -3.45
N LYS B 172 -10.57 -17.21 -2.35
CA LYS B 172 -11.25 -17.80 -1.17
C LYS B 172 -11.28 -16.77 -0.02
N LYS B 173 -10.26 -15.94 0.06
CA LYS B 173 -10.17 -14.91 1.13
C LYS B 173 -9.59 -13.64 0.51
N GLY B 174 -10.38 -12.58 0.41
CA GLY B 174 -9.94 -11.33 -0.23
C GLY B 174 -8.73 -10.77 0.50
N MET B 175 -7.89 -10.06 -0.23
CA MET B 175 -6.58 -9.63 0.30
C MET B 175 -6.44 -8.13 0.16
N ILE B 176 -5.83 -7.52 1.18
CA ILE B 176 -5.62 -6.06 1.18
C ILE B 176 -4.74 -5.73 -0.04
N ASN B 177 -5.03 -4.62 -0.69
CA ASN B 177 -4.26 -4.08 -1.83
C ASN B 177 -4.47 -4.94 -3.09
N LEU B 178 -5.35 -5.94 -3.04
CA LEU B 178 -5.65 -6.82 -4.19
C LEU B 178 -7.17 -6.86 -4.40
N PRO B 179 -7.88 -5.72 -4.37
CA PRO B 179 -9.33 -5.73 -4.54
C PRO B 179 -9.70 -6.23 -5.95
N ALA B 180 -9.01 -5.78 -7.00
CA ALA B 180 -9.33 -6.21 -8.37
C ALA B 180 -8.98 -7.69 -8.56
N TYR B 181 -7.80 -8.08 -8.10
CA TYR B 181 -7.30 -9.47 -8.21
C TYR B 181 -8.23 -10.40 -7.43
N SER B 182 -8.62 -10.02 -6.21
CA SER B 182 -9.48 -10.85 -5.32
C SER B 182 -10.85 -11.02 -5.98
N ALA B 183 -11.45 -9.94 -6.46
CA ALA B 183 -12.76 -9.94 -7.17
C ALA B 183 -12.66 -10.91 -8.34
N SER B 184 -11.60 -10.80 -9.14
CA SER B 184 -11.49 -11.59 -10.38
C SER B 184 -11.45 -13.08 -10.01
N LYS B 185 -10.76 -13.44 -8.92
CA LYS B 185 -10.52 -14.86 -8.56
C LYS B 185 -11.74 -15.45 -7.81
N PHE B 186 -12.48 -14.64 -7.04
CA PHE B 186 -13.84 -15.01 -6.54
C PHE B 186 -14.71 -15.31 -7.76
N ALA B 187 -14.69 -14.44 -8.77
CA ALA B 187 -15.58 -14.54 -9.93
C ALA B 187 -15.28 -15.82 -10.69
N VAL B 188 -14.00 -16.22 -10.76
CA VAL B 188 -13.58 -17.52 -11.36
C VAL B 188 -14.29 -18.67 -10.64
N ARG B 189 -14.45 -18.62 -9.30
CA ARG B 189 -15.19 -19.66 -8.57
C ARG B 189 -16.66 -19.62 -8.97
N GLY B 190 -17.25 -18.45 -9.16
CA GLY B 190 -18.67 -18.35 -9.52
C GLY B 190 -18.96 -18.98 -10.87
N ILE B 191 -18.19 -18.61 -11.88
CA ILE B 191 -18.40 -19.17 -13.24
C ILE B 191 -18.10 -20.67 -13.23
N THR B 192 -17.11 -21.12 -12.47
CA THR B 192 -16.79 -22.56 -12.29
C THR B 192 -18.03 -23.33 -11.79
N GLN B 193 -18.74 -22.76 -10.81
CA GLN B 193 -19.95 -23.41 -10.26
C GLN B 193 -21.08 -23.41 -11.30
N SER B 194 -21.32 -22.29 -11.93
CA SER B 194 -22.38 -22.18 -12.94
C SER B 194 -22.08 -23.12 -14.13
N ALA B 195 -20.84 -23.12 -14.60
CA ALA B 195 -20.37 -23.98 -15.72
C ALA B 195 -20.50 -25.46 -15.35
N ALA B 196 -20.16 -25.83 -14.12
CA ALA B 196 -20.26 -27.23 -13.65
C ALA B 196 -21.70 -27.72 -13.81
N LEU B 197 -22.67 -26.91 -13.44
CA LEU B 197 -24.09 -27.31 -13.58
C LEU B 197 -24.48 -27.37 -15.05
N GLU B 198 -24.09 -26.39 -15.85
CA GLU B 198 -24.44 -26.38 -17.29
C GLU B 198 -23.84 -27.59 -18.01
N PHE B 199 -22.61 -28.01 -17.67
CA PHE B 199 -21.83 -29.03 -18.44
C PHE B 199 -21.96 -30.44 -17.85
N ALA B 200 -22.50 -30.61 -16.64
CA ALA B 200 -22.68 -31.92 -15.96
C ALA B 200 -23.43 -32.91 -16.85
N PRO B 201 -24.55 -32.54 -17.51
CA PRO B 201 -25.26 -33.47 -18.41
C PRO B 201 -24.42 -33.98 -19.60
N HIS B 202 -23.33 -33.29 -19.95
CA HIS B 202 -22.42 -33.67 -21.05
C HIS B 202 -21.16 -34.33 -20.47
N ASN B 203 -21.16 -34.66 -19.17
CA ASN B 203 -20.04 -35.38 -18.49
C ASN B 203 -18.75 -34.55 -18.63
N ILE B 204 -18.87 -33.23 -18.55
CA ILE B 204 -17.69 -32.32 -18.50
C ILE B 204 -17.57 -31.80 -17.08
N THR B 205 -16.44 -32.02 -16.42
CA THR B 205 -16.20 -31.46 -15.08
C THR B 205 -15.55 -30.10 -15.23
N VAL B 206 -15.88 -29.19 -14.32
CA VAL B 206 -15.31 -27.83 -14.29
C VAL B 206 -14.87 -27.57 -12.86
N ASN B 207 -13.58 -27.31 -12.66
CA ASN B 207 -13.00 -27.14 -11.31
C ASN B 207 -11.99 -26.04 -11.37
N ALA B 208 -11.57 -25.59 -10.22
CA ALA B 208 -10.56 -24.53 -10.13
C ALA B 208 -9.52 -24.93 -9.08
N TYR B 209 -8.28 -24.52 -9.31
CA TYR B 209 -7.17 -24.64 -8.32
C TYR B 209 -6.93 -23.26 -7.68
N CYS B 210 -6.68 -23.27 -6.37
CA CYS B 210 -6.51 -22.06 -5.54
C CYS B 210 -5.13 -22.12 -4.86
N PRO B 211 -4.04 -21.80 -5.58
CA PRO B 211 -2.71 -21.92 -5.02
C PRO B 211 -2.43 -20.84 -3.97
N GLY B 212 -1.60 -21.18 -3.00
CA GLY B 212 -1.07 -20.22 -2.03
C GLY B 212 0.32 -19.83 -2.42
N GLY B 213 1.29 -20.12 -1.56
CA GLY B 213 2.68 -19.64 -1.65
C GLY B 213 3.50 -20.50 -2.60
N ILE B 214 3.41 -20.22 -3.90
CA ILE B 214 4.17 -20.95 -4.96
C ILE B 214 5.34 -20.07 -5.37
N ARG B 215 6.54 -20.68 -5.44
CA ARG B 215 7.79 -20.05 -5.95
C ARG B 215 7.98 -20.35 -7.45
N ASN B 232 7.90 -16.78 6.31
CA ASN B 232 6.57 -16.67 6.96
C ASN B 232 5.74 -17.93 6.66
N LEU B 233 5.07 -17.96 5.51
CA LEU B 233 4.02 -18.94 5.12
C LEU B 233 4.71 -20.12 4.46
N PRO B 234 4.05 -21.31 4.40
CA PRO B 234 4.57 -22.42 3.62
C PRO B 234 4.71 -21.98 2.15
N PHE B 235 5.72 -22.51 1.47
CA PHE B 235 6.03 -22.25 0.03
C PHE B 235 6.32 -23.59 -0.65
N ALA B 236 6.02 -23.66 -1.94
CA ALA B 236 6.27 -24.87 -2.78
C ALA B 236 6.60 -24.44 -4.20
N ASP B 237 7.17 -25.36 -4.95
CA ASP B 237 7.43 -25.22 -6.41
C ASP B 237 6.13 -25.52 -7.16
N PRO B 238 5.99 -25.02 -8.40
CA PRO B 238 4.74 -25.14 -9.15
C PRO B 238 4.29 -26.57 -9.39
N GLU B 239 5.19 -27.51 -9.24
CA GLU B 239 4.93 -28.95 -9.46
C GLU B 239 3.74 -29.41 -8.60
N VAL B 240 3.53 -28.77 -7.46
CA VAL B 240 2.42 -29.18 -6.55
C VAL B 240 1.09 -28.77 -7.18
N VAL B 241 1.05 -27.66 -7.91
CA VAL B 241 -0.16 -27.21 -8.65
C VAL B 241 -0.33 -28.12 -9.86
N ALA B 242 0.74 -28.40 -10.60
CA ALA B 242 0.66 -29.32 -11.76
C ALA B 242 0.11 -30.68 -11.32
N SER B 243 0.51 -31.12 -10.14
CA SER B 243 0.09 -32.42 -9.58
C SER B 243 -1.43 -32.43 -9.36
N LEU B 244 -2.00 -31.35 -8.81
CA LEU B 244 -3.45 -31.24 -8.56
C LEU B 244 -4.22 -31.16 -9.88
N VAL B 245 -3.73 -30.37 -10.84
CA VAL B 245 -4.35 -30.24 -12.20
C VAL B 245 -4.36 -31.60 -12.90
N SER B 246 -3.24 -32.29 -12.85
CA SER B 246 -3.05 -33.63 -13.42
C SER B 246 -4.12 -34.57 -12.89
N TYR B 247 -4.35 -34.57 -11.57
CA TYR B 247 -5.40 -35.42 -10.94
C TYR B 247 -6.78 -35.05 -11.50
N LEU B 248 -7.16 -33.78 -11.44
CA LEU B 248 -8.52 -33.34 -11.86
C LEU B 248 -8.76 -33.61 -13.34
N ALA B 249 -7.68 -33.65 -14.14
CA ALA B 249 -7.70 -33.93 -15.60
C ALA B 249 -7.88 -35.42 -15.89
N LYS B 250 -7.81 -36.31 -14.91
CA LYS B 250 -7.88 -37.76 -15.16
C LYS B 250 -9.30 -38.22 -15.39
N PRO B 251 -9.45 -39.29 -16.20
CA PRO B 251 -10.73 -39.94 -16.42
C PRO B 251 -11.38 -40.34 -15.09
N GLU B 252 -10.56 -40.85 -14.16
CA GLU B 252 -11.08 -41.32 -12.87
C GLU B 252 -11.65 -40.17 -12.00
N ALA B 253 -11.38 -38.90 -12.32
CA ALA B 253 -11.83 -37.73 -11.52
C ALA B 253 -13.18 -37.17 -12.01
N TYR B 254 -14.03 -38.01 -12.58
CA TYR B 254 -15.26 -37.58 -13.27
C TYR B 254 -16.33 -37.12 -12.27
N PHE B 255 -16.23 -37.43 -10.98
CA PHE B 255 -17.30 -37.13 -10.00
C PHE B 255 -16.94 -35.93 -9.10
N ILE B 256 -15.80 -35.29 -9.36
CA ILE B 256 -15.41 -33.99 -8.78
C ILE B 256 -15.69 -32.87 -9.78
N THR B 257 -16.64 -32.01 -9.46
CA THR B 257 -17.03 -30.90 -10.35
C THR B 257 -17.57 -29.74 -9.51
N GLY B 258 -17.31 -28.55 -10.00
CA GLY B 258 -17.72 -27.29 -9.37
C GLY B 258 -16.81 -26.89 -8.23
N GLN B 259 -15.73 -27.62 -7.98
CA GLN B 259 -14.91 -27.42 -6.76
C GLN B 259 -13.74 -26.49 -7.05
N SER B 260 -13.36 -25.76 -6.01
CA SER B 260 -12.16 -24.91 -5.96
C SER B 260 -11.32 -25.45 -4.80
N ILE B 261 -10.16 -26.01 -5.10
CA ILE B 261 -9.33 -26.76 -4.09
C ILE B 261 -8.09 -25.91 -3.76
N LEU B 262 -7.89 -25.63 -2.47
CA LEU B 262 -6.70 -24.94 -1.92
C LEU B 262 -5.47 -25.87 -1.91
N VAL B 263 -4.43 -25.42 -2.58
CA VAL B 263 -3.08 -26.02 -2.55
C VAL B 263 -2.13 -24.93 -2.04
N ASP B 264 -2.01 -24.82 -0.72
CA ASP B 264 -1.31 -23.69 -0.07
C ASP B 264 -0.59 -24.12 1.20
N GLY B 265 -0.36 -25.42 1.43
CA GLY B 265 0.41 -25.87 2.60
C GLY B 265 -0.36 -25.68 3.90
N GLY B 266 -1.65 -25.38 3.84
CA GLY B 266 -2.51 -25.30 5.04
C GLY B 266 -2.55 -23.91 5.64
N VAL B 267 -2.82 -22.87 4.85
CA VAL B 267 -2.99 -21.47 5.34
C VAL B 267 -4.49 -21.17 5.39
N LEU B 268 -5.24 -21.48 4.33
CA LEU B 268 -6.71 -21.37 4.33
C LEU B 268 -7.24 -22.79 4.25
N PHE B 269 -8.44 -22.99 4.74
CA PHE B 269 -9.12 -24.31 4.74
C PHE B 269 -10.53 -24.17 4.16
N ASP B 270 -10.99 -25.25 3.52
CA ASP B 270 -12.35 -25.42 2.95
C ASP B 270 -13.22 -26.27 3.90
N SER C 5 -26.06 13.91 15.63
CA SER C 5 -26.16 14.50 14.26
C SER C 5 -26.78 13.46 13.30
N THR C 6 -27.57 13.93 12.33
CA THR C 6 -28.37 13.07 11.42
C THR C 6 -27.44 12.36 10.43
N ARG C 7 -27.51 11.04 10.40
CA ARG C 7 -26.66 10.25 9.48
C ARG C 7 -27.33 10.21 8.11
N VAL C 8 -26.50 10.06 7.07
CA VAL C 8 -26.91 10.19 5.64
C VAL C 8 -26.58 8.87 4.92
N ALA C 9 -27.56 8.34 4.21
CA ALA C 9 -27.43 7.12 3.39
C ALA C 9 -27.58 7.41 1.89
N ILE C 10 -26.81 6.71 1.06
CA ILE C 10 -27.12 6.54 -0.39
C ILE C 10 -27.60 5.10 -0.61
N VAL C 11 -28.67 4.92 -1.37
CA VAL C 11 -29.11 3.60 -1.86
C VAL C 11 -29.15 3.66 -3.37
N THR C 12 -28.34 2.83 -4.05
CA THR C 12 -28.36 2.62 -5.51
C THR C 12 -29.38 1.52 -5.83
N GLY C 13 -29.95 1.58 -7.03
CA GLY C 13 -31.03 0.69 -7.51
C GLY C 13 -32.26 0.78 -6.60
N ALA C 14 -32.65 2.00 -6.21
CA ALA C 14 -33.64 2.27 -5.15
C ALA C 14 -35.02 2.63 -5.71
N ALA C 15 -35.23 2.56 -7.02
CA ALA C 15 -36.52 2.98 -7.62
C ALA C 15 -37.59 1.96 -7.23
N GLN C 16 -37.22 0.68 -7.15
CA GLN C 16 -38.20 -0.39 -6.94
C GLN C 16 -37.75 -1.45 -5.93
N GLY C 17 -38.63 -2.41 -5.70
CA GLY C 17 -38.48 -3.58 -4.84
C GLY C 17 -37.50 -3.42 -3.69
N LEU C 18 -36.45 -4.22 -3.72
CA LEU C 18 -35.42 -4.29 -2.65
C LEU C 18 -34.89 -2.89 -2.31
N GLY C 19 -34.44 -2.15 -3.31
CA GLY C 19 -33.80 -0.83 -3.09
C GLY C 19 -34.75 0.14 -2.40
N ALA C 20 -36.00 0.21 -2.84
CA ALA C 20 -37.01 1.10 -2.26
C ALA C 20 -37.26 0.70 -0.79
N SER C 21 -37.37 -0.58 -0.50
CA SER C 21 -37.67 -1.09 0.86
C SER C 21 -36.48 -0.73 1.77
N ILE C 22 -35.25 -0.85 1.28
CA ILE C 22 -34.03 -0.50 2.08
C ILE C 22 -34.03 1.00 2.36
N ALA C 23 -34.22 1.82 1.33
CA ALA C 23 -34.23 3.29 1.47
C ALA C 23 -35.29 3.68 2.53
N LEU C 24 -36.51 3.16 2.42
CA LEU C 24 -37.62 3.51 3.33
C LEU C 24 -37.35 3.04 4.77
N ARG C 25 -36.73 1.87 4.96
CA ARG C 25 -36.31 1.40 6.30
C ARG C 25 -35.25 2.33 6.88
N LEU C 26 -34.24 2.75 6.11
CA LEU C 26 -33.18 3.62 6.70
C LEU C 26 -33.82 4.95 7.11
N ALA C 27 -34.79 5.43 6.35
CA ALA C 27 -35.55 6.64 6.69
C ALA C 27 -36.35 6.41 7.99
N ASP C 28 -37.07 5.29 8.13
CA ASP C 28 -37.74 4.91 9.40
C ASP C 28 -36.71 4.86 10.53
N ASP C 29 -35.50 4.34 10.30
CA ASP C 29 -34.44 4.27 11.33
C ASP C 29 -33.92 5.66 11.71
N GLY C 30 -34.23 6.74 10.97
CA GLY C 30 -33.83 8.12 11.32
C GLY C 30 -32.79 8.73 10.39
N LEU C 31 -32.46 8.10 9.28
CA LEU C 31 -31.38 8.61 8.41
C LEU C 31 -32.00 9.53 7.37
N ASP C 32 -31.27 10.54 6.90
CA ASP C 32 -31.61 11.22 5.63
C ASP C 32 -31.11 10.34 4.48
N VAL C 33 -31.87 10.24 3.39
CA VAL C 33 -31.62 9.21 2.35
C VAL C 33 -31.60 9.84 0.96
N ALA C 34 -30.53 9.58 0.19
CA ALA C 34 -30.45 9.89 -1.24
C ALA C 34 -30.69 8.59 -2.00
N VAL C 35 -31.57 8.63 -2.99
CA VAL C 35 -31.94 7.41 -3.77
C VAL C 35 -31.44 7.57 -5.20
N ASN C 36 -30.77 6.55 -5.67
CA ASN C 36 -30.22 6.46 -7.04
C ASN C 36 -30.92 5.32 -7.80
N ASP C 37 -31.13 5.53 -9.10
CA ASP C 37 -31.39 4.48 -10.11
C ASP C 37 -31.13 5.12 -11.47
N ILE C 38 -31.35 4.38 -12.57
CA ILE C 38 -31.18 4.88 -13.96
C ILE C 38 -32.15 6.04 -14.20
N GLY C 39 -31.81 6.93 -15.13
CA GLY C 39 -32.62 8.13 -15.42
C GLY C 39 -34.04 7.78 -15.84
N SER C 40 -34.17 6.70 -16.60
CA SER C 40 -35.41 6.02 -17.02
C SER C 40 -36.41 5.79 -15.86
N LYS C 41 -35.97 5.72 -14.60
CA LYS C 41 -36.87 5.42 -13.46
C LYS C 41 -36.99 6.65 -12.56
N SER C 42 -36.70 7.81 -13.10
CA SER C 42 -36.70 9.08 -12.33
C SER C 42 -38.04 9.29 -11.63
N ASP C 43 -39.16 8.83 -12.21
CA ASP C 43 -40.53 9.07 -11.67
C ASP C 43 -40.74 8.22 -10.41
N GLN C 44 -40.29 6.97 -10.43
CA GLN C 44 -40.33 6.08 -9.25
C GLN C 44 -39.40 6.65 -8.17
N LEU C 45 -38.21 7.14 -8.52
CA LEU C 45 -37.28 7.76 -7.53
C LEU C 45 -37.96 8.96 -6.84
N GLN C 46 -38.70 9.78 -7.59
CA GLN C 46 -39.37 10.97 -7.02
C GLN C 46 -40.43 10.50 -6.03
N GLN C 47 -41.13 9.39 -6.32
CA GLN C 47 -42.10 8.82 -5.36
C GLN C 47 -41.36 8.39 -4.10
N ILE C 48 -40.19 7.79 -4.23
CA ILE C 48 -39.45 7.28 -3.03
C ILE C 48 -39.05 8.49 -2.21
N VAL C 49 -38.56 9.54 -2.88
CA VAL C 49 -38.16 10.82 -2.22
C VAL C 49 -39.37 11.36 -1.41
N ALA C 50 -40.55 11.46 -2.03
CA ALA C 50 -41.77 12.00 -1.39
C ALA C 50 -42.12 11.15 -0.16
N GLN C 51 -42.09 9.83 -0.32
CA GLN C 51 -42.39 8.84 0.77
C GLN C 51 -41.43 9.08 1.95
N ILE C 52 -40.15 9.37 1.70
CA ILE C 52 -39.11 9.56 2.76
C ILE C 52 -39.39 10.92 3.43
N GLN C 53 -39.75 11.94 2.63
CA GLN C 53 -40.02 13.28 3.21
C GLN C 53 -41.26 13.18 4.09
N ALA C 54 -42.20 12.31 3.76
CA ALA C 54 -43.48 12.18 4.50
C ALA C 54 -43.20 11.60 5.89
N LYS C 55 -42.08 10.88 6.04
CA LYS C 55 -41.60 10.34 7.33
C LYS C 55 -40.90 11.43 8.14
N GLY C 56 -40.68 12.62 7.57
CA GLY C 56 -40.03 13.76 8.25
C GLY C 56 -38.51 13.75 8.03
N ARG C 57 -38.01 12.97 7.09
CA ARG C 57 -36.57 12.91 6.78
C ARG C 57 -36.29 13.79 5.56
N ARG C 58 -35.05 14.19 5.37
CA ARG C 58 -34.65 14.87 4.11
C ARG C 58 -34.29 13.78 3.13
N ALA C 59 -34.59 14.00 1.85
CA ALA C 59 -34.31 13.03 0.77
C ALA C 59 -33.98 13.75 -0.53
N LEU C 60 -33.28 13.03 -1.38
CA LEU C 60 -33.11 13.50 -2.75
C LEU C 60 -32.84 12.34 -3.69
N ALA C 61 -33.26 12.57 -4.90
CA ALA C 61 -33.07 11.66 -6.06
C ALA C 61 -31.76 12.03 -6.76
N VAL C 62 -30.91 11.03 -7.01
CA VAL C 62 -29.62 11.15 -7.75
C VAL C 62 -29.61 10.11 -8.85
N PRO C 63 -30.34 10.35 -9.97
CA PRO C 63 -30.32 9.45 -11.12
C PRO C 63 -28.89 9.49 -11.68
N ALA C 64 -28.32 8.32 -11.97
CA ALA C 64 -26.92 8.14 -12.43
C ALA C 64 -26.73 6.71 -12.97
N ASP C 65 -25.77 6.55 -13.85
CA ASP C 65 -25.28 5.23 -14.32
C ASP C 65 -24.14 4.77 -13.39
N VAL C 66 -24.39 3.85 -12.46
CA VAL C 66 -23.39 3.46 -11.43
C VAL C 66 -22.18 2.77 -12.10
N SER C 67 -22.28 2.36 -13.37
CA SER C 67 -21.14 1.75 -14.07
C SER C 67 -20.18 2.83 -14.61
N ARG C 68 -20.51 4.11 -14.48
CA ARG C 68 -19.67 5.23 -15.03
C ARG C 68 -19.01 5.93 -13.85
N ASP C 69 -17.70 5.99 -13.87
CA ASP C 69 -16.84 6.64 -12.87
C ASP C 69 -17.31 8.07 -12.59
N VAL C 70 -17.38 8.90 -13.63
CA VAL C 70 -17.82 10.31 -13.48
C VAL C 70 -19.18 10.36 -12.79
N ASP C 71 -20.13 9.52 -13.16
CA ASP C 71 -21.50 9.54 -12.59
C ASP C 71 -21.49 9.26 -11.08
N VAL C 72 -20.73 8.24 -10.66
CA VAL C 72 -20.71 7.85 -9.22
C VAL C 72 -20.02 8.98 -8.42
N GLN C 73 -18.92 9.50 -8.93
CA GLN C 73 -18.18 10.59 -8.28
C GLN C 73 -19.13 11.80 -8.10
N ALA C 74 -19.83 12.21 -9.14
CA ALA C 74 -20.72 13.37 -9.07
C ALA C 74 -21.91 13.07 -8.16
N MET C 75 -22.40 11.81 -8.14
CA MET C 75 -23.53 11.42 -7.27
C MET C 75 -23.13 11.63 -5.79
N VAL C 76 -21.97 11.12 -5.40
CA VAL C 76 -21.48 11.28 -4.00
C VAL C 76 -21.28 12.77 -3.72
N ALA C 77 -20.64 13.54 -4.62
CA ALA C 77 -20.44 14.99 -4.39
C ALA C 77 -21.79 15.70 -4.18
N LYS C 78 -22.79 15.33 -4.97
CA LYS C 78 -24.13 15.93 -4.91
C LYS C 78 -24.73 15.70 -3.51
N VAL C 79 -24.68 14.47 -3.03
CA VAL C 79 -25.21 14.05 -1.70
C VAL C 79 -24.48 14.82 -0.60
N VAL C 80 -23.15 14.95 -0.67
CA VAL C 80 -22.38 15.72 0.34
C VAL C 80 -22.84 17.18 0.32
N GLU C 81 -22.96 17.77 -0.88
CA GLU C 81 -23.41 19.17 -1.11
C GLU C 81 -24.78 19.37 -0.46
N GLU C 82 -25.74 18.48 -0.71
CA GLU C 82 -27.15 18.71 -0.31
C GLU C 82 -27.41 18.21 1.12
N LEU C 83 -26.88 17.06 1.50
CA LEU C 83 -27.30 16.44 2.79
C LEU C 83 -26.18 16.61 3.82
N GLY C 84 -25.05 17.22 3.43
CA GLY C 84 -23.93 17.59 4.32
C GLY C 84 -23.96 19.06 4.71
N TYR C 108 -22.87 15.21 4.10
CA TYR C 108 -22.15 14.03 4.63
C TYR C 108 -22.54 12.76 3.86
N ASP C 109 -21.77 11.71 4.06
CA ASP C 109 -22.12 10.33 3.65
C ASP C 109 -21.72 9.42 4.81
N LEU C 110 -22.69 8.78 5.47
CA LEU C 110 -22.42 7.82 6.58
C LEU C 110 -22.71 6.36 6.15
N GLN C 111 -23.64 6.10 5.23
CA GLN C 111 -24.01 4.71 4.83
C GLN C 111 -24.11 4.63 3.32
N MET C 112 -23.37 3.73 2.69
CA MET C 112 -23.51 3.49 1.24
C MET C 112 -24.08 2.09 1.05
N VAL C 113 -25.25 2.02 0.42
CA VAL C 113 -25.86 0.71 0.04
C VAL C 113 -25.83 0.57 -1.49
N ALA C 114 -24.85 -0.20 -1.96
CA ALA C 114 -24.62 -0.51 -3.39
C ALA C 114 -25.54 -1.67 -3.80
N ASN C 115 -26.80 -1.34 -4.04
CA ASN C 115 -27.87 -2.35 -4.31
C ASN C 115 -28.13 -2.52 -5.80
N ALA C 116 -27.69 -1.61 -6.65
CA ALA C 116 -28.03 -1.67 -8.08
C ALA C 116 -27.49 -3.00 -8.62
N GLY C 117 -28.24 -3.63 -9.51
CA GLY C 117 -27.77 -4.84 -10.20
C GLY C 117 -28.77 -5.24 -11.24
N ILE C 118 -28.38 -6.06 -12.21
CA ILE C 118 -29.33 -6.60 -13.21
C ILE C 118 -29.16 -8.11 -13.26
N VAL C 119 -30.27 -8.80 -13.45
CA VAL C 119 -30.32 -10.27 -13.63
C VAL C 119 -30.66 -10.51 -15.09
N LEU C 120 -29.76 -11.14 -15.82
CA LEU C 120 -30.06 -11.67 -17.18
C LEU C 120 -29.60 -13.12 -17.20
N TYR C 121 -30.45 -13.97 -17.76
CA TYR C 121 -30.18 -15.40 -17.98
C TYR C 121 -29.54 -15.55 -19.36
N GLN C 122 -28.39 -16.20 -19.39
CA GLN C 122 -27.78 -16.61 -20.67
C GLN C 122 -26.77 -17.69 -20.35
N SER C 123 -26.91 -18.87 -20.97
CA SER C 123 -25.97 -20.00 -20.77
C SER C 123 -24.56 -19.58 -21.25
N LEU C 124 -23.55 -20.27 -20.75
CA LEU C 124 -22.15 -20.13 -21.21
C LEU C 124 -22.06 -20.44 -22.73
N ALA C 125 -22.73 -21.50 -23.19
CA ALA C 125 -22.80 -21.89 -24.62
C ALA C 125 -23.29 -20.70 -25.46
N ASP C 126 -24.24 -19.93 -24.94
CA ASP C 126 -24.91 -18.84 -25.69
C ASP C 126 -24.27 -17.49 -25.35
N THR C 127 -23.25 -17.42 -24.47
CA THR C 127 -22.77 -16.15 -23.89
C THR C 127 -22.31 -15.21 -25.01
N GLN C 128 -22.80 -13.99 -24.99
CA GLN C 128 -22.29 -12.91 -25.86
C GLN C 128 -21.68 -11.84 -24.97
N LEU C 129 -20.55 -11.31 -25.42
CA LEU C 129 -19.77 -10.31 -24.66
C LEU C 129 -20.64 -9.09 -24.31
N GLU C 130 -21.64 -8.73 -25.10
CA GLU C 130 -22.47 -7.55 -24.78
C GLU C 130 -23.31 -7.81 -23.52
N VAL C 131 -23.74 -9.04 -23.32
CA VAL C 131 -24.56 -9.36 -22.13
C VAL C 131 -23.65 -9.56 -20.94
N TRP C 132 -22.56 -10.30 -21.15
CA TRP C 132 -21.52 -10.53 -20.14
C TRP C 132 -21.06 -9.16 -19.58
N ASP C 133 -20.72 -8.24 -20.47
CA ASP C 133 -20.14 -6.92 -20.11
C ASP C 133 -21.21 -6.07 -19.43
N ARG C 134 -22.46 -6.17 -19.88
CA ARG C 134 -23.52 -5.37 -19.23
C ARG C 134 -23.64 -5.80 -17.76
N ILE C 135 -23.68 -7.11 -17.53
CA ILE C 135 -23.84 -7.65 -16.17
C ILE C 135 -22.64 -7.20 -15.36
N MET C 136 -21.42 -7.38 -15.87
CA MET C 136 -20.21 -7.08 -15.06
C MET C 136 -20.14 -5.57 -14.78
N SER C 137 -20.63 -4.71 -15.67
CA SER C 137 -20.47 -3.25 -15.56
C SER C 137 -21.36 -2.73 -14.43
N VAL C 138 -22.59 -3.21 -14.30
CA VAL C 138 -23.48 -2.71 -13.23
C VAL C 138 -23.21 -3.45 -11.91
N ASN C 139 -23.14 -4.78 -12.00
CA ASN C 139 -23.16 -5.62 -10.76
C ASN C 139 -21.82 -5.56 -10.04
N LEU C 140 -20.71 -5.42 -10.77
CA LEU C 140 -19.37 -5.49 -10.13
C LEU C 140 -18.69 -4.13 -10.24
N ARG C 141 -18.56 -3.57 -11.45
CA ARG C 141 -17.85 -2.26 -11.60
C ARG C 141 -18.62 -1.18 -10.81
N GLY C 142 -19.95 -1.19 -10.84
CA GLY C 142 -20.81 -0.27 -10.08
C GLY C 142 -20.57 -0.38 -8.59
N VAL C 143 -20.35 -1.60 -8.07
CA VAL C 143 -20.09 -1.84 -6.62
C VAL C 143 -18.70 -1.28 -6.31
N MET C 144 -17.72 -1.61 -7.14
CA MET C 144 -16.35 -1.10 -6.93
C MET C 144 -16.39 0.44 -6.87
N LEU C 145 -17.06 1.09 -7.81
CA LEU C 145 -17.04 2.58 -7.88
C LEU C 145 -17.76 3.16 -6.66
N CYS C 146 -18.89 2.58 -6.26
CA CYS C 146 -19.65 3.03 -5.06
C CYS C 146 -18.81 2.82 -3.79
N TYR C 147 -18.12 1.68 -3.66
CA TYR C 147 -17.14 1.39 -2.58
C TYR C 147 -16.04 2.44 -2.55
N LYS C 148 -15.41 2.69 -3.69
CA LYS C 148 -14.27 3.62 -3.79
C LYS C 148 -14.71 5.03 -3.38
N TYR C 149 -15.76 5.56 -3.97
CA TYR C 149 -16.14 6.97 -3.74
C TYR C 149 -16.78 7.16 -2.36
N ALA C 150 -17.56 6.20 -1.86
CA ALA C 150 -18.10 6.24 -0.48
C ALA C 150 -16.93 6.23 0.51
N GLY C 151 -15.99 5.29 0.33
CA GLY C 151 -14.82 5.14 1.21
C GLY C 151 -13.98 6.41 1.26
N VAL C 152 -13.68 6.98 0.11
CA VAL C 152 -12.86 8.22 0.00
C VAL C 152 -13.59 9.33 0.77
N GLN C 153 -14.90 9.48 0.60
CA GLN C 153 -15.65 10.54 1.32
C GLN C 153 -15.61 10.28 2.85
N MET C 154 -15.81 9.02 3.25
CA MET C 154 -15.84 8.67 4.69
C MET C 154 -14.44 8.83 5.32
N ILE C 155 -13.39 8.50 4.59
CA ILE C 155 -12.02 8.74 5.08
C ILE C 155 -11.82 10.24 5.32
N LYS C 156 -12.26 11.06 4.38
CA LYS C 156 -12.17 12.55 4.46
C LYS C 156 -12.91 13.07 5.70
N GLN C 157 -14.09 12.54 5.99
CA GLN C 157 -14.90 12.99 7.14
C GLN C 157 -14.23 12.61 8.47
N GLY C 158 -13.60 11.44 8.57
CA GLY C 158 -12.96 10.92 9.78
C GLY C 158 -13.97 10.50 10.85
N ARG C 159 -15.20 10.12 10.49
CA ARG C 159 -16.21 9.67 11.48
C ARG C 159 -16.58 8.20 11.23
N GLY C 160 -15.79 7.42 10.51
CA GLY C 160 -16.15 6.03 10.20
C GLY C 160 -17.34 5.97 9.23
N GLY C 161 -17.98 4.80 9.10
CA GLY C 161 -19.11 4.67 8.18
C GLY C 161 -19.44 3.23 7.90
N ARG C 162 -20.41 3.06 7.02
CA ARG C 162 -21.01 1.74 6.70
C ARG C 162 -21.09 1.67 5.20
N ILE C 163 -20.49 0.64 4.63
CA ILE C 163 -20.58 0.35 3.18
C ILE C 163 -21.12 -1.08 3.06
N ILE C 164 -22.18 -1.26 2.29
CA ILE C 164 -22.92 -2.54 2.21
C ILE C 164 -23.30 -2.76 0.75
N ALA C 165 -23.02 -3.92 0.18
CA ALA C 165 -23.38 -4.22 -1.21
C ALA C 165 -24.34 -5.42 -1.26
N ALA C 166 -25.18 -5.42 -2.29
CA ALA C 166 -25.96 -6.58 -2.71
C ALA C 166 -25.00 -7.59 -3.36
N SER C 167 -24.79 -8.72 -2.71
CA SER C 167 -24.41 -9.97 -3.39
C SER C 167 -25.73 -10.67 -3.73
N SER C 168 -25.80 -11.97 -3.57
CA SER C 168 -26.96 -12.81 -3.95
C SER C 168 -26.75 -14.20 -3.40
N ALA C 169 -27.80 -15.00 -3.28
CA ALA C 169 -27.64 -16.45 -3.09
C ALA C 169 -26.71 -16.99 -4.21
N ALA C 170 -26.73 -16.40 -5.41
CA ALA C 170 -25.90 -16.84 -6.56
C ALA C 170 -24.43 -16.39 -6.38
N GLY C 171 -24.15 -15.54 -5.40
CA GLY C 171 -22.78 -15.17 -5.02
C GLY C 171 -22.19 -16.15 -4.01
N LYS C 172 -23.01 -17.08 -3.52
CA LYS C 172 -22.59 -18.13 -2.55
C LYS C 172 -22.61 -19.52 -3.20
N LYS C 173 -23.55 -19.76 -4.11
CA LYS C 173 -23.61 -21.00 -4.94
C LYS C 173 -24.00 -20.62 -6.37
N GLY C 174 -23.12 -20.82 -7.33
CA GLY C 174 -23.39 -20.44 -8.71
C GLY C 174 -24.61 -21.17 -9.26
N MET C 175 -25.34 -20.54 -10.17
CA MET C 175 -26.62 -21.07 -10.66
C MET C 175 -26.60 -21.27 -12.19
N ILE C 176 -27.36 -22.27 -12.61
CA ILE C 176 -27.46 -22.62 -14.04
C ILE C 176 -28.09 -21.45 -14.82
N ASN C 177 -27.52 -21.21 -16.00
CA ASN C 177 -27.87 -20.12 -16.95
C ASN C 177 -27.66 -18.72 -16.33
N LEU C 178 -26.90 -18.63 -15.23
CA LEU C 178 -26.47 -17.35 -14.64
C LEU C 178 -24.95 -17.34 -14.45
N PRO C 179 -24.14 -17.76 -15.44
CA PRO C 179 -22.69 -17.69 -15.28
C PRO C 179 -22.20 -16.25 -15.07
N ALA C 180 -22.69 -15.26 -15.82
CA ALA C 180 -22.21 -13.87 -15.63
C ALA C 180 -22.71 -13.35 -14.28
N TYR C 181 -23.98 -13.56 -13.96
CA TYR C 181 -24.58 -13.03 -12.71
C TYR C 181 -23.88 -13.65 -11.49
N SER C 182 -23.68 -14.97 -11.49
CA SER C 182 -22.97 -15.71 -10.41
C SER C 182 -21.56 -15.15 -10.25
N ALA C 183 -20.82 -15.06 -11.36
CA ALA C 183 -19.45 -14.52 -11.38
C ALA C 183 -19.47 -13.14 -10.73
N SER C 184 -20.43 -12.28 -11.09
CA SER C 184 -20.45 -10.86 -10.63
C SER C 184 -20.72 -10.88 -9.13
N LYS C 185 -21.59 -11.75 -8.63
CA LYS C 185 -22.03 -11.71 -7.22
C LYS C 185 -20.97 -12.40 -6.31
N PHE C 186 -20.23 -13.37 -6.83
CA PHE C 186 -19.02 -13.91 -6.17
C PHE C 186 -18.00 -12.77 -6.04
N ALA C 187 -17.80 -12.00 -7.11
CA ALA C 187 -16.78 -10.94 -7.18
C ALA C 187 -17.11 -9.82 -6.16
N VAL C 188 -18.41 -9.54 -5.95
CA VAL C 188 -18.88 -8.59 -4.88
C VAL C 188 -18.36 -9.05 -3.51
N ARG C 189 -18.37 -10.35 -3.21
CA ARG C 189 -17.87 -10.84 -1.89
C ARG C 189 -16.36 -10.65 -1.83
N GLY C 190 -15.65 -10.93 -2.92
CA GLY C 190 -14.19 -10.71 -2.97
C GLY C 190 -13.81 -9.26 -2.70
N ILE C 191 -14.46 -8.30 -3.37
CA ILE C 191 -14.09 -6.88 -3.14
C ILE C 191 -14.56 -6.44 -1.74
N THR C 192 -15.67 -6.99 -1.27
CA THR C 192 -16.15 -6.73 0.11
C THR C 192 -15.07 -7.15 1.13
N GLN C 193 -14.38 -8.28 0.95
CA GLN C 193 -13.37 -8.75 1.93
C GLN C 193 -12.15 -7.85 1.82
N SER C 194 -11.71 -7.53 0.60
CA SER C 194 -10.50 -6.70 0.39
C SER C 194 -10.75 -5.31 0.99
N ALA C 195 -11.88 -4.71 0.67
CA ALA C 195 -12.30 -3.37 1.12
C ALA C 195 -12.42 -3.33 2.65
N ALA C 196 -12.97 -4.37 3.27
CA ALA C 196 -13.09 -4.47 4.74
C ALA C 196 -11.71 -4.26 5.38
N LEU C 197 -10.73 -4.95 4.85
CA LEU C 197 -9.34 -4.92 5.39
C LEU C 197 -8.76 -3.53 5.14
N GLU C 198 -8.98 -2.99 3.95
CA GLU C 198 -8.41 -1.68 3.58
C GLU C 198 -9.02 -0.58 4.47
N PHE C 199 -10.32 -0.59 4.68
CA PHE C 199 -11.04 0.52 5.36
C PHE C 199 -11.12 0.33 6.89
N ALA C 200 -10.68 -0.82 7.42
CA ALA C 200 -10.75 -1.13 8.88
C ALA C 200 -10.04 -0.03 9.68
N PRO C 201 -8.86 0.47 9.30
CA PRO C 201 -8.18 1.52 10.08
C PRO C 201 -8.97 2.84 10.17
N HIS C 202 -9.95 3.03 9.29
CA HIS C 202 -10.86 4.21 9.25
C HIS C 202 -12.22 3.92 9.89
N ASN C 203 -12.38 2.77 10.52
CA ASN C 203 -13.64 2.42 11.23
C ASN C 203 -14.80 2.46 10.24
N ILE C 204 -14.55 2.00 9.04
CA ILE C 204 -15.61 1.77 8.03
C ILE C 204 -15.78 0.26 7.86
N THR C 205 -16.97 -0.24 8.15
CA THR C 205 -17.28 -1.67 7.93
C THR C 205 -17.80 -1.82 6.51
N VAL C 206 -17.48 -2.96 5.90
CA VAL C 206 -17.91 -3.31 4.53
C VAL C 206 -18.51 -4.71 4.58
N ASN C 207 -19.77 -4.85 4.21
CA ASN C 207 -20.49 -6.14 4.29
C ASN C 207 -21.34 -6.32 3.05
N ALA C 208 -21.88 -7.52 2.89
CA ALA C 208 -22.79 -7.82 1.77
C ALA C 208 -23.99 -8.60 2.29
N TYR C 209 -25.13 -8.45 1.63
CA TYR C 209 -26.34 -9.30 1.85
C TYR C 209 -26.48 -10.20 0.63
N CYS C 210 -26.89 -11.45 0.88
CA CYS C 210 -27.08 -12.49 -0.17
C CYS C 210 -28.52 -12.97 -0.08
N PRO C 211 -29.50 -12.28 -0.71
CA PRO C 211 -30.87 -12.73 -0.62
C PRO C 211 -31.16 -13.90 -1.57
N GLY C 212 -32.11 -14.74 -1.19
CA GLY C 212 -32.83 -15.66 -2.10
C GLY C 212 -34.32 -15.65 -1.76
N GLY C 213 -35.17 -16.06 -2.70
CA GLY C 213 -36.62 -16.19 -2.48
C GLY C 213 -37.33 -14.89 -2.11
N ILE C 214 -36.90 -13.74 -2.63
CA ILE C 214 -37.54 -12.43 -2.32
C ILE C 214 -38.60 -12.17 -3.40
N ARG C 215 -39.84 -11.95 -2.98
CA ARG C 215 -40.93 -11.80 -3.95
C ARG C 215 -41.07 -10.35 -4.38
N THR C 216 -40.95 -10.10 -5.68
CA THR C 216 -41.11 -8.78 -6.33
C THR C 216 -42.61 -8.51 -6.54
N ASN C 232 -40.99 -25.34 -4.88
CA ASN C 232 -41.68 -24.49 -3.89
C ASN C 232 -40.69 -24.08 -2.79
N LEU C 233 -39.99 -22.97 -3.00
CA LEU C 233 -38.91 -22.48 -2.10
C LEU C 233 -39.50 -21.51 -1.08
N PRO C 234 -38.93 -21.38 0.13
CA PRO C 234 -39.38 -20.33 1.05
C PRO C 234 -39.28 -18.99 0.32
N PHE C 235 -40.22 -18.13 0.60
CA PHE C 235 -40.17 -16.78 -0.01
C PHE C 235 -40.50 -15.75 1.07
N ALA C 236 -40.12 -14.52 0.80
CA ALA C 236 -40.36 -13.40 1.72
C ALA C 236 -40.44 -12.06 0.96
N ASP C 237 -41.01 -11.08 1.62
CA ASP C 237 -41.09 -9.71 1.07
C ASP C 237 -39.73 -9.03 1.30
N PRO C 238 -39.38 -8.04 0.46
CA PRO C 238 -38.10 -7.33 0.54
C PRO C 238 -37.76 -6.72 1.90
N GLU C 239 -38.74 -6.55 2.75
CA GLU C 239 -38.50 -5.96 4.09
C GLU C 239 -37.49 -6.78 4.91
N VAL C 240 -37.35 -8.06 4.63
CA VAL C 240 -36.44 -8.94 5.42
C VAL C 240 -35.00 -8.59 5.09
N VAL C 241 -34.78 -8.14 3.84
CA VAL C 241 -33.44 -7.69 3.38
C VAL C 241 -33.23 -6.29 3.96
N ALA C 242 -34.26 -5.44 3.98
CA ALA C 242 -34.20 -4.06 4.53
C ALA C 242 -33.79 -4.14 6.01
N SER C 243 -34.38 -5.09 6.74
CA SER C 243 -34.10 -5.39 8.17
C SER C 243 -32.61 -5.73 8.38
N LEU C 244 -32.06 -6.61 7.56
CA LEU C 244 -30.63 -7.01 7.70
C LEU C 244 -29.73 -5.80 7.39
N VAL C 245 -30.04 -5.06 6.32
CA VAL C 245 -29.22 -3.89 5.91
C VAL C 245 -29.29 -2.85 7.04
N SER C 246 -30.48 -2.66 7.60
CA SER C 246 -30.72 -1.69 8.70
C SER C 246 -29.80 -2.03 9.88
N TYR C 247 -29.73 -3.30 10.27
CA TYR C 247 -28.90 -3.75 11.40
C TYR C 247 -27.43 -3.48 11.06
N LEU C 248 -26.95 -3.93 9.90
CA LEU C 248 -25.52 -3.74 9.49
C LEU C 248 -25.19 -2.25 9.50
N ALA C 249 -26.14 -1.36 9.14
CA ALA C 249 -25.94 0.10 9.09
C ALA C 249 -25.84 0.73 10.48
N LYS C 250 -26.16 0.02 11.57
CA LYS C 250 -26.21 0.66 12.92
C LYS C 250 -24.79 0.85 13.47
N PRO C 251 -24.58 1.88 14.31
CA PRO C 251 -23.38 2.02 15.12
C PRO C 251 -22.96 0.76 15.89
N GLU C 252 -23.93 0.04 16.46
CA GLU C 252 -23.63 -1.12 17.32
C GLU C 252 -23.07 -2.32 16.52
N ALA C 253 -23.18 -2.34 15.19
CA ALA C 253 -22.70 -3.45 14.31
C ALA C 253 -21.24 -3.24 13.87
N TYR C 254 -20.48 -2.41 14.60
CA TYR C 254 -19.11 -1.95 14.21
C TYR C 254 -18.14 -3.13 14.17
N PHE C 255 -18.43 -4.27 14.79
CA PHE C 255 -17.49 -5.42 14.82
C PHE C 255 -17.82 -6.51 13.81
N ILE C 256 -18.84 -6.30 12.98
CA ILE C 256 -19.12 -7.15 11.79
C ILE C 256 -18.57 -6.44 10.55
N THR C 257 -17.55 -7.02 9.92
CA THR C 257 -16.98 -6.46 8.66
C THR C 257 -16.46 -7.60 7.79
N GLY C 258 -16.54 -7.42 6.48
CA GLY C 258 -16.07 -8.39 5.48
C GLY C 258 -17.06 -9.52 5.29
N GLN C 259 -18.23 -9.48 5.95
CA GLN C 259 -19.16 -10.65 5.96
C GLN C 259 -20.18 -10.51 4.84
N SER C 260 -20.55 -11.66 4.28
CA SER C 260 -21.64 -11.83 3.30
C SER C 260 -22.68 -12.77 3.93
N ILE C 261 -23.90 -12.27 4.20
CA ILE C 261 -24.89 -12.98 5.05
C ILE C 261 -26.10 -13.41 4.22
N LEU C 262 -26.45 -14.68 4.30
CA LEU C 262 -27.62 -15.23 3.59
C LEU C 262 -28.91 -14.90 4.34
N VAL C 263 -29.85 -14.30 3.60
CA VAL C 263 -31.27 -14.07 3.98
C VAL C 263 -32.12 -14.82 2.95
N ASP C 264 -32.41 -16.09 3.16
CA ASP C 264 -33.07 -16.89 2.09
C ASP C 264 -33.99 -17.96 2.66
N GLY C 265 -34.40 -17.85 3.91
CA GLY C 265 -35.30 -18.83 4.55
C GLY C 265 -34.66 -20.20 4.69
N GLY C 266 -33.32 -20.28 4.67
CA GLY C 266 -32.55 -21.51 4.95
C GLY C 266 -32.48 -22.45 3.75
N VAL C 267 -32.19 -21.92 2.56
CA VAL C 267 -31.95 -22.77 1.35
C VAL C 267 -30.46 -23.08 1.30
N LEU C 268 -29.60 -22.06 1.46
CA LEU C 268 -28.12 -22.17 1.51
C LEU C 268 -27.71 -21.79 2.93
N PHE C 269 -26.57 -22.29 3.37
CA PHE C 269 -26.05 -21.99 4.72
C PHE C 269 -24.55 -21.74 4.65
N ASP C 270 -24.03 -20.90 5.54
CA ASP C 270 -22.55 -20.77 5.66
C ASP C 270 -22.09 -20.95 7.10
N SER D 5 -47.71 -9.30 23.17
CA SER D 5 -47.44 -10.34 24.20
C SER D 5 -45.93 -10.43 24.50
N THR D 6 -45.53 -10.44 25.78
CA THR D 6 -44.11 -10.40 26.20
C THR D 6 -43.43 -11.71 25.79
N ARG D 7 -42.22 -11.66 25.25
CA ARG D 7 -41.56 -12.91 24.83
C ARG D 7 -40.60 -13.35 25.93
N VAL D 8 -40.35 -14.66 26.02
CA VAL D 8 -39.54 -15.27 27.10
C VAL D 8 -38.26 -15.85 26.45
N ALA D 9 -37.11 -15.53 27.04
CA ALA D 9 -35.79 -16.05 26.67
C ALA D 9 -35.19 -16.92 27.78
N ILE D 10 -34.44 -17.93 27.39
CA ILE D 10 -33.45 -18.61 28.27
C ILE D 10 -32.07 -18.32 27.69
N VAL D 11 -31.16 -17.88 28.52
CA VAL D 11 -29.72 -17.81 28.20
C VAL D 11 -28.97 -18.82 29.09
N THR D 12 -28.32 -19.81 28.49
CA THR D 12 -27.42 -20.77 29.18
C THR D 12 -26.04 -20.12 29.19
N GLY D 13 -25.15 -20.56 30.08
CA GLY D 13 -23.81 -19.96 30.26
C GLY D 13 -23.93 -18.47 30.59
N ALA D 14 -24.84 -18.08 31.47
CA ALA D 14 -25.18 -16.66 31.72
C ALA D 14 -24.21 -16.06 32.74
N ALA D 15 -23.53 -16.88 33.55
CA ALA D 15 -22.72 -16.39 34.68
C ALA D 15 -21.31 -16.10 34.18
N GLN D 16 -21.16 -15.07 33.36
CA GLN D 16 -19.90 -14.72 32.66
C GLN D 16 -20.15 -13.40 31.90
N GLY D 17 -19.10 -12.65 31.61
CA GLY D 17 -19.22 -11.37 30.88
C GLY D 17 -20.07 -11.50 29.62
N LEU D 18 -19.82 -12.50 28.76
CA LEU D 18 -20.54 -12.64 27.46
C LEU D 18 -22.04 -12.99 27.69
N GLY D 19 -22.32 -14.09 28.39
CA GLY D 19 -23.69 -14.55 28.67
C GLY D 19 -24.51 -13.51 29.41
N ALA D 20 -23.91 -12.81 30.37
CA ALA D 20 -24.60 -11.76 31.15
C ALA D 20 -24.97 -10.60 30.22
N SER D 21 -24.06 -10.25 29.33
CA SER D 21 -24.25 -9.17 28.33
C SER D 21 -25.47 -9.50 27.45
N ILE D 22 -25.56 -10.73 27.00
CA ILE D 22 -26.68 -11.24 26.15
C ILE D 22 -27.97 -11.14 26.95
N ALA D 23 -27.98 -11.62 28.19
CA ALA D 23 -29.20 -11.69 29.03
C ALA D 23 -29.70 -10.25 29.28
N LEU D 24 -28.80 -9.33 29.62
CA LEU D 24 -29.13 -7.92 29.95
C LEU D 24 -29.64 -7.20 28.70
N ARG D 25 -29.07 -7.47 27.52
CA ARG D 25 -29.56 -6.87 26.25
C ARG D 25 -30.98 -7.39 25.90
N LEU D 26 -31.24 -8.69 26.01
CA LEU D 26 -32.60 -9.22 25.69
C LEU D 26 -33.62 -8.57 26.64
N ALA D 27 -33.29 -8.39 27.92
CA ALA D 27 -34.13 -7.65 28.91
C ALA D 27 -34.36 -6.21 28.45
N ASP D 28 -33.30 -5.47 28.06
CA ASP D 28 -33.36 -4.12 27.45
C ASP D 28 -34.31 -4.09 26.25
N ASP D 29 -34.32 -5.15 25.42
CA ASP D 29 -35.16 -5.27 24.21
C ASP D 29 -36.61 -5.58 24.61
N GLY D 30 -36.88 -5.84 25.89
CA GLY D 30 -38.24 -6.06 26.39
C GLY D 30 -38.60 -7.53 26.60
N LEU D 31 -37.65 -8.49 26.59
CA LEU D 31 -37.98 -9.90 26.90
C LEU D 31 -37.89 -10.17 28.42
N ASP D 32 -38.70 -11.11 28.91
CA ASP D 32 -38.48 -11.75 30.23
C ASP D 32 -37.38 -12.78 30.06
N VAL D 33 -36.49 -12.92 31.05
CA VAL D 33 -35.24 -13.71 30.88
C VAL D 33 -35.03 -14.67 32.05
N ALA D 34 -34.88 -15.95 31.73
CA ALA D 34 -34.35 -17.01 32.60
C ALA D 34 -32.87 -17.20 32.30
N VAL D 35 -32.04 -17.11 33.33
CA VAL D 35 -30.56 -17.20 33.21
C VAL D 35 -30.14 -18.52 33.84
N ASN D 36 -29.33 -19.27 33.11
CA ASN D 36 -28.88 -20.62 33.51
C ASN D 36 -27.36 -20.57 33.60
N ASP D 37 -26.82 -21.23 34.62
CA ASP D 37 -25.42 -21.70 34.67
C ASP D 37 -25.39 -22.81 35.73
N ILE D 38 -24.21 -23.34 36.00
CA ILE D 38 -24.03 -24.44 37.00
C ILE D 38 -24.38 -23.87 38.38
N GLY D 39 -24.77 -24.73 39.33
CA GLY D 39 -25.27 -24.34 40.66
C GLY D 39 -24.25 -23.56 41.46
N SER D 40 -22.95 -23.77 41.21
CA SER D 40 -21.88 -23.09 41.98
C SER D 40 -21.80 -21.60 41.56
N LYS D 41 -22.54 -21.15 40.55
CA LYS D 41 -22.52 -19.72 40.13
C LYS D 41 -23.89 -19.10 40.40
N SER D 42 -24.68 -19.72 41.28
CA SER D 42 -26.00 -19.25 41.79
C SER D 42 -25.97 -17.77 42.22
N ASP D 43 -24.89 -17.35 42.89
CA ASP D 43 -24.74 -15.95 43.34
C ASP D 43 -24.65 -15.02 42.13
N GLN D 44 -23.88 -15.40 41.14
CA GLN D 44 -23.80 -14.56 39.92
C GLN D 44 -25.18 -14.51 39.25
N LEU D 45 -25.86 -15.64 39.12
CA LEU D 45 -27.19 -15.66 38.47
C LEU D 45 -28.13 -14.65 39.14
N GLN D 46 -28.12 -14.65 40.47
CA GLN D 46 -28.98 -13.78 41.30
C GLN D 46 -28.63 -12.32 41.02
N GLN D 47 -27.37 -11.98 40.91
CA GLN D 47 -26.98 -10.61 40.55
C GLN D 47 -27.60 -10.25 39.20
N ILE D 48 -27.58 -11.18 38.24
CA ILE D 48 -28.11 -10.93 36.86
C ILE D 48 -29.64 -10.78 36.96
N VAL D 49 -30.29 -11.68 37.68
CA VAL D 49 -31.78 -11.64 37.87
C VAL D 49 -32.17 -10.27 38.40
N ALA D 50 -31.43 -9.71 39.37
CA ALA D 50 -31.79 -8.44 40.05
C ALA D 50 -31.68 -7.30 39.02
N GLN D 51 -30.59 -7.25 38.27
CA GLN D 51 -30.36 -6.25 37.19
C GLN D 51 -31.45 -6.36 36.13
N ILE D 52 -31.93 -7.56 35.80
CA ILE D 52 -33.00 -7.69 34.79
C ILE D 52 -34.33 -7.15 35.35
N GLN D 53 -34.62 -7.50 36.60
CA GLN D 53 -35.80 -7.00 37.35
C GLN D 53 -35.74 -5.48 37.45
N ALA D 54 -34.57 -4.91 37.71
CA ALA D 54 -34.39 -3.43 37.79
C ALA D 54 -34.85 -2.77 36.49
N LYS D 55 -34.73 -3.45 35.34
CA LYS D 55 -35.15 -2.92 34.01
C LYS D 55 -36.66 -3.06 33.80
N GLY D 56 -37.38 -3.71 34.71
CA GLY D 56 -38.83 -3.86 34.58
C GLY D 56 -39.25 -5.17 33.96
N ARG D 57 -38.33 -6.13 33.83
CA ARG D 57 -38.60 -7.49 33.29
C ARG D 57 -38.75 -8.51 34.43
N ARG D 58 -39.52 -9.58 34.20
CA ARG D 58 -39.47 -10.80 35.03
C ARG D 58 -38.19 -11.57 34.70
N ALA D 59 -37.58 -12.19 35.71
CA ALA D 59 -36.30 -12.93 35.61
C ALA D 59 -36.34 -14.12 36.56
N LEU D 60 -35.64 -15.19 36.18
CA LEU D 60 -35.59 -16.48 36.91
C LEU D 60 -34.16 -17.01 36.80
N ALA D 61 -33.55 -17.41 37.91
CA ALA D 61 -32.27 -18.16 37.86
C ALA D 61 -32.63 -19.64 37.73
N VAL D 62 -32.19 -20.32 36.67
CA VAL D 62 -32.45 -21.78 36.58
C VAL D 62 -31.11 -22.51 36.54
N PRO D 63 -30.51 -22.80 37.70
CA PRO D 63 -29.26 -23.54 37.73
C PRO D 63 -29.46 -24.96 37.16
N ALA D 64 -28.55 -25.42 36.31
CA ALA D 64 -28.58 -26.73 35.64
C ALA D 64 -27.27 -26.99 34.91
N ASP D 65 -26.91 -28.26 34.83
CA ASP D 65 -25.79 -28.79 34.01
C ASP D 65 -26.36 -29.14 32.63
N VAL D 66 -26.06 -28.32 31.62
CA VAL D 66 -26.65 -28.48 30.25
C VAL D 66 -26.17 -29.76 29.57
N SER D 67 -25.14 -30.43 30.08
CA SER D 67 -24.69 -31.75 29.58
C SER D 67 -25.61 -32.87 30.07
N ARG D 68 -26.54 -32.61 30.98
CA ARG D 68 -27.50 -33.63 31.52
C ARG D 68 -28.88 -33.42 30.89
N ASP D 69 -29.38 -34.43 30.19
CA ASP D 69 -30.71 -34.47 29.56
C ASP D 69 -31.80 -34.12 30.58
N VAL D 70 -31.73 -34.66 31.80
CA VAL D 70 -32.85 -34.48 32.77
C VAL D 70 -32.83 -33.02 33.23
N ASP D 71 -31.64 -32.45 33.38
CA ASP D 71 -31.45 -31.06 33.87
C ASP D 71 -32.01 -30.09 32.82
N VAL D 72 -31.78 -30.32 31.53
CA VAL D 72 -32.23 -29.36 30.48
C VAL D 72 -33.74 -29.49 30.31
N GLN D 73 -34.25 -30.71 30.28
CA GLN D 73 -35.71 -30.96 30.29
C GLN D 73 -36.37 -30.25 31.48
N ALA D 74 -35.89 -30.42 32.72
CA ALA D 74 -36.44 -29.75 33.92
C ALA D 74 -36.30 -28.21 33.81
N MET D 75 -35.20 -27.70 33.26
CA MET D 75 -34.96 -26.24 33.09
C MET D 75 -36.05 -25.66 32.17
N VAL D 76 -36.36 -26.30 31.04
CA VAL D 76 -37.33 -25.76 30.06
C VAL D 76 -38.74 -25.83 30.67
N ALA D 77 -39.08 -26.95 31.32
CA ALA D 77 -40.37 -27.13 32.04
C ALA D 77 -40.56 -26.03 33.10
N LYS D 78 -39.52 -25.73 33.85
CA LYS D 78 -39.66 -24.70 34.91
C LYS D 78 -39.89 -23.31 34.31
N VAL D 79 -39.15 -23.00 33.26
CA VAL D 79 -39.30 -21.65 32.64
C VAL D 79 -40.73 -21.55 32.11
N VAL D 80 -41.24 -22.61 31.52
CA VAL D 80 -42.61 -22.58 30.96
C VAL D 80 -43.62 -22.43 32.10
N GLU D 81 -43.42 -23.13 33.21
CA GLU D 81 -44.33 -23.09 34.38
C GLU D 81 -44.29 -21.68 34.98
N GLU D 82 -43.11 -21.11 35.17
CA GLU D 82 -42.93 -19.81 35.89
C GLU D 82 -43.18 -18.62 34.94
N LEU D 83 -42.62 -18.59 33.73
CA LEU D 83 -42.71 -17.39 32.86
C LEU D 83 -43.77 -17.56 31.75
N GLY D 84 -44.45 -18.71 31.67
CA GLY D 84 -45.62 -18.90 30.79
C GLY D 84 -46.86 -18.13 31.22
N TYR D 108 -43.99 -19.93 28.99
CA TYR D 108 -43.68 -20.08 27.55
C TYR D 108 -42.17 -19.98 27.32
N ASP D 109 -41.75 -20.37 26.13
CA ASP D 109 -40.34 -20.23 25.69
C ASP D 109 -40.38 -19.74 24.25
N LEU D 110 -39.88 -18.53 24.01
CA LEU D 110 -39.88 -17.91 22.64
C LEU D 110 -38.46 -17.85 22.10
N GLN D 111 -37.47 -17.74 22.96
CA GLN D 111 -36.07 -17.64 22.51
C GLN D 111 -35.12 -18.44 23.40
N MET D 112 -34.30 -19.23 22.76
CA MET D 112 -33.26 -20.05 23.46
C MET D 112 -31.89 -19.63 22.96
N VAL D 113 -31.03 -19.13 23.86
CA VAL D 113 -29.61 -18.81 23.57
C VAL D 113 -28.76 -19.85 24.30
N ALA D 114 -28.18 -20.79 23.55
CA ALA D 114 -27.27 -21.84 24.06
C ALA D 114 -25.85 -21.29 24.04
N ASN D 115 -25.49 -20.53 25.08
CA ASN D 115 -24.16 -19.86 25.20
C ASN D 115 -23.20 -20.63 26.13
N ALA D 116 -23.67 -21.61 26.89
CA ALA D 116 -22.79 -22.48 27.70
C ALA D 116 -21.71 -23.08 26.79
N GLY D 117 -20.49 -23.12 27.29
CA GLY D 117 -19.44 -23.89 26.60
C GLY D 117 -18.16 -23.68 27.34
N ILE D 118 -17.17 -24.52 27.10
CA ILE D 118 -15.87 -24.42 27.80
C ILE D 118 -14.74 -24.50 26.79
N VAL D 119 -13.65 -23.84 27.10
CA VAL D 119 -12.45 -23.78 26.22
C VAL D 119 -11.32 -24.38 27.04
N LEU D 120 -10.68 -25.42 26.54
CA LEU D 120 -9.44 -25.98 27.12
C LEU D 120 -8.48 -26.16 25.96
N TYR D 121 -7.21 -25.80 26.16
CA TYR D 121 -6.14 -25.94 25.16
C TYR D 121 -5.39 -27.24 25.41
N GLN D 122 -5.27 -28.08 24.40
CA GLN D 122 -4.65 -29.40 24.52
C GLN D 122 -4.44 -29.94 23.12
N SER D 123 -3.20 -30.18 22.75
CA SER D 123 -2.81 -30.75 21.43
C SER D 123 -3.49 -32.11 21.21
N LEU D 124 -3.60 -32.55 19.96
CA LEU D 124 -4.05 -33.93 19.65
C LEU D 124 -3.05 -34.97 20.24
N ALA D 125 -1.75 -34.70 20.12
CA ALA D 125 -0.72 -35.64 20.65
C ALA D 125 -0.92 -35.85 22.17
N ASP D 126 -1.37 -34.83 22.91
CA ASP D 126 -1.51 -34.86 24.39
C ASP D 126 -2.96 -35.13 24.83
N THR D 127 -3.86 -35.42 23.90
CA THR D 127 -5.32 -35.40 24.19
C THR D 127 -5.60 -36.44 25.29
N GLN D 128 -6.23 -35.99 26.37
CA GLN D 128 -6.83 -36.87 27.41
C GLN D 128 -8.31 -37.04 27.05
N LEU D 129 -8.77 -38.28 27.02
CA LEU D 129 -10.17 -38.61 26.74
C LEU D 129 -11.06 -37.80 27.69
N GLU D 130 -10.62 -37.57 28.93
CA GLU D 130 -11.40 -36.80 29.94
C GLU D 130 -11.62 -35.37 29.42
N VAL D 131 -10.61 -34.76 28.80
CA VAL D 131 -10.73 -33.37 28.27
C VAL D 131 -11.62 -33.38 27.03
N TRP D 132 -11.36 -34.29 26.10
CA TRP D 132 -12.13 -34.47 24.84
C TRP D 132 -13.62 -34.62 25.14
N ASP D 133 -14.00 -35.52 26.05
CA ASP D 133 -15.41 -35.90 26.33
C ASP D 133 -16.10 -34.77 27.08
N ARG D 134 -15.37 -34.08 27.95
CA ARG D 134 -15.95 -32.95 28.74
C ARG D 134 -16.31 -31.80 27.79
N ILE D 135 -15.41 -31.44 26.88
CA ILE D 135 -15.69 -30.39 25.86
C ILE D 135 -16.89 -30.79 24.99
N MET D 136 -16.93 -32.04 24.51
CA MET D 136 -18.05 -32.50 23.66
C MET D 136 -19.36 -32.50 24.48
N SER D 137 -19.31 -32.90 25.75
CA SER D 137 -20.54 -32.95 26.57
C SER D 137 -21.17 -31.57 26.79
N VAL D 138 -20.41 -30.53 27.10
CA VAL D 138 -20.95 -29.17 27.33
C VAL D 138 -21.20 -28.51 25.97
N ASN D 139 -20.18 -28.48 25.09
CA ASN D 139 -20.24 -27.57 23.93
C ASN D 139 -21.18 -28.15 22.86
N LEU D 140 -21.23 -29.47 22.69
CA LEU D 140 -22.07 -30.05 21.61
C LEU D 140 -23.31 -30.72 22.21
N ARG D 141 -23.18 -31.64 23.17
CA ARG D 141 -24.40 -32.33 23.71
C ARG D 141 -25.31 -31.28 24.36
N GLY D 142 -24.76 -30.31 25.10
CA GLY D 142 -25.55 -29.25 25.75
C GLY D 142 -26.33 -28.41 24.74
N VAL D 143 -25.75 -28.11 23.59
CA VAL D 143 -26.46 -27.38 22.51
C VAL D 143 -27.56 -28.29 21.92
N MET D 144 -27.28 -29.57 21.71
CA MET D 144 -28.26 -30.51 21.17
C MET D 144 -29.47 -30.58 22.12
N LEU D 145 -29.22 -30.67 23.41
CA LEU D 145 -30.28 -30.85 24.43
C LEU D 145 -31.09 -29.55 24.47
N CYS D 146 -30.44 -28.40 24.49
CA CYS D 146 -31.13 -27.08 24.45
C CYS D 146 -31.96 -26.95 23.17
N TYR D 147 -31.38 -27.24 22.00
CA TYR D 147 -32.11 -27.28 20.71
C TYR D 147 -33.35 -28.17 20.82
N LYS D 148 -33.17 -29.41 21.24
CA LYS D 148 -34.29 -30.39 21.28
C LYS D 148 -35.41 -29.87 22.18
N TYR D 149 -35.12 -29.55 23.43
CA TYR D 149 -36.20 -29.26 24.42
C TYR D 149 -36.84 -27.89 24.14
N ALA D 150 -36.07 -26.92 23.63
CA ALA D 150 -36.60 -25.60 23.23
C ALA D 150 -37.50 -25.82 21.99
N GLY D 151 -37.01 -26.53 20.98
CA GLY D 151 -37.77 -26.84 19.75
C GLY D 151 -39.06 -27.60 20.03
N VAL D 152 -39.04 -28.59 20.93
CA VAL D 152 -40.27 -29.38 21.23
C VAL D 152 -41.28 -28.43 21.91
N GLN D 153 -40.83 -27.55 22.80
CA GLN D 153 -41.75 -26.61 23.48
C GLN D 153 -42.28 -25.60 22.44
N MET D 154 -41.42 -25.11 21.55
CA MET D 154 -41.85 -24.09 20.57
C MET D 154 -42.88 -24.68 19.60
N ILE D 155 -42.70 -25.94 19.18
CA ILE D 155 -43.68 -26.62 18.27
C ILE D 155 -45.05 -26.70 18.97
N LYS D 156 -45.08 -27.17 20.22
CA LYS D 156 -46.31 -27.31 21.05
C LYS D 156 -47.04 -25.96 21.16
N GLN D 157 -46.30 -24.87 21.35
CA GLN D 157 -46.88 -23.53 21.49
C GLN D 157 -47.53 -23.07 20.19
N GLY D 158 -46.88 -23.28 19.04
CA GLY D 158 -47.44 -22.93 17.72
C GLY D 158 -47.34 -21.44 17.39
N ARG D 159 -46.37 -20.71 17.96
CA ARG D 159 -46.18 -19.24 17.76
C ARG D 159 -44.76 -19.01 17.20
N GLY D 160 -44.16 -20.05 16.62
CA GLY D 160 -42.74 -20.05 16.18
C GLY D 160 -41.75 -19.74 17.32
N GLY D 161 -40.55 -19.29 16.95
CA GLY D 161 -39.47 -19.18 17.94
C GLY D 161 -38.12 -18.88 17.34
N ARG D 162 -37.15 -18.69 18.22
CA ARG D 162 -35.76 -18.35 17.88
C ARG D 162 -34.84 -19.24 18.72
N ILE D 163 -33.98 -20.01 18.06
CA ILE D 163 -32.93 -20.84 18.72
C ILE D 163 -31.58 -20.35 18.20
N ILE D 164 -30.69 -19.95 19.08
CA ILE D 164 -29.37 -19.33 18.76
C ILE D 164 -28.32 -20.00 19.63
N ALA D 165 -27.26 -20.52 19.02
CA ALA D 165 -26.19 -21.15 19.81
C ALA D 165 -24.90 -20.40 19.60
N ALA D 166 -24.00 -20.54 20.55
CA ALA D 166 -22.62 -20.02 20.44
C ALA D 166 -21.80 -21.08 19.69
N SER D 167 -21.48 -20.80 18.43
CA SER D 167 -20.33 -21.44 17.76
C SER D 167 -19.11 -20.62 18.18
N SER D 168 -18.16 -20.38 17.28
CA SER D 168 -16.88 -19.66 17.55
C SER D 168 -16.20 -19.43 16.20
N ALA D 169 -15.20 -18.57 16.18
CA ALA D 169 -14.30 -18.47 15.01
C ALA D 169 -13.64 -19.84 14.80
N ALA D 170 -13.38 -20.57 15.88
CA ALA D 170 -12.82 -21.94 15.82
C ALA D 170 -13.77 -22.94 15.17
N GLY D 171 -15.09 -22.66 15.10
CA GLY D 171 -16.08 -23.45 14.35
C GLY D 171 -16.09 -23.15 12.85
N LYS D 172 -15.36 -22.12 12.41
CA LYS D 172 -15.25 -21.77 10.97
C LYS D 172 -13.86 -22.10 10.45
N LYS D 173 -12.85 -21.96 11.30
CA LYS D 173 -11.45 -22.30 10.96
C LYS D 173 -10.79 -22.95 12.16
N GLY D 174 -10.48 -24.23 12.06
CA GLY D 174 -9.90 -25.01 13.17
C GLY D 174 -8.62 -24.38 13.65
N MET D 175 -8.33 -24.49 14.94
CA MET D 175 -7.21 -23.77 15.58
C MET D 175 -6.22 -24.77 16.19
N ILE D 176 -4.94 -24.41 16.10
CA ILE D 176 -3.85 -25.23 16.67
C ILE D 176 -4.05 -25.29 18.19
N ASN D 177 -3.83 -26.49 18.74
CA ASN D 177 -3.96 -26.79 20.19
C ASN D 177 -5.42 -26.62 20.67
N LEU D 178 -6.39 -26.54 19.76
CA LEU D 178 -7.83 -26.60 20.11
C LEU D 178 -8.56 -27.64 19.24
N PRO D 179 -8.08 -28.90 19.11
CA PRO D 179 -8.78 -29.88 18.29
C PRO D 179 -10.17 -30.19 18.88
N ALA D 180 -10.28 -30.40 20.19
CA ALA D 180 -11.59 -30.72 20.81
C ALA D 180 -12.52 -29.51 20.64
N TYR D 181 -12.06 -28.33 20.99
CA TYR D 181 -12.85 -27.07 20.97
C TYR D 181 -13.34 -26.80 19.54
N SER D 182 -12.43 -26.88 18.56
CA SER D 182 -12.72 -26.66 17.12
C SER D 182 -13.74 -27.72 16.62
N ALA D 183 -13.53 -28.99 16.94
CA ALA D 183 -14.48 -30.06 16.53
C ALA D 183 -15.88 -29.74 17.09
N SER D 184 -15.96 -29.29 18.36
CA SER D 184 -17.25 -29.02 19.02
C SER D 184 -17.96 -27.85 18.33
N LYS D 185 -17.21 -26.81 17.92
CA LYS D 185 -17.82 -25.58 17.42
C LYS D 185 -18.17 -25.75 15.93
N PHE D 186 -17.41 -26.55 15.18
CA PHE D 186 -17.82 -27.09 13.86
C PHE D 186 -19.15 -27.84 14.02
N ALA D 187 -19.24 -28.73 15.01
CA ALA D 187 -20.43 -29.60 15.17
C ALA D 187 -21.67 -28.74 15.46
N VAL D 188 -21.53 -27.65 16.21
CA VAL D 188 -22.65 -26.73 16.53
C VAL D 188 -23.22 -26.14 15.22
N ARG D 189 -22.38 -25.83 14.23
CA ARG D 189 -22.87 -25.32 12.91
C ARG D 189 -23.65 -26.42 12.19
N GLY D 190 -23.18 -27.66 12.22
CA GLY D 190 -23.85 -28.81 11.58
C GLY D 190 -25.23 -29.06 12.19
N ILE D 191 -25.35 -29.09 13.52
CA ILE D 191 -26.68 -29.33 14.15
C ILE D 191 -27.58 -28.12 13.90
N THR D 192 -27.03 -26.90 13.87
CA THR D 192 -27.78 -25.66 13.57
C THR D 192 -28.41 -25.79 12.18
N GLN D 193 -27.65 -26.30 11.20
CA GLN D 193 -28.13 -26.41 9.81
C GLN D 193 -29.21 -27.48 9.75
N SER D 194 -28.96 -28.66 10.34
CA SER D 194 -29.97 -29.73 10.41
C SER D 194 -31.25 -29.26 11.12
N ALA D 195 -31.12 -28.62 12.28
CA ALA D 195 -32.24 -28.11 13.11
C ALA D 195 -33.01 -27.03 12.34
N ALA D 196 -32.33 -26.11 11.63
CA ALA D 196 -33.01 -25.08 10.81
C ALA D 196 -33.98 -25.76 9.84
N LEU D 197 -33.57 -26.85 9.19
CA LEU D 197 -34.46 -27.54 8.21
C LEU D 197 -35.61 -28.25 8.94
N GLU D 198 -35.32 -28.93 10.04
CA GLU D 198 -36.37 -29.64 10.82
C GLU D 198 -37.42 -28.64 11.32
N PHE D 199 -37.00 -27.51 11.86
CA PHE D 199 -37.91 -26.54 12.55
C PHE D 199 -38.50 -25.48 11.59
N ALA D 200 -38.08 -25.39 10.33
CA ALA D 200 -38.57 -24.34 9.38
C ALA D 200 -40.10 -24.40 9.25
N PRO D 201 -40.73 -25.57 9.08
CA PRO D 201 -42.19 -25.66 9.01
C PRO D 201 -42.93 -25.09 10.21
N HIS D 202 -42.26 -24.92 11.35
CA HIS D 202 -42.88 -24.47 12.62
C HIS D 202 -42.48 -23.01 12.89
N ASN D 203 -41.88 -22.31 11.91
CA ASN D 203 -41.53 -20.87 12.00
C ASN D 203 -40.56 -20.65 13.17
N ILE D 204 -39.68 -21.61 13.39
CA ILE D 204 -38.57 -21.49 14.36
C ILE D 204 -37.28 -21.34 13.56
N THR D 205 -36.51 -20.29 13.79
CA THR D 205 -35.21 -20.07 13.11
C THR D 205 -34.16 -20.63 14.05
N VAL D 206 -33.11 -21.18 13.49
CA VAL D 206 -31.97 -21.71 14.27
C VAL D 206 -30.70 -21.13 13.65
N ASN D 207 -29.91 -20.38 14.43
CA ASN D 207 -28.72 -19.64 13.95
C ASN D 207 -27.63 -19.74 14.99
N ALA D 208 -26.42 -19.38 14.60
CA ALA D 208 -25.25 -19.48 15.50
C ALA D 208 -24.41 -18.23 15.33
N TYR D 209 -23.80 -17.78 16.41
CA TYR D 209 -22.90 -16.61 16.42
C TYR D 209 -21.49 -17.15 16.61
N CYS D 210 -20.55 -16.59 15.85
CA CYS D 210 -19.14 -17.04 15.75
C CYS D 210 -18.23 -15.89 16.16
N PRO D 211 -18.05 -15.63 17.47
CA PRO D 211 -17.25 -14.49 17.89
C PRO D 211 -15.75 -14.73 17.74
N GLY D 212 -15.03 -13.63 17.52
CA GLY D 212 -13.56 -13.60 17.47
C GLY D 212 -13.05 -13.08 18.78
N GLY D 213 -12.25 -12.02 18.76
CA GLY D 213 -11.56 -11.49 19.95
C GLY D 213 -12.51 -10.66 20.81
N ILE D 214 -13.16 -11.30 21.76
CA ILE D 214 -14.08 -10.62 22.72
C ILE D 214 -13.32 -10.45 24.03
N ARG D 215 -13.42 -9.25 24.60
CA ARG D 215 -12.84 -8.81 25.89
C ARG D 215 -11.33 -8.90 25.86
N ASN D 232 -2.16 -8.15 17.70
CA ASN D 232 -2.69 -6.98 16.93
C ASN D 232 -3.98 -7.34 16.16
N LEU D 233 -4.70 -8.38 16.57
CA LEU D 233 -6.07 -8.72 16.04
C LEU D 233 -7.10 -7.76 16.64
N PRO D 234 -8.20 -7.48 15.92
CA PRO D 234 -9.26 -6.65 16.50
C PRO D 234 -9.85 -7.31 17.75
N PHE D 235 -10.26 -6.50 18.70
CA PHE D 235 -10.95 -7.01 19.90
C PHE D 235 -12.12 -6.08 20.19
N ALA D 236 -13.08 -6.58 20.94
CA ALA D 236 -14.27 -5.79 21.30
C ALA D 236 -14.89 -6.30 22.59
N ASP D 237 -15.78 -5.48 23.15
CA ASP D 237 -16.58 -5.77 24.35
C ASP D 237 -17.68 -6.77 23.98
N PRO D 238 -18.14 -7.61 24.93
CA PRO D 238 -19.21 -8.59 24.69
C PRO D 238 -20.50 -8.04 24.07
N GLU D 239 -20.75 -6.76 24.25
CA GLU D 239 -21.93 -6.04 23.70
C GLU D 239 -22.13 -6.29 22.20
N VAL D 240 -21.04 -6.46 21.47
CA VAL D 240 -21.14 -6.67 19.99
C VAL D 240 -21.76 -8.04 19.72
N VAL D 241 -21.49 -9.04 20.54
CA VAL D 241 -22.13 -10.37 20.40
C VAL D 241 -23.58 -10.26 20.89
N ALA D 242 -23.82 -9.54 21.98
CA ALA D 242 -25.21 -9.37 22.49
C ALA D 242 -26.05 -8.66 21.42
N SER D 243 -25.46 -7.72 20.67
CA SER D 243 -26.17 -6.97 19.60
C SER D 243 -26.59 -7.93 18.48
N LEU D 244 -25.69 -8.81 18.04
CA LEU D 244 -26.02 -9.80 16.97
C LEU D 244 -27.11 -10.73 17.48
N VAL D 245 -27.00 -11.25 18.71
CA VAL D 245 -27.99 -12.21 19.26
C VAL D 245 -29.35 -11.51 19.37
N SER D 246 -29.38 -10.28 19.87
CA SER D 246 -30.57 -9.39 19.91
C SER D 246 -31.24 -9.28 18.53
N TYR D 247 -30.47 -8.98 17.47
CA TYR D 247 -31.00 -8.90 16.09
C TYR D 247 -31.67 -10.23 15.67
N LEU D 248 -30.98 -11.35 15.81
CA LEU D 248 -31.47 -12.68 15.36
C LEU D 248 -32.71 -13.09 16.13
N ALA D 249 -32.86 -12.62 17.38
CA ALA D 249 -34.00 -12.92 18.27
C ALA D 249 -35.26 -12.17 17.87
N LYS D 250 -35.19 -11.15 17.01
CA LYS D 250 -36.35 -10.28 16.73
C LYS D 250 -37.34 -10.97 15.79
N PRO D 251 -38.65 -10.63 15.91
CA PRO D 251 -39.65 -11.04 14.93
C PRO D 251 -39.24 -10.80 13.45
N GLU D 252 -38.54 -9.69 13.21
CA GLU D 252 -38.23 -9.22 11.83
C GLU D 252 -37.13 -10.07 11.20
N ALA D 253 -36.38 -10.83 11.99
CA ALA D 253 -35.27 -11.69 11.52
C ALA D 253 -35.75 -13.09 11.11
N TYR D 254 -37.04 -13.26 10.76
CA TYR D 254 -37.65 -14.59 10.55
C TYR D 254 -37.12 -15.28 9.29
N PHE D 255 -36.47 -14.58 8.39
CA PHE D 255 -36.01 -15.20 7.12
C PHE D 255 -34.52 -15.52 7.15
N ILE D 256 -33.83 -15.28 8.27
CA ILE D 256 -32.45 -15.75 8.46
C ILE D 256 -32.51 -17.03 9.29
N THR D 257 -32.12 -18.17 8.71
CA THR D 257 -32.10 -19.46 9.45
C THR D 257 -30.98 -20.30 8.89
N GLY D 258 -30.35 -21.06 9.77
CA GLY D 258 -29.30 -22.01 9.41
C GLY D 258 -27.94 -21.37 9.30
N GLN D 259 -27.83 -20.08 9.63
CA GLN D 259 -26.61 -19.28 9.36
C GLN D 259 -25.75 -19.22 10.62
N SER D 260 -24.44 -19.27 10.42
CA SER D 260 -23.40 -19.02 11.44
C SER D 260 -22.68 -17.73 11.08
N ILE D 261 -22.84 -16.68 11.88
CA ILE D 261 -22.37 -15.31 11.49
C ILE D 261 -21.13 -14.93 12.32
N LEU D 262 -20.07 -14.50 11.65
CA LEU D 262 -18.78 -14.08 12.24
C LEU D 262 -18.88 -12.65 12.76
N VAL D 263 -18.61 -12.48 14.05
CA VAL D 263 -18.56 -11.15 14.68
C VAL D 263 -17.16 -11.06 15.29
N ASP D 264 -16.19 -10.67 14.46
CA ASP D 264 -14.75 -10.82 14.83
C ASP D 264 -13.90 -9.68 14.27
N GLY D 265 -14.51 -8.57 13.87
CA GLY D 265 -13.80 -7.39 13.37
C GLY D 265 -13.02 -7.68 12.09
N GLY D 266 -13.44 -8.68 11.33
CA GLY D 266 -12.95 -8.93 9.96
C GLY D 266 -11.66 -9.69 9.92
N VAL D 267 -11.55 -10.80 10.69
CA VAL D 267 -10.35 -11.68 10.75
C VAL D 267 -10.60 -12.88 9.84
N LEU D 268 -11.76 -13.50 9.99
CA LEU D 268 -12.29 -14.53 9.07
C LEU D 268 -13.48 -13.94 8.33
N PHE D 269 -13.79 -14.49 7.17
CA PHE D 269 -14.93 -13.98 6.37
C PHE D 269 -15.70 -15.13 5.74
N ASP D 270 -17.01 -14.95 5.59
CA ASP D 270 -17.90 -15.85 4.81
C ASP D 270 -18.28 -15.17 3.48
N THR E 6 -6.87 16.98 26.67
CA THR E 6 -5.42 17.40 26.77
C THR E 6 -4.54 16.49 25.90
N ARG E 7 -3.65 17.09 25.12
CA ARG E 7 -2.80 16.35 24.18
C ARG E 7 -1.53 15.91 24.91
N VAL E 8 -0.94 14.84 24.40
CA VAL E 8 0.21 14.12 24.98
C VAL E 8 1.31 14.08 23.93
N ALA E 9 2.50 14.46 24.37
CA ALA E 9 3.78 14.45 23.63
C ALA E 9 4.68 13.39 24.23
N ILE E 10 5.42 12.68 23.38
CA ILE E 10 6.67 11.98 23.73
C ILE E 10 7.82 12.77 23.14
N VAL E 11 8.89 12.99 23.90
CA VAL E 11 10.14 13.59 23.39
C VAL E 11 11.27 12.60 23.74
N THR E 12 11.99 12.09 22.74
CA THR E 12 13.15 11.19 22.97
C THR E 12 14.41 12.04 23.11
N GLY E 13 15.44 11.54 23.78
CA GLY E 13 16.69 12.33 23.93
C GLY E 13 16.41 13.60 24.73
N ALA E 14 15.55 13.53 25.74
CA ALA E 14 14.97 14.71 26.42
C ALA E 14 15.71 15.04 27.72
N ALA E 15 16.80 14.37 28.07
CA ALA E 15 17.44 14.55 29.39
C ALA E 15 18.08 15.92 29.43
N GLN E 16 18.64 16.36 28.30
CA GLN E 16 19.36 17.64 28.20
C GLN E 16 19.23 18.23 26.79
N GLY E 17 19.88 19.39 26.59
CA GLY E 17 19.99 20.02 25.26
C GLY E 17 18.64 20.35 24.65
N LEU E 18 18.56 20.22 23.31
CA LEU E 18 17.34 20.34 22.47
C LEU E 18 16.16 19.62 23.10
N GLY E 19 16.30 18.33 23.42
CA GLY E 19 15.18 17.49 23.88
C GLY E 19 14.53 18.04 25.14
N ALA E 20 15.33 18.48 26.11
CA ALA E 20 14.83 19.05 27.40
C ALA E 20 14.08 20.35 27.09
N SER E 21 14.66 21.18 26.23
CA SER E 21 14.07 22.49 25.86
C SER E 21 12.75 22.26 25.13
N ILE E 22 12.70 21.29 24.20
CA ILE E 22 11.48 20.96 23.41
C ILE E 22 10.40 20.46 24.36
N ALA E 23 10.74 19.52 25.25
CA ALA E 23 9.79 18.94 26.24
C ALA E 23 9.20 20.06 27.13
N LEU E 24 10.05 20.92 27.69
CA LEU E 24 9.61 22.03 28.58
C LEU E 24 8.70 22.99 27.77
N ARG E 25 9.00 23.25 26.50
CA ARG E 25 8.16 24.14 25.69
C ARG E 25 6.80 23.48 25.38
N LEU E 26 6.77 22.20 25.04
CA LEU E 26 5.46 21.54 24.80
C LEU E 26 4.62 21.61 26.10
N ALA E 27 5.23 21.43 27.27
CA ALA E 27 4.50 21.55 28.56
C ALA E 27 3.95 22.98 28.70
N ASP E 28 4.77 24.01 28.46
CA ASP E 28 4.34 25.44 28.40
C ASP E 28 3.16 25.65 27.45
N ASP E 29 3.13 24.97 26.31
CA ASP E 29 2.02 25.11 25.31
C ASP E 29 0.75 24.39 25.81
N GLY E 30 0.81 23.55 26.84
CA GLY E 30 -0.40 22.93 27.42
C GLY E 30 -0.46 21.43 27.20
N LEU E 31 0.61 20.79 26.70
CA LEU E 31 0.61 19.32 26.54
C LEU E 31 1.05 18.65 27.83
N ASP E 32 0.52 17.48 28.13
CA ASP E 32 1.21 16.49 29.00
C ASP E 32 2.37 15.88 28.19
N VAL E 33 3.49 15.56 28.86
CA VAL E 33 4.77 15.18 28.20
C VAL E 33 5.40 13.99 28.90
N ALA E 34 5.70 12.96 28.12
CA ALA E 34 6.58 11.84 28.51
C ALA E 34 7.98 12.05 27.89
N VAL E 35 9.01 11.96 28.73
CA VAL E 35 10.40 12.28 28.34
C VAL E 35 11.18 10.99 28.38
N ASN E 36 11.94 10.75 27.32
CA ASN E 36 12.77 9.54 27.16
C ASN E 36 14.24 9.92 26.97
N ASP E 37 15.13 9.14 27.57
CA ASP E 37 16.58 9.19 27.31
C ASP E 37 17.12 7.84 27.78
N ILE E 38 18.42 7.65 27.67
CA ILE E 38 19.09 6.40 28.11
C ILE E 38 18.96 6.32 29.64
N GLY E 39 18.85 5.10 30.16
CA GLY E 39 18.59 4.78 31.58
C GLY E 39 19.57 5.49 32.50
N SER E 40 20.82 5.67 32.07
CA SER E 40 21.89 6.27 32.90
C SER E 40 21.71 7.80 33.02
N LYS E 41 20.79 8.42 32.27
CA LYS E 41 20.45 9.85 32.45
C LYS E 41 19.13 10.00 33.21
N SER E 42 18.77 8.98 33.99
CA SER E 42 17.51 8.89 34.76
C SER E 42 17.32 10.14 35.63
N ASP E 43 18.38 10.61 36.29
CA ASP E 43 18.29 11.69 37.30
C ASP E 43 17.94 13.00 36.62
N GLN E 44 18.56 13.29 35.46
CA GLN E 44 18.18 14.48 34.66
C GLN E 44 16.74 14.36 34.16
N LEU E 45 16.33 13.18 33.67
CA LEU E 45 14.93 12.98 33.20
C LEU E 45 13.97 13.35 34.33
N GLN E 46 14.27 12.91 35.56
CA GLN E 46 13.39 13.15 36.74
C GLN E 46 13.31 14.66 37.00
N GLN E 47 14.40 15.39 36.83
CA GLN E 47 14.41 16.87 36.96
C GLN E 47 13.48 17.50 35.91
N ILE E 48 13.49 17.02 34.65
CA ILE E 48 12.58 17.56 33.58
C ILE E 48 11.13 17.24 33.97
N VAL E 49 10.86 16.03 34.47
CA VAL E 49 9.51 15.59 34.93
C VAL E 49 9.00 16.56 36.01
N ALA E 50 9.81 16.86 37.02
CA ALA E 50 9.38 17.75 38.14
C ALA E 50 9.11 19.13 37.57
N GLN E 51 9.93 19.61 36.62
CA GLN E 51 9.73 20.95 36.00
C GLN E 51 8.39 20.96 35.24
N ILE E 52 8.14 19.93 34.42
CA ILE E 52 6.85 19.84 33.69
C ILE E 52 5.68 19.83 34.69
N GLN E 53 5.77 19.03 35.76
CA GLN E 53 4.68 18.94 36.77
C GLN E 53 4.44 20.30 37.44
N ALA E 54 5.48 21.12 37.63
CA ALA E 54 5.39 22.44 38.29
C ALA E 54 4.52 23.37 37.44
N LYS E 55 4.43 23.12 36.12
CA LYS E 55 3.59 23.91 35.19
C LYS E 55 2.11 23.48 35.31
N GLY E 56 1.78 22.47 36.11
CA GLY E 56 0.40 21.99 36.27
C GLY E 56 0.09 20.86 35.29
N ARG E 57 1.08 20.37 34.55
CA ARG E 57 0.90 19.31 33.51
C ARG E 57 1.23 17.96 34.11
N ARG E 58 0.80 16.87 33.45
CA ARG E 58 1.23 15.50 33.85
C ARG E 58 2.52 15.16 33.09
N ALA E 59 3.43 14.42 33.72
CA ALA E 59 4.71 14.02 33.11
C ALA E 59 5.12 12.65 33.63
N LEU E 60 5.90 11.96 32.81
CA LEU E 60 6.37 10.56 33.02
C LEU E 60 7.75 10.49 32.37
N ALA E 61 8.69 9.84 33.04
CA ALA E 61 9.96 9.36 32.47
C ALA E 61 9.71 7.98 31.87
N VAL E 62 10.21 7.76 30.65
CA VAL E 62 10.14 6.46 29.94
C VAL E 62 11.54 6.18 29.43
N PRO E 63 12.49 5.78 30.30
CA PRO E 63 13.82 5.38 29.85
C PRO E 63 13.63 4.17 28.92
N ALA E 64 14.38 4.17 27.81
CA ALA E 64 14.35 3.12 26.76
C ALA E 64 15.49 3.39 25.77
N ASP E 65 15.97 2.31 25.15
CA ASP E 65 16.92 2.31 24.01
C ASP E 65 16.09 2.41 22.73
N VAL E 66 16.11 3.55 22.05
CA VAL E 66 15.18 3.83 20.93
C VAL E 66 15.63 3.03 19.69
N SER E 67 16.78 2.35 19.75
CA SER E 67 17.27 1.48 18.65
C SER E 67 16.61 0.10 18.73
N ARG E 68 15.86 -0.19 19.79
CA ARG E 68 15.25 -1.51 20.02
C ARG E 68 13.73 -1.45 19.87
N ASP E 69 13.27 -2.27 18.95
CA ASP E 69 11.86 -2.34 18.53
C ASP E 69 10.95 -2.55 19.75
N VAL E 70 11.25 -3.55 20.59
CA VAL E 70 10.41 -3.85 21.78
C VAL E 70 10.40 -2.65 22.74
N ASP E 71 11.55 -2.01 22.97
CA ASP E 71 11.67 -0.84 23.89
C ASP E 71 10.74 0.28 23.40
N VAL E 72 10.79 0.63 22.14
CA VAL E 72 9.96 1.74 21.57
C VAL E 72 8.50 1.37 21.65
N GLN E 73 8.17 0.13 21.28
CA GLN E 73 6.76 -0.33 21.40
C GLN E 73 6.30 -0.21 22.87
N ALA E 74 7.11 -0.64 23.84
CA ALA E 74 6.75 -0.63 25.28
C ALA E 74 6.65 0.83 25.81
N MET E 75 7.50 1.69 25.27
CA MET E 75 7.51 3.13 25.57
C MET E 75 6.16 3.74 25.17
N VAL E 76 5.74 3.51 23.93
CA VAL E 76 4.47 4.16 23.46
C VAL E 76 3.33 3.55 24.27
N ALA E 77 3.34 2.23 24.49
CA ALA E 77 2.27 1.56 25.27
C ALA E 77 2.22 2.14 26.70
N LYS E 78 3.37 2.40 27.33
CA LYS E 78 3.45 2.92 28.73
C LYS E 78 2.86 4.33 28.77
N VAL E 79 3.18 5.14 27.77
CA VAL E 79 2.62 6.50 27.67
C VAL E 79 1.11 6.40 27.43
N VAL E 80 0.65 5.48 26.57
CA VAL E 80 -0.82 5.44 26.31
C VAL E 80 -1.54 5.05 27.61
N GLU E 81 -0.96 4.11 28.34
CA GLU E 81 -1.55 3.61 29.61
C GLU E 81 -1.63 4.73 30.67
N GLU E 82 -0.60 5.57 30.76
CA GLU E 82 -0.44 6.50 31.90
C GLU E 82 -1.08 7.85 31.54
N LEU E 83 -0.83 8.36 30.34
CA LEU E 83 -1.30 9.71 29.97
C LEU E 83 -2.55 9.62 29.09
N GLY E 84 -2.96 8.42 28.63
CA GLY E 84 -4.35 8.18 28.20
C GLY E 84 -4.60 8.65 26.77
N ASP E 109 -1.46 9.41 22.54
CA ASP E 109 -0.19 9.97 22.01
C ASP E 109 -0.61 10.90 20.88
N LEU E 110 -0.33 12.19 20.98
CA LEU E 110 -0.72 13.17 19.94
C LEU E 110 0.51 13.75 19.23
N GLN E 111 1.64 13.71 19.93
CA GLN E 111 2.88 14.30 19.41
C GLN E 111 4.10 13.44 19.69
N MET E 112 4.82 13.10 18.65
CA MET E 112 6.07 12.34 18.82
C MET E 112 7.23 13.19 18.30
N VAL E 113 8.18 13.49 19.16
CA VAL E 113 9.43 14.19 18.76
C VAL E 113 10.58 13.20 18.95
N ALA E 114 11.01 12.60 17.83
CA ALA E 114 12.13 11.65 17.72
C ALA E 114 13.43 12.48 17.63
N ASN E 115 13.88 12.93 18.79
CA ASN E 115 15.00 13.88 18.91
C ASN E 115 16.30 13.14 19.27
N ALA E 116 16.23 11.95 19.85
CA ALA E 116 17.44 11.18 20.26
C ALA E 116 18.43 11.07 19.10
N GLY E 117 19.72 11.12 19.40
CA GLY E 117 20.76 11.08 18.37
C GLY E 117 22.13 11.06 18.99
N ILE E 118 23.12 10.62 18.25
CA ILE E 118 24.53 10.71 18.73
C ILE E 118 25.37 11.30 17.60
N VAL E 119 26.40 12.05 18.01
CA VAL E 119 27.42 12.63 17.12
C VAL E 119 28.71 11.86 17.42
N LEU E 120 29.34 11.29 16.41
CA LEU E 120 30.74 10.81 16.47
C LEU E 120 31.44 11.30 15.20
N TYR E 121 32.65 11.82 15.36
CA TYR E 121 33.55 12.25 14.26
C TYR E 121 34.40 11.05 13.89
N GLN E 122 34.34 10.65 12.63
CA GLN E 122 35.23 9.61 12.08
C GLN E 122 35.20 9.74 10.56
N SER E 123 36.39 9.86 9.96
CA SER E 123 36.59 9.92 8.51
C SER E 123 36.08 8.64 7.83
N LEU E 124 35.77 8.72 6.54
CA LEU E 124 35.41 7.54 5.72
C LEU E 124 36.63 6.60 5.64
N ALA E 125 37.85 7.12 5.41
CA ALA E 125 39.11 6.32 5.40
C ALA E 125 39.28 5.52 6.72
N ASP E 126 38.87 6.05 7.89
CA ASP E 126 39.02 5.37 9.21
C ASP E 126 37.73 4.69 9.69
N THR E 127 36.70 4.54 8.85
CA THR E 127 35.36 4.13 9.30
C THR E 127 35.43 2.68 9.82
N GLN E 128 34.95 2.49 11.04
CA GLN E 128 34.71 1.19 11.69
C GLN E 128 33.20 0.94 11.62
N LEU E 129 32.76 -0.27 11.26
CA LEU E 129 31.32 -0.65 11.18
C LEU E 129 30.64 -0.46 12.54
N GLU E 130 31.41 -0.60 13.62
CA GLU E 130 30.89 -0.43 15.00
C GLU E 130 30.40 1.02 15.15
N VAL E 131 31.22 1.98 14.80
CA VAL E 131 30.85 3.43 14.87
C VAL E 131 29.70 3.65 13.88
N TRP E 132 29.87 3.24 12.63
CA TRP E 132 28.84 3.42 11.55
C TRP E 132 27.47 2.91 12.05
N ASP E 133 27.37 1.66 12.50
CA ASP E 133 26.09 1.01 12.90
C ASP E 133 25.53 1.64 14.18
N ARG E 134 26.39 2.01 15.13
CA ARG E 134 25.97 2.72 16.38
C ARG E 134 25.22 3.99 15.97
N ILE E 135 25.82 4.79 15.08
CA ILE E 135 25.22 6.08 14.61
C ILE E 135 23.88 5.79 13.93
N MET E 136 23.84 4.88 12.95
CA MET E 136 22.60 4.49 12.24
C MET E 136 21.56 3.95 13.24
N SER E 137 21.98 3.14 14.23
CA SER E 137 21.00 2.41 15.08
C SER E 137 20.17 3.44 15.84
N VAL E 138 20.77 4.52 16.33
CA VAL E 138 19.99 5.55 17.08
C VAL E 138 19.41 6.54 16.08
N ASN E 139 20.22 7.13 15.22
CA ASN E 139 19.83 8.33 14.44
C ASN E 139 18.79 8.01 13.37
N LEU E 140 18.86 6.83 12.74
CA LEU E 140 17.90 6.45 11.67
C LEU E 140 16.92 5.37 12.18
N ARG E 141 17.42 4.23 12.61
CA ARG E 141 16.56 3.12 13.08
C ARG E 141 15.65 3.60 14.20
N GLY E 142 16.21 4.35 15.15
CA GLY E 142 15.45 4.93 16.28
C GLY E 142 14.33 5.83 15.79
N VAL E 143 14.61 6.65 14.78
CA VAL E 143 13.57 7.51 14.17
C VAL E 143 12.52 6.63 13.52
N MET E 144 12.93 5.62 12.75
CA MET E 144 11.97 4.77 12.02
C MET E 144 11.02 4.06 13.01
N LEU E 145 11.52 3.53 14.11
CA LEU E 145 10.69 2.85 15.15
C LEU E 145 9.76 3.85 15.86
N CYS E 146 10.24 5.04 16.21
CA CYS E 146 9.41 6.09 16.85
C CYS E 146 8.34 6.52 15.86
N TYR E 147 8.66 6.74 14.57
CA TYR E 147 7.65 7.07 13.52
C TYR E 147 6.60 5.95 13.37
N LYS E 148 7.06 4.72 13.31
CA LYS E 148 6.18 3.55 13.12
C LYS E 148 5.18 3.48 14.28
N TYR E 149 5.69 3.39 15.50
CA TYR E 149 4.83 3.10 16.69
C TYR E 149 3.97 4.30 17.05
N ALA E 150 4.45 5.52 16.84
CA ALA E 150 3.63 6.74 17.07
C ALA E 150 2.51 6.70 16.04
N GLY E 151 2.86 6.44 14.77
CA GLY E 151 1.86 6.44 13.69
C GLY E 151 0.78 5.38 13.90
N VAL E 152 1.17 4.17 14.26
CA VAL E 152 0.19 3.07 14.49
C VAL E 152 -0.74 3.53 15.61
N GLN E 153 -0.22 4.12 16.68
CA GLN E 153 -1.07 4.50 17.83
C GLN E 153 -1.98 5.64 17.38
N MET E 154 -1.46 6.63 16.65
CA MET E 154 -2.26 7.78 16.15
C MET E 154 -3.38 7.27 15.23
N ILE E 155 -3.10 6.28 14.39
CA ILE E 155 -4.12 5.70 13.46
C ILE E 155 -5.23 5.07 14.30
N LYS E 156 -4.90 4.31 15.34
CA LYS E 156 -5.92 3.70 16.25
C LYS E 156 -6.81 4.79 16.86
N GLN E 157 -6.25 5.92 17.30
CA GLN E 157 -7.04 6.95 18.01
C GLN E 157 -8.04 7.62 17.06
N GLY E 158 -7.65 7.86 15.80
CA GLY E 158 -8.52 8.55 14.83
C GLY E 158 -8.67 10.05 15.12
N ARG E 159 -7.72 10.66 15.81
CA ARG E 159 -7.80 12.12 16.07
C ARG E 159 -6.59 12.85 15.43
N GLY E 160 -5.91 12.23 14.47
CA GLY E 160 -4.73 12.82 13.81
C GLY E 160 -3.52 12.85 14.73
N GLY E 161 -2.49 13.58 14.35
CA GLY E 161 -1.31 13.75 15.21
C GLY E 161 -0.18 14.45 14.50
N ARG E 162 0.94 14.48 15.17
CA ARG E 162 2.13 15.23 14.75
C ARG E 162 3.33 14.37 15.05
N ILE E 163 4.14 14.14 14.02
CA ILE E 163 5.38 13.36 14.14
C ILE E 163 6.50 14.28 13.64
N ILE E 164 7.52 14.47 14.48
CA ILE E 164 8.62 15.44 14.22
C ILE E 164 9.93 14.74 14.57
N ALA E 165 10.91 14.74 13.67
CA ALA E 165 12.24 14.19 13.98
C ALA E 165 13.30 15.27 13.89
N ALA E 166 14.39 15.05 14.60
CA ALA E 166 15.64 15.82 14.48
C ALA E 166 16.36 15.33 13.22
N SER E 167 16.41 16.18 12.20
CA SER E 167 17.45 16.04 11.17
C SER E 167 18.62 16.89 11.66
N SER E 168 19.31 17.56 10.75
CA SER E 168 20.50 18.37 11.09
C SER E 168 20.81 19.20 9.86
N ALA E 169 21.56 20.27 10.04
CA ALA E 169 22.20 20.94 8.88
C ALA E 169 22.97 19.87 8.10
N ALA E 170 23.58 18.89 8.79
CA ALA E 170 24.37 17.79 8.18
C ALA E 170 23.47 16.89 7.32
N GLY E 171 22.15 16.96 7.52
CA GLY E 171 21.15 16.26 6.68
C GLY E 171 20.75 17.09 5.47
N LYS E 172 21.30 18.29 5.34
CA LYS E 172 21.02 19.15 4.16
C LYS E 172 22.31 19.45 3.41
N LYS E 173 23.45 19.41 4.08
CA LYS E 173 24.75 19.52 3.38
C LYS E 173 25.73 18.64 4.16
N GLY E 174 26.27 17.62 3.49
CA GLY E 174 27.17 16.64 4.11
C GLY E 174 28.37 17.36 4.67
N MET E 175 28.94 16.82 5.73
CA MET E 175 30.07 17.45 6.46
C MET E 175 31.27 16.51 6.52
N ILE E 176 32.47 17.10 6.36
CA ILE E 176 33.76 16.36 6.42
C ILE E 176 33.89 15.76 7.82
N ASN E 177 34.37 14.52 7.85
CA ASN E 177 34.59 13.70 9.07
C ASN E 177 33.28 13.34 9.77
N LEU E 178 32.11 13.60 9.16
CA LEU E 178 30.79 13.12 9.65
C LEU E 178 30.06 12.33 8.56
N PRO E 179 30.70 11.39 7.82
CA PRO E 179 29.99 10.65 6.78
C PRO E 179 28.78 9.90 7.36
N ALA E 180 28.97 9.16 8.46
CA ALA E 180 27.89 8.38 9.10
C ALA E 180 26.77 9.30 9.63
N TYR E 181 27.13 10.35 10.34
CA TYR E 181 26.15 11.30 10.93
C TYR E 181 25.37 11.97 9.80
N SER E 182 26.07 12.46 8.77
CA SER E 182 25.46 13.11 7.58
C SER E 182 24.50 12.13 6.84
N ALA E 183 24.98 10.89 6.57
CA ALA E 183 24.16 9.81 5.95
C ALA E 183 22.88 9.65 6.77
N SER E 184 23.01 9.54 8.08
CA SER E 184 21.89 9.25 9.00
C SER E 184 20.87 10.40 8.95
N LYS E 185 21.30 11.66 8.84
CA LYS E 185 20.40 12.84 8.93
C LYS E 185 19.72 13.11 7.58
N PHE E 186 20.40 12.81 6.48
CA PHE E 186 19.82 12.76 5.12
C PHE E 186 18.69 11.72 5.14
N ALA E 187 18.92 10.57 5.77
CA ALA E 187 17.97 9.46 5.78
C ALA E 187 16.71 9.86 6.55
N VAL E 188 16.86 10.60 7.65
CA VAL E 188 15.71 11.11 8.44
C VAL E 188 14.78 11.89 7.51
N ARG E 189 15.32 12.73 6.63
CA ARG E 189 14.46 13.53 5.74
C ARG E 189 13.75 12.59 4.77
N GLY E 190 14.42 11.54 4.28
CA GLY E 190 13.82 10.60 3.33
C GLY E 190 12.64 9.85 3.95
N ILE E 191 12.81 9.30 5.15
CA ILE E 191 11.69 8.61 5.84
C ILE E 191 10.61 9.65 6.23
N THR E 192 10.99 10.87 6.57
CA THR E 192 9.99 11.93 6.85
C THR E 192 9.08 12.14 5.62
N GLN E 193 9.64 12.19 4.41
CA GLN E 193 8.83 12.51 3.20
C GLN E 193 7.95 11.29 2.88
N SER E 194 8.50 10.08 2.95
CA SER E 194 7.73 8.83 2.70
C SER E 194 6.60 8.66 3.75
N ALA E 195 6.88 8.93 5.03
CA ALA E 195 5.88 8.86 6.13
C ALA E 195 4.80 9.94 5.97
N ALA E 196 5.19 11.15 5.59
CA ALA E 196 4.24 12.27 5.34
C ALA E 196 3.18 11.82 4.33
N LEU E 197 3.55 11.15 3.23
CA LEU E 197 2.58 10.65 2.22
C LEU E 197 1.75 9.51 2.83
N GLU E 198 2.38 8.54 3.47
CA GLU E 198 1.71 7.36 4.10
C GLU E 198 0.62 7.79 5.10
N PHE E 199 0.90 8.73 6.00
CA PHE E 199 0.02 9.02 7.17
C PHE E 199 -0.97 10.16 6.83
N ALA E 200 -0.84 10.79 5.66
CA ALA E 200 -1.74 11.89 5.25
C ALA E 200 -3.23 11.50 5.36
N PRO E 201 -3.70 10.32 4.89
CA PRO E 201 -5.12 9.98 5.01
C PRO E 201 -5.67 10.01 6.44
N HIS E 202 -4.78 9.93 7.43
CA HIS E 202 -5.12 9.91 8.87
C HIS E 202 -4.83 11.25 9.53
N ASN E 203 -4.58 12.31 8.75
CA ASN E 203 -4.36 13.69 9.29
C ASN E 203 -3.24 13.67 10.35
N ILE E 204 -2.20 12.88 10.11
CA ILE E 204 -0.91 12.95 10.83
C ILE E 204 0.12 13.71 9.96
N THR E 205 0.63 14.86 10.40
CA THR E 205 1.76 15.52 9.68
C THR E 205 3.07 14.89 10.15
N VAL E 206 4.04 14.81 9.26
CA VAL E 206 5.39 14.29 9.58
C VAL E 206 6.39 15.31 9.07
N ASN E 207 7.15 15.95 9.97
CA ASN E 207 8.13 16.98 9.58
C ASN E 207 9.46 16.76 10.30
N ALA E 208 10.49 17.52 9.94
CA ALA E 208 11.80 17.46 10.60
C ALA E 208 12.38 18.87 10.78
N TYR E 209 13.19 19.02 11.82
CA TYR E 209 13.96 20.25 12.12
C TYR E 209 15.44 19.94 11.82
N CYS E 210 16.14 20.93 11.29
CA CYS E 210 17.56 20.86 10.88
C CYS E 210 18.31 21.98 11.61
N PRO E 211 18.75 21.79 12.87
CA PRO E 211 19.41 22.87 13.60
C PRO E 211 20.82 23.17 13.13
N GLY E 212 21.20 24.44 13.18
CA GLY E 212 22.59 24.91 13.04
C GLY E 212 23.33 24.84 14.37
N GLY E 213 24.14 25.87 14.67
CA GLY E 213 24.86 26.02 15.95
C GLY E 213 23.94 26.34 17.12
N ILE E 214 23.95 25.46 18.11
CA ILE E 214 23.16 25.67 19.35
C ILE E 214 24.15 25.73 20.51
N ARG E 215 23.99 26.73 21.39
CA ARG E 215 24.85 26.95 22.57
C ARG E 215 24.63 25.80 23.54
N THR E 216 25.67 25.54 24.31
CA THR E 216 25.66 24.49 25.34
C THR E 216 26.07 25.08 26.70
N PRO E 217 25.52 24.64 27.83
CA PRO E 217 25.91 25.18 29.14
C PRO E 217 27.36 24.90 29.57
N ASN E 232 33.20 31.23 12.88
CA ASN E 232 32.37 32.41 13.21
C ASN E 232 30.90 32.19 12.80
N LEU E 233 30.38 30.95 12.90
CA LEU E 233 28.98 30.57 12.59
C LEU E 233 28.00 31.27 13.54
N PRO E 234 26.80 31.71 13.09
CA PRO E 234 25.74 32.06 14.03
C PRO E 234 25.48 30.89 15.01
N PHE E 235 25.13 31.23 16.23
CA PHE E 235 24.82 30.27 17.32
C PHE E 235 23.58 30.78 18.06
N ALA E 236 22.81 29.87 18.64
CA ALA E 236 21.61 30.29 19.40
C ALA E 236 21.36 29.33 20.56
N ASP E 237 20.48 29.72 21.46
CA ASP E 237 20.04 28.87 22.59
C ASP E 237 19.08 27.82 22.00
N PRO E 238 18.92 26.62 22.61
CA PRO E 238 18.00 25.58 22.14
C PRO E 238 16.51 25.98 22.02
N GLU E 239 16.07 26.98 22.77
CA GLU E 239 14.69 27.52 22.71
C GLU E 239 14.26 27.77 21.26
N VAL E 240 15.20 28.03 20.35
CA VAL E 240 14.84 28.35 18.95
C VAL E 240 14.34 27.08 18.27
N VAL E 241 14.96 25.96 18.58
CA VAL E 241 14.50 24.65 18.04
C VAL E 241 13.18 24.28 18.73
N ALA E 242 13.07 24.45 20.03
CA ALA E 242 11.82 24.25 20.80
C ALA E 242 10.71 25.13 20.21
N SER E 243 11.01 26.38 19.81
CA SER E 243 10.00 27.28 19.18
C SER E 243 9.49 26.66 17.86
N LEU E 244 10.37 26.14 17.00
CA LEU E 244 9.92 25.58 15.70
C LEU E 244 9.09 24.30 15.94
N VAL E 245 9.58 23.38 16.74
CA VAL E 245 8.85 22.12 17.06
C VAL E 245 7.48 22.48 17.63
N SER E 246 7.41 23.44 18.55
CA SER E 246 6.14 23.91 19.15
C SER E 246 5.18 24.31 18.03
N TYR E 247 5.67 25.07 17.05
CA TYR E 247 4.80 25.57 15.94
C TYR E 247 4.27 24.37 15.13
N LEU E 248 5.16 23.50 14.66
CA LEU E 248 4.78 22.33 13.81
C LEU E 248 3.79 21.46 14.59
N ALA E 249 3.87 21.45 15.92
CA ALA E 249 3.02 20.58 16.76
C ALA E 249 1.63 21.17 16.90
N LYS E 250 1.35 22.38 16.43
CA LYS E 250 0.06 23.05 16.71
C LYS E 250 -1.02 22.53 15.76
N PRO E 251 -2.31 22.53 16.16
CA PRO E 251 -3.41 22.21 15.24
C PRO E 251 -3.38 23.06 13.96
N GLU E 252 -3.04 24.33 14.08
CA GLU E 252 -3.07 25.27 12.94
C GLU E 252 -1.98 24.94 11.89
N ALA E 253 -0.97 24.11 12.22
CA ALA E 253 0.18 23.71 11.34
C ALA E 253 -0.16 22.46 10.52
N TYR E 254 -1.45 22.12 10.38
CA TYR E 254 -1.92 20.87 9.74
C TYR E 254 -1.56 20.80 8.24
N PHE E 255 -1.21 21.91 7.58
CA PHE E 255 -1.01 21.92 6.10
C PHE E 255 0.48 21.92 5.76
N ILE E 256 1.34 21.77 6.77
CA ILE E 256 2.81 21.61 6.61
C ILE E 256 3.13 20.16 6.93
N THR E 257 3.60 19.42 5.93
CA THR E 257 3.94 18.00 6.11
C THR E 257 5.01 17.63 5.10
N GLY E 258 5.89 16.71 5.50
CA GLY E 258 7.00 16.22 4.70
C GLY E 258 8.15 17.22 4.65
N GLN E 259 8.13 18.28 5.45
CA GLN E 259 9.11 19.38 5.27
C GLN E 259 10.22 19.18 6.28
N SER E 260 11.41 19.67 5.95
CA SER E 260 12.64 19.76 6.78
C SER E 260 13.15 21.20 6.79
N ILE E 261 13.08 21.86 7.94
CA ILE E 261 13.25 23.33 8.03
C ILE E 261 14.55 23.63 8.76
N LEU E 262 15.39 24.46 8.15
CA LEU E 262 16.69 24.93 8.71
C LEU E 262 16.42 26.01 9.77
N VAL E 263 16.96 25.83 10.95
CA VAL E 263 16.94 26.85 12.02
C VAL E 263 18.43 27.00 12.37
N ASP E 264 19.12 27.83 11.61
CA ASP E 264 20.60 27.90 11.71
C ASP E 264 21.18 29.31 11.59
N GLY E 265 20.36 30.34 11.73
CA GLY E 265 20.77 31.76 11.63
C GLY E 265 21.21 32.15 10.22
N GLY E 266 20.89 31.36 9.21
CA GLY E 266 21.15 31.74 7.81
C GLY E 266 22.50 31.25 7.34
N VAL E 267 22.77 29.97 7.49
CA VAL E 267 24.05 29.38 7.03
C VAL E 267 23.75 28.57 5.78
N LEU E 268 22.75 27.70 5.87
CA LEU E 268 22.21 26.91 4.72
C LEU E 268 20.83 27.45 4.41
N PHE E 269 20.38 27.27 3.19
CA PHE E 269 19.04 27.79 2.78
C PHE E 269 18.26 26.76 1.96
N ASP E 270 16.95 26.69 2.17
CA ASP E 270 16.03 25.82 1.39
C ASP E 270 15.38 26.61 0.25
N SER F 5 47.78 5.95 -19.98
CA SER F 5 47.63 4.58 -19.48
C SER F 5 46.15 4.23 -19.32
N THR F 6 45.81 2.97 -19.47
CA THR F 6 44.40 2.49 -19.37
C THR F 6 43.86 2.65 -17.95
N ARG F 7 42.62 3.10 -17.83
CA ARG F 7 42.00 3.28 -16.50
C ARG F 7 41.14 2.04 -16.22
N VAL F 8 41.00 1.71 -14.94
CA VAL F 8 40.34 0.48 -14.46
C VAL F 8 39.07 0.88 -13.70
N ALA F 9 37.93 0.30 -14.08
CA ALA F 9 36.62 0.48 -13.41
C ALA F 9 36.26 -0.79 -12.63
N ILE F 10 35.61 -0.62 -11.48
CA ILE F 10 34.73 -1.64 -10.87
C ILE F 10 33.27 -1.18 -11.02
N VAL F 11 32.39 -2.08 -11.44
CA VAL F 11 30.93 -1.85 -11.38
C VAL F 11 30.29 -2.90 -10.46
N THR F 12 29.67 -2.50 -9.35
CA THR F 12 28.93 -3.42 -8.45
C THR F 12 27.50 -3.52 -9.00
N GLY F 13 26.78 -4.59 -8.65
CA GLY F 13 25.44 -4.89 -9.23
C GLY F 13 25.47 -4.85 -10.75
N ALA F 14 26.43 -5.54 -11.36
CA ALA F 14 26.62 -5.51 -12.83
C ALA F 14 25.70 -6.51 -13.54
N ALA F 15 25.24 -7.58 -12.89
CA ALA F 15 24.45 -8.65 -13.54
C ALA F 15 22.97 -8.23 -13.59
N GLN F 16 22.66 -7.25 -14.42
CA GLN F 16 21.32 -6.60 -14.55
C GLN F 16 21.42 -5.65 -15.75
N GLY F 17 20.30 -5.25 -16.32
CA GLY F 17 20.24 -4.27 -17.42
C GLY F 17 21.11 -3.06 -17.11
N LEU F 18 20.87 -2.41 -15.99
CA LEU F 18 21.48 -1.10 -15.71
C LEU F 18 23.00 -1.26 -15.50
N GLY F 19 23.42 -2.05 -14.51
CA GLY F 19 24.83 -2.33 -14.18
C GLY F 19 25.60 -2.84 -15.39
N ALA F 20 25.00 -3.71 -16.22
CA ALA F 20 25.68 -4.27 -17.42
C ALA F 20 25.85 -3.14 -18.45
N SER F 21 24.80 -2.33 -18.63
CA SER F 21 24.84 -1.13 -19.52
C SER F 21 25.99 -0.19 -19.10
N ILE F 22 26.14 0.10 -17.81
CA ILE F 22 27.25 0.96 -17.29
C ILE F 22 28.58 0.29 -17.66
N ALA F 23 28.78 -0.97 -17.29
CA ALA F 23 30.07 -1.68 -17.52
C ALA F 23 30.44 -1.68 -19.01
N LEU F 24 29.48 -1.97 -19.86
CA LEU F 24 29.70 -2.04 -21.33
C LEU F 24 30.04 -0.66 -21.88
N ARG F 25 29.43 0.40 -21.37
CA ARG F 25 29.73 1.79 -21.80
C ARG F 25 31.15 2.18 -21.38
N LEU F 26 31.57 1.88 -20.15
CA LEU F 26 32.96 2.16 -19.68
C LEU F 26 33.98 1.37 -20.53
N ALA F 27 33.67 0.13 -20.91
CA ALA F 27 34.50 -0.65 -21.86
C ALA F 27 34.59 0.09 -23.22
N ASP F 28 33.48 0.56 -23.76
CA ASP F 28 33.44 1.36 -25.02
C ASP F 28 34.31 2.62 -24.87
N ASP F 29 34.29 3.26 -23.70
CA ASP F 29 35.04 4.51 -23.44
C ASP F 29 36.53 4.19 -23.30
N GLY F 30 36.92 2.93 -23.29
CA GLY F 30 38.36 2.60 -23.24
C GLY F 30 38.87 2.17 -21.88
N LEU F 31 38.01 1.86 -20.89
CA LEU F 31 38.46 1.37 -19.57
C LEU F 31 38.47 -0.17 -19.54
N ASP F 32 39.41 -0.74 -18.77
CA ASP F 32 39.33 -2.15 -18.28
C ASP F 32 38.27 -2.17 -17.17
N VAL F 33 37.45 -3.23 -17.11
CA VAL F 33 36.26 -3.24 -16.24
C VAL F 33 36.18 -4.56 -15.48
N ALA F 34 36.20 -4.50 -14.16
CA ALA F 34 35.87 -5.59 -13.23
C ALA F 34 34.39 -5.47 -12.87
N VAL F 35 33.62 -6.54 -13.09
CA VAL F 35 32.15 -6.57 -12.88
C VAL F 35 31.90 -7.43 -11.64
N ASN F 36 31.15 -6.87 -10.71
CA ASN F 36 30.78 -7.52 -9.43
C ASN F 36 29.27 -7.73 -9.43
N ASP F 37 28.86 -8.90 -8.94
CA ASP F 37 27.51 -9.17 -8.41
C ASP F 37 27.64 -10.38 -7.49
N ILE F 38 26.54 -10.93 -7.00
CA ILE F 38 26.59 -12.08 -6.05
C ILE F 38 27.00 -13.33 -6.85
N GLY F 39 27.53 -14.35 -6.14
CA GLY F 39 28.07 -15.60 -6.72
C GLY F 39 27.04 -16.34 -7.57
N SER F 40 25.76 -16.25 -7.22
CA SER F 40 24.65 -16.94 -7.94
C SER F 40 24.47 -16.35 -9.35
N LYS F 41 25.03 -15.17 -9.64
CA LYS F 41 24.90 -14.50 -10.97
C LYS F 41 26.24 -14.57 -11.72
N SER F 42 27.13 -15.47 -11.35
CA SER F 42 28.47 -15.62 -11.98
C SER F 42 28.32 -15.93 -13.48
N ASP F 43 27.26 -16.63 -13.91
CA ASP F 43 27.00 -16.90 -15.34
C ASP F 43 26.79 -15.58 -16.08
N GLN F 44 26.01 -14.66 -15.49
CA GLN F 44 25.68 -13.37 -16.13
C GLN F 44 26.96 -12.53 -16.17
N LEU F 45 27.76 -12.56 -15.11
CA LEU F 45 29.04 -11.83 -15.02
C LEU F 45 29.97 -12.29 -16.16
N GLN F 46 30.07 -13.61 -16.35
CA GLN F 46 30.92 -14.17 -17.43
C GLN F 46 30.46 -13.64 -18.81
N GLN F 47 29.15 -13.59 -19.03
CA GLN F 47 28.56 -13.05 -20.28
C GLN F 47 29.01 -11.60 -20.48
N ILE F 48 29.04 -10.80 -19.41
CA ILE F 48 29.42 -9.35 -19.53
C ILE F 48 30.91 -9.29 -19.83
N VAL F 49 31.70 -10.12 -19.15
CA VAL F 49 33.18 -10.21 -19.30
C VAL F 49 33.54 -10.41 -20.77
N ALA F 50 32.90 -11.37 -21.46
CA ALA F 50 33.17 -11.73 -22.87
C ALA F 50 32.87 -10.52 -23.75
N GLN F 51 31.75 -9.84 -23.51
CA GLN F 51 31.35 -8.66 -24.32
C GLN F 51 32.32 -7.51 -24.05
N ILE F 52 32.80 -7.36 -22.82
CA ILE F 52 33.84 -6.34 -22.54
C ILE F 52 35.10 -6.75 -23.31
N GLN F 53 35.49 -8.02 -23.25
CA GLN F 53 36.70 -8.50 -23.96
C GLN F 53 36.54 -8.26 -25.48
N ALA F 54 35.34 -8.48 -26.01
CA ALA F 54 35.02 -8.30 -27.44
C ALA F 54 35.29 -6.86 -27.88
N LYS F 55 35.13 -5.87 -27.00
CA LYS F 55 35.40 -4.46 -27.38
C LYS F 55 36.91 -4.18 -27.32
N GLY F 56 37.75 -5.15 -26.92
CA GLY F 56 39.21 -4.94 -26.89
C GLY F 56 39.76 -4.52 -25.54
N ARG F 57 39.01 -4.76 -24.48
CA ARG F 57 39.47 -4.39 -23.11
C ARG F 57 39.67 -5.65 -22.26
N ARG F 58 40.46 -5.55 -21.19
CA ARG F 58 40.59 -6.58 -20.15
C ARG F 58 39.34 -6.49 -19.28
N ALA F 59 38.85 -7.64 -18.79
CA ALA F 59 37.65 -7.75 -17.94
C ALA F 59 37.88 -8.86 -16.92
N LEU F 60 37.28 -8.72 -15.73
CA LEU F 60 37.36 -9.70 -14.62
C LEU F 60 36.00 -9.73 -13.93
N ALA F 61 35.48 -10.90 -13.66
CA ALA F 61 34.28 -11.10 -12.82
C ALA F 61 34.76 -11.21 -11.36
N VAL F 62 34.27 -10.38 -10.44
CA VAL F 62 34.65 -10.49 -9.01
C VAL F 62 33.36 -10.67 -8.21
N PRO F 63 32.87 -11.92 -8.04
CA PRO F 63 31.66 -12.13 -7.25
C PRO F 63 31.90 -11.75 -5.78
N ALA F 64 30.97 -11.02 -5.16
CA ALA F 64 31.08 -10.59 -3.75
C ALA F 64 29.74 -10.02 -3.28
N ASP F 65 29.49 -10.18 -1.98
CA ASP F 65 28.36 -9.56 -1.26
C ASP F 65 28.90 -8.24 -0.73
N VAL F 66 28.45 -7.13 -1.33
CA VAL F 66 28.97 -5.76 -1.00
C VAL F 66 28.52 -5.31 0.40
N SER F 67 27.65 -6.03 1.08
CA SER F 67 27.23 -5.73 2.46
C SER F 67 28.21 -6.32 3.48
N ARG F 68 29.30 -6.94 3.03
CA ARG F 68 30.29 -7.57 3.93
C ARG F 68 31.64 -6.90 3.76
N ASP F 69 32.16 -6.33 4.84
CA ASP F 69 33.40 -5.54 4.84
C ASP F 69 34.53 -6.34 4.19
N VAL F 70 34.69 -7.61 4.55
CA VAL F 70 35.89 -8.41 4.15
C VAL F 70 35.79 -8.71 2.65
N ASP F 71 34.57 -8.93 2.14
CA ASP F 71 34.31 -9.23 0.70
C ASP F 71 34.67 -8.00 -0.13
N VAL F 72 34.23 -6.80 0.30
CA VAL F 72 34.51 -5.55 -0.47
C VAL F 72 36.00 -5.30 -0.43
N GLN F 73 36.64 -5.44 0.72
CA GLN F 73 38.10 -5.23 0.81
C GLN F 73 38.82 -6.23 -0.13
N ALA F 74 38.44 -7.50 -0.12
CA ALA F 74 39.08 -8.53 -0.99
C ALA F 74 38.77 -8.25 -2.48
N MET F 75 37.57 -7.72 -2.79
CA MET F 75 37.16 -7.42 -4.19
C MET F 75 38.07 -6.34 -4.77
N VAL F 76 38.33 -5.27 -4.03
CA VAL F 76 39.21 -4.17 -4.51
C VAL F 76 40.65 -4.73 -4.61
N ALA F 77 41.04 -5.57 -3.66
CA ALA F 77 42.39 -6.18 -3.61
C ALA F 77 42.62 -7.03 -4.87
N LYS F 78 41.64 -7.84 -5.26
CA LYS F 78 41.76 -8.73 -6.44
C LYS F 78 41.87 -7.88 -7.72
N VAL F 79 41.09 -6.82 -7.83
CA VAL F 79 41.13 -5.89 -9.02
C VAL F 79 42.49 -5.20 -9.08
N VAL F 80 43.04 -4.75 -7.96
CA VAL F 80 44.35 -4.06 -7.99
C VAL F 80 45.42 -5.05 -8.45
N GLU F 81 45.33 -6.30 -7.97
CA GLU F 81 46.32 -7.36 -8.26
C GLU F 81 46.21 -7.75 -9.74
N GLU F 82 45.01 -7.94 -10.29
CA GLU F 82 44.82 -8.51 -11.65
C GLU F 82 44.85 -7.43 -12.75
N LEU F 83 44.19 -6.28 -12.55
CA LEU F 83 44.08 -5.21 -13.59
C LEU F 83 45.09 -4.08 -13.29
N GLY F 84 45.81 -4.11 -12.17
CA GLY F 84 47.14 -3.47 -11.97
C GLY F 84 48.23 -4.47 -11.59
N TYR F 108 45.41 -1.66 -10.60
CA TYR F 108 45.00 -0.37 -9.99
C TYR F 108 43.48 -0.19 -10.04
N ASP F 109 42.98 0.87 -9.39
CA ASP F 109 41.54 1.26 -9.35
C ASP F 109 41.45 2.77 -9.63
N LEU F 110 40.79 3.12 -10.73
CA LEU F 110 40.60 4.52 -11.16
C LEU F 110 39.13 4.92 -11.02
N GLN F 111 38.20 4.00 -11.20
CA GLN F 111 36.76 4.35 -11.09
C GLN F 111 36.00 3.28 -10.33
N MET F 112 35.19 3.71 -9.38
CA MET F 112 34.31 2.80 -8.62
C MET F 112 32.86 3.20 -8.87
N VAL F 113 32.07 2.30 -9.40
CA VAL F 113 30.63 2.52 -9.61
C VAL F 113 29.88 1.56 -8.69
N ALA F 114 29.34 2.08 -7.60
CA ALA F 114 28.52 1.35 -6.61
C ALA F 114 27.05 1.35 -7.06
N ASN F 115 26.70 0.43 -7.95
CA ASN F 115 25.35 0.34 -8.56
C ASN F 115 24.46 -0.72 -7.88
N ALA F 116 25.05 -1.61 -7.07
CA ALA F 116 24.32 -2.65 -6.33
C ALA F 116 23.24 -1.97 -5.50
N GLY F 117 22.06 -2.56 -5.48
CA GLY F 117 20.96 -2.07 -4.62
C GLY F 117 19.79 -3.00 -4.72
N ILE F 118 18.87 -2.89 -3.78
CA ILE F 118 17.59 -3.67 -3.83
C ILE F 118 16.41 -2.72 -3.54
N VAL F 119 15.23 -3.08 -4.05
CA VAL F 119 13.95 -2.37 -3.86
C VAL F 119 12.95 -3.39 -3.33
N LEU F 120 12.31 -3.05 -2.23
CA LEU F 120 11.18 -3.79 -1.64
C LEU F 120 10.16 -2.74 -1.23
N TYR F 121 8.90 -2.97 -1.58
CA TYR F 121 7.77 -2.10 -1.19
C TYR F 121 7.25 -2.64 0.12
N GLN F 122 7.19 -1.78 1.12
CA GLN F 122 6.67 -2.08 2.46
C GLN F 122 6.39 -0.76 3.19
N SER F 123 5.15 -0.56 3.57
CA SER F 123 4.68 0.65 4.31
C SER F 123 5.43 0.74 5.65
N LEU F 124 5.47 1.94 6.21
CA LEU F 124 6.03 2.12 7.57
C LEU F 124 5.18 1.32 8.59
N ALA F 125 3.85 1.41 8.53
CA ALA F 125 2.94 0.67 9.46
C ALA F 125 3.26 -0.84 9.42
N ASP F 126 3.62 -1.37 8.25
CA ASP F 126 3.90 -2.82 8.05
C ASP F 126 5.38 -3.15 8.18
N THR F 127 6.25 -2.19 8.55
CA THR F 127 7.71 -2.36 8.37
C THR F 127 8.15 -3.53 9.25
N GLN F 128 8.87 -4.46 8.64
CA GLN F 128 9.61 -5.56 9.31
C GLN F 128 11.06 -5.13 9.34
N LEU F 129 11.74 -5.29 10.48
CA LEU F 129 13.18 -4.99 10.64
C LEU F 129 14.01 -5.78 9.64
N GLU F 130 13.60 -7.00 9.29
CA GLU F 130 14.41 -7.80 8.33
C GLU F 130 14.47 -7.11 6.96
N VAL F 131 13.38 -6.46 6.57
CA VAL F 131 13.30 -5.76 5.27
C VAL F 131 14.09 -4.46 5.38
N TRP F 132 13.81 -3.67 6.42
CA TRP F 132 14.50 -2.40 6.71
C TRP F 132 16.02 -2.64 6.66
N ASP F 133 16.51 -3.54 7.52
CA ASP F 133 17.97 -3.84 7.70
C ASP F 133 18.56 -4.42 6.41
N ARG F 134 17.80 -5.19 5.63
CA ARG F 134 18.32 -5.78 4.37
C ARG F 134 18.56 -4.66 3.34
N ILE F 135 17.60 -3.75 3.17
CA ILE F 135 17.75 -2.59 2.23
C ILE F 135 18.93 -1.71 2.67
N MET F 136 19.00 -1.34 3.95
CA MET F 136 20.14 -0.53 4.49
C MET F 136 21.47 -1.26 4.29
N SER F 137 21.54 -2.58 4.46
CA SER F 137 22.85 -3.28 4.42
C SER F 137 23.41 -3.24 3.00
N VAL F 138 22.56 -3.34 1.99
CA VAL F 138 23.01 -3.35 0.56
C VAL F 138 23.12 -1.92 0.04
N ASN F 139 22.05 -1.13 0.16
CA ASN F 139 21.93 0.18 -0.53
C ASN F 139 22.78 1.24 0.16
N LEU F 140 22.96 1.18 1.49
CA LEU F 140 23.76 2.21 2.21
C LEU F 140 25.12 1.64 2.61
N ARG F 141 25.15 0.50 3.31
CA ARG F 141 26.40 -0.02 3.92
C ARG F 141 27.34 -0.41 2.78
N GLY F 142 26.78 -1.09 1.77
CA GLY F 142 27.47 -1.45 0.51
C GLY F 142 28.16 -0.29 -0.14
N VAL F 143 27.45 0.83 -0.28
CA VAL F 143 27.99 2.08 -0.89
C VAL F 143 29.11 2.60 0.01
N MET F 144 28.90 2.59 1.33
CA MET F 144 29.90 3.10 2.28
C MET F 144 31.21 2.29 2.14
N LEU F 145 31.10 0.97 2.08
CA LEU F 145 32.29 0.06 2.00
C LEU F 145 32.98 0.27 0.64
N CYS F 146 32.23 0.44 -0.43
CA CYS F 146 32.81 0.65 -1.78
C CYS F 146 33.54 1.99 -1.82
N TYR F 147 32.94 3.08 -1.32
CA TYR F 147 33.55 4.42 -1.12
C TYR F 147 34.83 4.29 -0.31
N LYS F 148 34.77 3.61 0.83
CA LYS F 148 35.95 3.54 1.72
C LYS F 148 37.10 2.79 1.04
N TYR F 149 36.85 1.61 0.53
CA TYR F 149 37.96 0.75 0.05
C TYR F 149 38.48 1.26 -1.29
N ALA F 150 37.62 1.89 -2.10
CA ALA F 150 38.04 2.52 -3.39
C ALA F 150 38.88 3.77 -3.09
N GLY F 151 38.35 4.64 -2.20
CA GLY F 151 39.03 5.86 -1.73
C GLY F 151 40.42 5.56 -1.22
N VAL F 152 40.54 4.62 -0.28
CA VAL F 152 41.86 4.26 0.35
C VAL F 152 42.86 3.85 -0.75
N GLN F 153 42.44 2.98 -1.67
CA GLN F 153 43.28 2.52 -2.81
C GLN F 153 43.65 3.72 -3.70
N MET F 154 42.68 4.58 -4.01
CA MET F 154 42.94 5.74 -4.90
C MET F 154 43.94 6.68 -4.19
N ILE F 155 43.74 6.99 -2.91
CA ILE F 155 44.70 7.86 -2.16
C ILE F 155 46.11 7.26 -2.24
N LYS F 156 46.23 5.96 -2.00
CA LYS F 156 47.49 5.19 -2.09
C LYS F 156 48.17 5.46 -3.43
N GLN F 157 47.41 5.46 -4.54
CA GLN F 157 47.97 5.46 -5.91
C GLN F 157 48.50 6.86 -6.23
N GLY F 158 47.85 7.91 -5.74
CA GLY F 158 48.26 9.30 -5.97
C GLY F 158 47.92 9.78 -7.36
N ARG F 159 46.99 9.12 -8.04
CA ARG F 159 46.62 9.55 -9.41
C ARG F 159 45.16 10.02 -9.47
N GLY F 160 44.55 10.39 -8.35
CA GLY F 160 43.13 10.77 -8.32
C GLY F 160 42.18 9.61 -8.62
N GLY F 161 40.96 9.95 -8.98
CA GLY F 161 39.96 8.90 -9.17
C GLY F 161 38.54 9.41 -9.27
N ARG F 162 37.64 8.48 -9.47
CA ARG F 162 36.21 8.75 -9.66
C ARG F 162 35.46 7.70 -8.86
N ILE F 163 34.60 8.18 -7.98
CA ILE F 163 33.68 7.33 -7.18
C ILE F 163 32.26 7.81 -7.46
N ILE F 164 31.44 6.90 -7.93
CA ILE F 164 30.04 7.19 -8.36
C ILE F 164 29.08 6.14 -7.79
N ALA F 165 28.06 6.57 -7.06
CA ALA F 165 27.04 5.69 -6.46
C ALA F 165 25.70 5.85 -7.16
N ALA F 166 24.92 4.79 -7.17
CA ALA F 166 23.47 4.83 -7.48
C ALA F 166 22.74 5.38 -6.24
N SER F 167 22.25 6.62 -6.36
CA SER F 167 21.11 7.11 -5.54
C SER F 167 19.86 6.72 -6.34
N SER F 168 18.84 7.56 -6.37
CA SER F 168 17.55 7.29 -7.04
C SER F 168 16.72 8.58 -7.04
N ALA F 169 15.68 8.63 -7.85
CA ALA F 169 14.68 9.72 -7.70
C ALA F 169 14.16 9.69 -6.25
N ALA F 170 14.01 8.50 -5.64
CA ALA F 170 13.51 8.32 -4.26
C ALA F 170 14.49 8.88 -3.21
N GLY F 171 15.74 9.17 -3.58
CA GLY F 171 16.73 9.84 -2.73
C GLY F 171 16.66 11.35 -2.83
N LYS F 172 15.78 11.89 -3.68
CA LYS F 172 15.57 13.35 -3.82
C LYS F 172 14.16 13.71 -3.36
N LYS F 173 13.21 12.79 -3.56
CA LYS F 173 11.81 12.96 -3.14
C LYS F 173 11.33 11.59 -2.65
N GLY F 174 11.05 11.49 -1.35
CA GLY F 174 10.61 10.26 -0.69
C GLY F 174 9.32 9.76 -1.30
N MET F 175 9.14 8.45 -1.36
CA MET F 175 8.01 7.81 -2.06
C MET F 175 7.22 6.97 -1.06
N ILE F 176 5.89 7.01 -1.20
CA ILE F 176 4.94 6.21 -0.39
C ILE F 176 5.25 4.72 -0.60
N ASN F 177 5.21 3.97 0.50
CA ASN F 177 5.49 2.53 0.57
C ASN F 177 6.94 2.24 0.17
N LEU F 178 7.81 3.23 0.11
CA LEU F 178 9.27 3.00 -0.02
C LEU F 178 10.04 3.75 1.08
N PRO F 179 9.64 3.68 2.36
CA PRO F 179 10.32 4.41 3.43
C PRO F 179 11.76 3.95 3.60
N ALA F 180 12.04 2.63 3.60
CA ALA F 180 13.42 2.10 3.72
C ALA F 180 14.23 2.48 2.47
N TYR F 181 13.66 2.27 1.29
CA TYR F 181 14.37 2.54 0.02
C TYR F 181 14.71 4.03 -0.08
N SER F 182 13.75 4.91 0.17
CA SER F 182 13.90 6.40 0.16
C SER F 182 14.96 6.78 1.20
N ALA F 183 14.89 6.22 2.40
CA ALA F 183 15.86 6.56 3.46
C ALA F 183 17.27 6.20 2.99
N SER F 184 17.44 5.02 2.39
CA SER F 184 18.76 4.49 1.95
C SER F 184 19.29 5.40 0.85
N LYS F 185 18.42 5.88 -0.05
CA LYS F 185 18.89 6.64 -1.23
C LYS F 185 19.14 8.11 -0.85
N PHE F 186 18.40 8.66 0.11
CA PHE F 186 18.77 9.96 0.75
C PHE F 186 20.15 9.82 1.40
N ALA F 187 20.41 8.71 2.12
CA ALA F 187 21.67 8.48 2.85
C ALA F 187 22.84 8.41 1.86
N VAL F 188 22.65 7.82 0.68
CA VAL F 188 23.72 7.76 -0.35
C VAL F 188 24.14 9.20 -0.70
N ARG F 189 23.20 10.14 -0.81
CA ARG F 189 23.56 11.55 -1.17
C ARG F 189 24.34 12.18 -0.03
N GLY F 190 24.00 11.87 1.23
CA GLY F 190 24.68 12.42 2.42
C GLY F 190 26.12 11.95 2.51
N ILE F 191 26.36 10.65 2.28
CA ILE F 191 27.75 10.12 2.30
C ILE F 191 28.51 10.57 1.04
N THR F 192 27.83 10.78 -0.08
CA THR F 192 28.47 11.33 -1.30
C THR F 192 29.04 12.73 -1.00
N GLN F 193 28.27 13.60 -0.31
CA GLN F 193 28.70 14.98 0.00
C GLN F 193 29.86 14.97 1.00
N SER F 194 29.77 14.15 2.04
CA SER F 194 30.83 14.05 3.08
C SER F 194 32.10 13.49 2.43
N ALA F 195 31.99 12.42 1.62
CA ALA F 195 33.16 11.77 0.96
C ALA F 195 33.79 12.75 -0.05
N ALA F 196 33.00 13.53 -0.78
CA ALA F 196 33.52 14.51 -1.76
C ALA F 196 34.47 15.46 -1.05
N LEU F 197 34.06 15.98 0.12
CA LEU F 197 34.90 16.90 0.91
C LEU F 197 36.18 16.18 1.37
N GLU F 198 36.08 14.92 1.81
CA GLU F 198 37.22 14.19 2.40
C GLU F 198 38.25 13.89 1.31
N PHE F 199 37.79 13.51 0.11
CA PHE F 199 38.64 13.00 -0.99
C PHE F 199 39.05 14.13 -1.94
N ALA F 200 38.50 15.34 -1.81
CA ALA F 200 38.85 16.50 -2.66
C ALA F 200 40.37 16.73 -2.67
N PRO F 201 41.09 16.80 -1.53
CA PRO F 201 42.52 17.06 -1.53
C PRO F 201 43.35 16.04 -2.31
N HIS F 202 42.78 14.88 -2.62
CA HIS F 202 43.44 13.76 -3.32
C HIS F 202 42.96 13.63 -4.77
N ASN F 203 42.19 14.62 -5.25
CA ASN F 203 41.73 14.74 -6.66
C ASN F 203 40.84 13.55 -6.98
N ILE F 204 40.03 13.11 -6.02
CA ILE F 204 39.00 12.07 -6.23
C ILE F 204 37.64 12.76 -6.17
N THR F 205 36.84 12.66 -7.22
CA THR F 205 35.45 13.16 -7.21
C THR F 205 34.53 12.04 -6.71
N VAL F 206 33.45 12.43 -6.04
CA VAL F 206 32.40 11.50 -5.57
C VAL F 206 31.05 12.10 -5.96
N ASN F 207 30.28 11.36 -6.76
CA ASN F 207 28.99 11.83 -7.30
C ASN F 207 28.03 10.66 -7.28
N ALA F 208 26.75 10.97 -7.43
CA ALA F 208 25.64 10.00 -7.44
C ALA F 208 24.79 10.30 -8.66
N TYR F 209 24.22 9.25 -9.25
CA TYR F 209 23.18 9.37 -10.31
C TYR F 209 21.84 9.01 -9.68
N CYS F 210 20.81 9.77 -10.06
CA CYS F 210 19.43 9.65 -9.51
C CYS F 210 18.50 9.29 -10.67
N PRO F 211 18.40 8.00 -11.06
CA PRO F 211 17.54 7.61 -12.18
C PRO F 211 16.05 7.66 -11.80
N GLY F 212 15.24 8.07 -12.77
CA GLY F 212 13.77 8.00 -12.71
C GLY F 212 13.32 6.74 -13.39
N GLY F 213 12.52 6.84 -14.44
CA GLY F 213 11.83 5.70 -15.06
C GLY F 213 12.75 5.01 -16.07
N ILE F 214 13.48 3.99 -15.63
CA ILE F 214 14.40 3.22 -16.51
C ILE F 214 13.76 1.87 -16.83
N ARG F 215 13.84 1.44 -18.08
CA ARG F 215 13.41 0.09 -18.54
C ARG F 215 14.65 -0.80 -18.65
N ASN F 232 2.03 7.25 -16.96
CA ASN F 232 2.25 8.29 -18.00
C ASN F 232 3.60 9.01 -17.81
N LEU F 233 4.47 8.53 -16.93
CA LEU F 233 5.75 9.25 -16.70
C LEU F 233 6.79 8.81 -17.73
N PRO F 234 7.75 9.70 -18.05
CA PRO F 234 8.76 9.41 -19.07
C PRO F 234 9.55 8.14 -18.70
N PHE F 235 9.95 7.36 -19.69
CA PHE F 235 10.77 6.12 -19.56
C PHE F 235 11.89 6.12 -20.60
N ALA F 236 12.98 5.48 -20.23
CA ALA F 236 14.15 5.38 -21.11
C ALA F 236 14.93 4.09 -20.83
N ASP F 237 15.71 3.69 -21.81
CA ASP F 237 16.65 2.55 -21.78
C ASP F 237 17.80 2.85 -20.81
N PRO F 238 18.43 1.86 -20.21
CA PRO F 238 19.53 2.07 -19.28
C PRO F 238 20.74 2.82 -19.86
N GLU F 239 20.88 2.88 -21.18
CA GLU F 239 22.01 3.62 -21.79
C GLU F 239 22.03 5.07 -21.27
N VAL F 240 20.90 5.66 -20.85
CA VAL F 240 20.89 7.10 -20.44
C VAL F 240 21.65 7.23 -19.11
N VAL F 241 21.55 6.24 -18.23
CA VAL F 241 22.30 6.25 -16.94
C VAL F 241 23.77 5.91 -17.24
N ALA F 242 24.04 4.92 -18.09
CA ALA F 242 25.43 4.58 -18.49
C ALA F 242 26.10 5.83 -19.08
N SER F 243 25.39 6.64 -19.86
CA SER F 243 25.96 7.88 -20.46
C SER F 243 26.33 8.91 -19.37
N LEU F 244 25.48 9.08 -18.36
CA LEU F 244 25.77 10.06 -17.30
C LEU F 244 26.99 9.58 -16.52
N VAL F 245 27.02 8.28 -16.20
CA VAL F 245 28.13 7.66 -15.41
C VAL F 245 29.45 7.82 -16.19
N SER F 246 29.40 7.51 -17.48
CA SER F 246 30.52 7.64 -18.45
C SER F 246 31.07 9.08 -18.40
N TYR F 247 30.22 10.11 -18.40
CA TYR F 247 30.68 11.52 -18.35
C TYR F 247 31.35 11.83 -17.00
N LEU F 248 30.72 11.47 -15.88
CA LEU F 248 31.27 11.75 -14.53
C LEU F 248 32.65 11.07 -14.38
N ALA F 249 32.84 9.92 -15.03
CA ALA F 249 34.05 9.07 -14.91
C ALA F 249 35.21 9.64 -15.74
N LYS F 250 34.98 10.65 -16.57
CA LYS F 250 36.01 11.15 -17.53
C LYS F 250 37.00 12.07 -16.82
N PRO F 251 38.27 12.11 -17.25
CA PRO F 251 39.24 13.07 -16.70
C PRO F 251 38.74 14.52 -16.72
N GLU F 252 37.97 14.90 -17.73
CA GLU F 252 37.56 16.31 -17.92
C GLU F 252 36.48 16.72 -16.90
N ALA F 253 35.81 15.77 -16.23
CA ALA F 253 34.73 16.02 -15.24
C ALA F 253 35.29 16.27 -13.82
N TYR F 254 36.58 16.62 -13.71
CA TYR F 254 37.32 16.68 -12.43
C TYR F 254 36.75 17.78 -11.50
N PHE F 255 35.94 18.73 -11.97
CA PHE F 255 35.46 19.86 -11.12
C PHE F 255 33.99 19.69 -10.71
N ILE F 256 33.38 18.55 -11.03
CA ILE F 256 32.04 18.16 -10.51
C ILE F 256 32.29 17.16 -9.39
N THR F 257 31.90 17.51 -8.17
CA THR F 257 32.05 16.63 -7.00
C THR F 257 30.95 16.97 -5.97
N GLY F 258 30.51 15.98 -5.23
CA GLY F 258 29.44 16.09 -4.23
C GLY F 258 28.03 16.14 -4.86
N GLN F 259 27.90 15.95 -6.17
CA GLN F 259 26.60 16.21 -6.83
C GLN F 259 25.84 14.90 -7.00
N SER F 260 24.53 14.99 -6.89
CA SER F 260 23.55 13.94 -7.23
C SER F 260 22.68 14.44 -8.39
N ILE F 261 22.86 13.89 -9.59
CA ILE F 261 22.22 14.39 -10.84
C ILE F 261 21.03 13.50 -11.23
N LEU F 262 19.86 14.11 -11.40
CA LEU F 262 18.63 13.41 -11.84
C LEU F 262 18.68 13.17 -13.34
N VAL F 263 18.45 11.92 -13.70
CA VAL F 263 18.32 11.48 -15.10
C VAL F 263 16.96 10.78 -15.18
N ASP F 264 15.90 11.56 -15.42
CA ASP F 264 14.51 11.07 -15.21
C ASP F 264 13.51 11.62 -16.23
N GLY F 265 14.00 12.24 -17.32
CA GLY F 265 13.17 12.87 -18.36
C GLY F 265 12.34 14.04 -17.82
N GLY F 266 12.73 14.63 -16.71
CA GLY F 266 12.13 15.87 -16.22
C GLY F 266 10.94 15.64 -15.31
N VAL F 267 11.05 14.75 -14.32
CA VAL F 267 9.94 14.46 -13.34
C VAL F 267 10.26 15.25 -12.07
N LEU F 268 11.46 15.06 -11.50
CA LEU F 268 12.00 15.92 -10.42
C LEU F 268 13.00 16.88 -11.03
N PHE F 269 13.22 18.03 -10.39
CA PHE F 269 14.23 19.01 -10.83
C PHE F 269 15.07 19.48 -9.65
N ASP F 270 16.35 19.69 -9.90
CA ASP F 270 17.26 20.36 -8.94
C ASP F 270 17.62 21.73 -9.48
N THR G 6 25.05 17.90 -40.04
CA THR G 6 25.88 18.61 -39.03
C THR G 6 24.98 19.49 -38.16
N ARG G 7 25.16 19.43 -36.86
CA ARG G 7 24.33 20.23 -35.94
C ARG G 7 24.89 21.66 -35.81
N VAL G 8 24.00 22.57 -35.49
CA VAL G 8 24.29 24.04 -35.44
C VAL G 8 24.00 24.51 -34.01
N ALA G 9 24.97 25.13 -33.38
CA ALA G 9 24.82 25.81 -32.08
C ALA G 9 24.82 27.33 -32.23
N ILE G 10 24.02 27.99 -31.37
CA ILE G 10 24.26 29.40 -30.99
C ILE G 10 24.81 29.48 -29.56
N VAL G 11 25.85 30.29 -29.35
CA VAL G 11 26.33 30.66 -28.00
C VAL G 11 26.26 32.19 -27.85
N THR G 12 25.52 32.68 -26.86
CA THR G 12 25.44 34.10 -26.49
C THR G 12 26.50 34.43 -25.47
N GLY G 13 26.89 35.70 -25.41
CA GLY G 13 27.99 36.18 -24.55
C GLY G 13 29.27 35.41 -24.84
N ALA G 14 29.56 35.16 -26.12
CA ALA G 14 30.60 34.20 -26.58
C ALA G 14 31.91 34.92 -26.89
N ALA G 15 31.98 36.23 -26.69
CA ALA G 15 33.15 37.04 -27.08
C ALA G 15 34.35 36.59 -26.25
N GLN G 16 34.13 36.21 -24.99
CA GLN G 16 35.21 36.02 -24.00
C GLN G 16 34.80 35.07 -22.88
N GLY G 17 35.80 34.60 -22.14
CA GLY G 17 35.65 33.76 -20.93
C GLY G 17 34.88 32.48 -21.20
N LEU G 18 33.78 32.30 -20.46
CA LEU G 18 32.92 31.07 -20.51
C LEU G 18 32.41 30.85 -21.93
N GLY G 19 31.78 31.87 -22.52
CA GLY G 19 31.11 31.79 -23.83
C GLY G 19 32.07 31.33 -24.92
N ALA G 20 33.26 31.93 -24.97
CA ALA G 20 34.28 31.60 -25.98
C ALA G 20 34.65 30.13 -25.80
N SER G 21 34.93 29.68 -24.58
CA SER G 21 35.34 28.29 -24.29
C SER G 21 34.25 27.32 -24.75
N ILE G 22 32.99 27.66 -24.51
CA ILE G 22 31.81 26.80 -24.83
C ILE G 22 31.72 26.67 -26.37
N ALA G 23 31.81 27.78 -27.09
CA ALA G 23 31.70 27.83 -28.56
C ALA G 23 32.84 27.01 -29.18
N LEU G 24 34.08 27.20 -28.69
CA LEU G 24 35.26 26.44 -29.20
C LEU G 24 35.12 24.93 -28.90
N ARG G 25 34.59 24.54 -27.74
CA ARG G 25 34.36 23.09 -27.43
C ARG G 25 33.27 22.55 -28.35
N LEU G 26 32.19 23.28 -28.60
CA LEU G 26 31.11 22.75 -29.49
C LEU G 26 31.70 22.59 -30.90
N ALA G 27 32.58 23.50 -31.36
CA ALA G 27 33.27 23.34 -32.67
C ALA G 27 34.14 22.07 -32.67
N ASP G 28 34.89 21.81 -31.59
CA ASP G 28 35.72 20.58 -31.45
C ASP G 28 34.82 19.34 -31.46
N ASP G 29 33.61 19.46 -30.93
CA ASP G 29 32.64 18.32 -30.88
C ASP G 29 32.09 18.06 -32.27
N GLY G 30 32.27 18.98 -33.21
CA GLY G 30 31.86 18.79 -34.61
C GLY G 30 30.61 19.59 -34.96
N LEU G 31 30.20 20.56 -34.13
CA LEU G 31 29.06 21.45 -34.48
C LEU G 31 29.56 22.67 -35.26
N ASP G 32 28.74 23.16 -36.21
CA ASP G 32 28.88 24.54 -36.75
C ASP G 32 28.35 25.49 -35.68
N VAL G 33 29.04 26.63 -35.44
CA VAL G 33 28.75 27.53 -34.29
C VAL G 33 28.54 28.97 -34.75
N ALA G 34 27.43 29.55 -34.32
CA ALA G 34 27.16 30.99 -34.37
C ALA G 34 27.42 31.60 -32.99
N VAL G 35 28.18 32.69 -32.96
CA VAL G 35 28.64 33.31 -31.69
C VAL G 35 28.05 34.70 -31.60
N ASN G 36 27.42 34.97 -30.45
CA ASN G 36 26.77 36.26 -30.18
C ASN G 36 27.47 36.95 -29.02
N ASP G 37 27.52 38.28 -29.06
CA ASP G 37 27.80 39.16 -27.89
C ASP G 37 27.36 40.56 -28.28
N ILE G 38 27.57 41.56 -27.41
CA ILE G 38 27.15 42.97 -27.63
C ILE G 38 27.99 43.56 -28.77
N GLY G 39 27.42 44.56 -29.44
CA GLY G 39 28.02 45.29 -30.56
C GLY G 39 29.44 45.73 -30.29
N SER G 40 29.73 46.19 -29.08
CA SER G 40 31.10 46.66 -28.77
C SER G 40 32.19 45.56 -28.80
N LYS G 41 31.83 44.27 -28.77
CA LYS G 41 32.76 43.12 -28.83
C LYS G 41 32.77 42.48 -30.21
N SER G 42 32.20 43.13 -31.21
CA SER G 42 32.21 42.65 -32.62
C SER G 42 33.60 42.11 -33.01
N ASP G 43 34.67 42.68 -32.47
CA ASP G 43 36.06 42.35 -32.89
C ASP G 43 36.50 41.06 -32.19
N GLN G 44 36.08 40.88 -30.94
CA GLN G 44 36.33 39.62 -30.21
C GLN G 44 35.56 38.48 -30.91
N LEU G 45 34.33 38.71 -31.38
CA LEU G 45 33.51 37.65 -32.05
C LEU G 45 34.20 37.18 -33.34
N GLN G 46 34.74 38.13 -34.11
CA GLN G 46 35.35 37.82 -35.43
C GLN G 46 36.58 36.96 -35.18
N GLN G 47 37.27 37.17 -34.07
CA GLN G 47 38.43 36.34 -33.66
C GLN G 47 37.93 34.96 -33.24
N ILE G 48 36.78 34.86 -32.57
CA ILE G 48 36.20 33.52 -32.24
C ILE G 48 35.78 32.81 -33.54
N VAL G 49 35.15 33.51 -34.48
CA VAL G 49 34.75 32.91 -35.79
C VAL G 49 36.00 32.30 -36.46
N ALA G 50 37.12 33.01 -36.47
CA ALA G 50 38.34 32.52 -37.17
C ALA G 50 38.84 31.27 -36.46
N GLN G 51 38.81 31.26 -35.12
CA GLN G 51 39.22 30.10 -34.29
C GLN G 51 38.31 28.89 -34.56
N ILE G 52 37.01 29.09 -34.76
CA ILE G 52 36.08 27.95 -35.05
C ILE G 52 36.38 27.42 -36.47
N GLN G 53 36.59 28.33 -37.40
CA GLN G 53 36.97 27.98 -38.80
C GLN G 53 38.32 27.27 -38.84
N ALA G 54 39.25 27.56 -37.95
CA ALA G 54 40.57 26.87 -37.86
C ALA G 54 40.35 25.39 -37.49
N LYS G 55 39.21 25.02 -36.91
CA LYS G 55 38.91 23.63 -36.47
C LYS G 55 38.14 22.87 -37.58
N GLY G 56 37.98 23.47 -38.77
CA GLY G 56 37.29 22.85 -39.91
C GLY G 56 35.77 23.01 -39.85
N ARG G 57 35.24 23.91 -39.03
CA ARG G 57 33.76 24.09 -38.91
C ARG G 57 33.35 25.43 -39.53
N ARG G 58 32.05 25.59 -39.78
CA ARG G 58 31.45 26.84 -40.28
C ARG G 58 31.06 27.67 -39.08
N ALA G 59 31.24 28.98 -39.16
CA ALA G 59 30.96 29.88 -38.02
C ALA G 59 30.45 31.20 -38.56
N LEU G 60 29.82 31.97 -37.68
CA LEU G 60 29.16 33.24 -38.01
C LEU G 60 29.10 34.05 -36.72
N ALA G 61 29.51 35.32 -36.77
CA ALA G 61 29.23 36.33 -35.74
C ALA G 61 27.82 36.87 -35.95
N VAL G 62 27.00 36.90 -34.89
CA VAL G 62 25.65 37.55 -34.84
C VAL G 62 25.68 38.52 -33.66
N PRO G 63 26.31 39.72 -33.79
CA PRO G 63 26.28 40.73 -32.75
C PRO G 63 24.83 41.19 -32.55
N ALA G 64 24.39 41.28 -31.30
CA ALA G 64 22.98 41.60 -30.94
C ALA G 64 22.85 41.80 -29.43
N ASP G 65 21.83 42.54 -29.04
CA ASP G 65 21.45 42.80 -27.64
C ASP G 65 20.40 41.73 -27.28
N VAL G 66 20.79 40.73 -26.47
CA VAL G 66 19.92 39.56 -26.15
C VAL G 66 18.72 40.01 -25.31
N SER G 67 18.78 41.17 -24.67
CA SER G 67 17.65 41.72 -23.90
C SER G 67 16.58 42.30 -24.85
N ARG G 68 16.84 42.41 -26.15
CA ARG G 68 15.89 42.97 -27.15
C ARG G 68 15.23 41.86 -27.98
N ASP G 69 13.91 41.84 -27.98
CA ASP G 69 13.11 40.81 -28.69
C ASP G 69 13.49 40.78 -30.18
N VAL G 70 13.53 41.94 -30.83
CA VAL G 70 13.79 42.06 -32.28
C VAL G 70 15.19 41.49 -32.57
N ASP G 71 16.20 41.82 -31.74
CA ASP G 71 17.61 41.41 -31.94
C ASP G 71 17.69 39.88 -31.84
N VAL G 72 17.00 39.27 -30.88
CA VAL G 72 17.07 37.79 -30.69
C VAL G 72 16.33 37.10 -31.86
N GLN G 73 15.16 37.59 -32.22
CA GLN G 73 14.42 37.01 -33.35
C GLN G 73 15.31 37.06 -34.59
N ALA G 74 15.95 38.20 -34.88
CA ALA G 74 16.79 38.40 -36.10
C ALA G 74 18.08 37.55 -36.05
N MET G 75 18.70 37.41 -34.88
CA MET G 75 19.86 36.51 -34.69
C MET G 75 19.50 35.06 -35.08
N VAL G 76 18.44 34.47 -34.52
CA VAL G 76 18.03 33.07 -34.82
C VAL G 76 17.73 32.92 -36.33
N ALA G 77 16.93 33.83 -36.90
CA ALA G 77 16.65 33.89 -38.35
C ALA G 77 17.98 33.93 -39.15
N LYS G 78 18.95 34.77 -38.78
CA LYS G 78 20.24 34.90 -39.51
C LYS G 78 20.99 33.54 -39.48
N VAL G 79 21.01 32.88 -38.32
CA VAL G 79 21.74 31.58 -38.16
C VAL G 79 21.00 30.52 -38.97
N VAL G 80 19.67 30.49 -38.92
CA VAL G 80 18.88 29.48 -39.70
C VAL G 80 19.14 29.66 -41.21
N GLU G 81 19.15 30.91 -41.68
CA GLU G 81 19.43 31.28 -43.11
C GLU G 81 20.83 30.81 -43.53
N GLU G 82 21.88 31.14 -42.76
CA GLU G 82 23.29 30.94 -43.15
C GLU G 82 23.77 29.51 -42.82
N LEU G 83 23.40 28.92 -41.68
CA LEU G 83 23.93 27.59 -41.29
C LEU G 83 22.89 26.46 -41.46
N GLY G 84 21.67 26.76 -41.91
CA GLY G 84 20.65 25.79 -42.34
C GLY G 84 21.20 24.37 -42.43
N TYR G 108 19.59 25.98 -39.89
CA TYR G 108 19.10 25.11 -38.80
C TYR G 108 19.55 25.65 -37.45
N ASP G 109 18.85 25.26 -36.39
CA ASP G 109 19.28 25.50 -34.99
C ASP G 109 19.06 24.18 -34.23
N LEU G 110 20.10 23.58 -33.64
CA LEU G 110 19.98 22.35 -32.84
C LEU G 110 20.33 22.58 -31.37
N GLN G 111 21.24 23.53 -31.11
CA GLN G 111 21.66 23.83 -29.74
C GLN G 111 21.70 25.34 -29.48
N MET G 112 21.06 25.74 -28.40
CA MET G 112 21.06 27.14 -27.94
C MET G 112 21.70 27.17 -26.55
N VAL G 113 22.83 27.90 -26.45
CA VAL G 113 23.51 28.20 -25.17
C VAL G 113 23.32 29.70 -24.87
N ALA G 114 22.38 30.00 -23.97
CA ALA G 114 22.11 31.36 -23.45
C ALA G 114 23.09 31.64 -22.30
N ASN G 115 24.29 32.08 -22.66
CA ASN G 115 25.42 32.27 -21.70
C ASN G 115 25.54 33.74 -21.29
N ALA G 116 24.98 34.68 -22.03
CA ALA G 116 25.20 36.12 -21.75
C ALA G 116 24.71 36.42 -20.33
N GLY G 117 25.51 37.18 -19.60
CA GLY G 117 25.21 37.58 -18.22
C GLY G 117 26.16 38.68 -17.84
N ILE G 118 25.78 39.47 -16.85
CA ILE G 118 26.69 40.44 -16.18
C ILE G 118 26.62 40.16 -14.70
N VAL G 119 27.77 40.29 -14.04
CA VAL G 119 27.92 40.20 -12.58
C VAL G 119 28.22 41.61 -12.10
N LEU G 120 27.33 42.22 -11.28
CA LEU G 120 27.67 43.47 -10.57
C LEU G 120 27.37 43.28 -9.09
N TYR G 121 28.30 43.70 -8.21
CA TYR G 121 28.15 43.71 -6.74
C TYR G 121 27.48 45.03 -6.36
N GLN G 122 26.34 44.94 -5.70
CA GLN G 122 25.61 46.07 -5.13
C GLN G 122 24.68 45.52 -4.05
N SER G 123 24.87 45.95 -2.81
CA SER G 123 24.03 45.59 -1.65
C SER G 123 22.62 46.10 -1.93
N LEU G 124 21.66 45.53 -1.22
CA LEU G 124 20.24 45.96 -1.22
C LEU G 124 20.14 47.40 -0.71
N ALA G 125 20.82 47.75 0.39
CA ALA G 125 20.88 49.13 0.91
C ALA G 125 21.18 50.11 -0.24
N ASP G 126 22.16 49.77 -1.08
CA ASP G 126 22.74 50.66 -2.12
C ASP G 126 22.07 50.43 -3.49
N THR G 127 21.00 49.63 -3.59
CA THR G 127 20.50 49.15 -4.89
C THR G 127 20.02 50.37 -5.67
N GLN G 128 20.57 50.59 -6.86
CA GLN G 128 20.05 51.57 -7.86
C GLN G 128 19.15 50.79 -8.84
N LEU G 129 17.97 51.29 -9.13
CA LEU G 129 17.06 50.62 -10.09
C LEU G 129 17.76 50.43 -11.44
N GLU G 130 18.63 51.36 -11.86
CA GLU G 130 19.36 51.26 -13.16
C GLU G 130 20.16 49.96 -13.16
N VAL G 131 20.86 49.66 -12.07
CA VAL G 131 21.67 48.43 -11.93
C VAL G 131 20.73 47.23 -11.87
N TRP G 132 19.70 47.29 -11.03
CA TRP G 132 18.76 46.15 -10.82
C TRP G 132 18.18 45.77 -12.19
N ASP G 133 17.63 46.74 -12.90
CA ASP G 133 16.81 46.54 -14.11
C ASP G 133 17.73 45.97 -15.19
N ARG G 134 18.96 46.45 -15.28
CA ARG G 134 19.94 45.99 -16.30
C ARG G 134 20.33 44.52 -16.08
N ILE G 135 20.63 44.15 -14.84
CA ILE G 135 20.99 42.74 -14.52
C ILE G 135 19.81 41.87 -14.93
N MET G 136 18.58 42.25 -14.58
CA MET G 136 17.37 41.44 -14.91
C MET G 136 17.16 41.40 -16.43
N SER G 137 17.42 42.47 -17.20
CA SER G 137 17.15 42.48 -18.65
C SER G 137 18.13 41.54 -19.39
N VAL G 138 19.43 41.56 -19.06
CA VAL G 138 20.45 40.70 -19.73
C VAL G 138 20.34 39.27 -19.19
N ASN G 139 20.35 39.11 -17.86
CA ASN G 139 20.54 37.80 -17.19
C ASN G 139 19.28 36.93 -17.31
N LEU G 140 18.09 37.53 -17.23
CA LEU G 140 16.81 36.75 -17.22
C LEU G 140 16.02 36.98 -18.51
N ARG G 141 15.72 38.24 -18.85
CA ARG G 141 14.93 38.54 -20.09
C ARG G 141 15.68 37.97 -21.31
N GLY G 142 17.00 38.17 -21.39
CA GLY G 142 17.87 37.59 -22.41
C GLY G 142 17.75 36.08 -22.52
N VAL G 143 17.72 35.39 -21.38
CA VAL G 143 17.58 33.91 -21.36
C VAL G 143 16.17 33.55 -21.85
N MET G 144 15.14 34.24 -21.38
CA MET G 144 13.74 33.95 -21.79
C MET G 144 13.62 34.10 -23.31
N LEU G 145 14.19 35.15 -23.90
CA LEU G 145 14.03 35.40 -25.36
C LEU G 145 14.79 34.33 -26.15
N CYS G 146 15.98 33.94 -25.71
CA CYS G 146 16.77 32.89 -26.39
C CYS G 146 16.03 31.56 -26.26
N TYR G 147 15.45 31.27 -25.08
CA TYR G 147 14.61 30.08 -24.83
C TYR G 147 13.43 30.08 -25.80
N LYS G 148 12.73 31.20 -25.90
CA LYS G 148 11.49 31.28 -26.69
C LYS G 148 11.83 31.03 -28.17
N TYR G 149 12.77 31.79 -28.74
CA TYR G 149 13.04 31.75 -30.19
C TYR G 149 13.80 30.47 -30.57
N ALA G 150 14.67 29.93 -29.72
CA ALA G 150 15.30 28.61 -29.98
C ALA G 150 14.18 27.57 -30.04
N GLY G 151 13.30 27.59 -29.05
CA GLY G 151 12.20 26.62 -28.93
C GLY G 151 11.32 26.65 -30.16
N VAL G 152 10.91 27.84 -30.58
CA VAL G 152 9.95 27.99 -31.72
C VAL G 152 10.62 27.45 -32.99
N GLN G 153 11.89 27.74 -33.21
CA GLN G 153 12.62 27.22 -34.39
C GLN G 153 12.70 25.69 -34.29
N MET G 154 13.05 25.17 -33.12
CA MET G 154 13.28 23.72 -32.99
C MET G 154 11.95 22.97 -33.15
N ILE G 155 10.86 23.50 -32.62
CA ILE G 155 9.49 22.94 -32.85
C ILE G 155 9.24 22.89 -34.38
N LYS G 156 9.54 23.97 -35.08
CA LYS G 156 9.26 24.09 -36.53
C LYS G 156 10.09 23.01 -37.25
N GLN G 157 11.32 22.75 -36.82
CA GLN G 157 12.18 21.77 -37.53
C GLN G 157 11.70 20.34 -37.27
N GLY G 158 11.16 20.02 -36.09
CA GLY G 158 10.64 18.68 -35.73
C GLY G 158 11.72 17.63 -35.51
N ARG G 159 12.94 18.01 -35.16
CA ARG G 159 14.01 17.01 -34.87
C ARG G 159 14.58 17.24 -33.46
N GLY G 160 13.82 17.86 -32.57
CA GLY G 160 14.24 17.99 -31.17
C GLY G 160 15.33 19.04 -31.05
N GLY G 161 16.02 19.07 -29.94
CA GLY G 161 17.06 20.08 -29.73
C GLY G 161 17.50 20.16 -28.29
N ARG G 162 18.43 21.05 -28.04
CA ARG G 162 19.09 21.22 -26.73
C ARG G 162 19.10 22.72 -26.47
N ILE G 163 18.57 23.13 -25.35
CA ILE G 163 18.62 24.53 -24.88
C ILE G 163 19.28 24.48 -23.51
N ILE G 164 20.27 25.35 -23.33
CA ILE G 164 21.13 25.35 -22.12
C ILE G 164 21.35 26.82 -21.69
N ALA G 165 21.07 27.16 -20.45
CA ALA G 165 21.32 28.52 -19.92
C ALA G 165 22.42 28.50 -18.84
N ALA G 166 23.13 29.62 -18.76
CA ALA G 166 24.02 29.96 -17.65
C ALA G 166 23.15 30.37 -16.47
N SER G 167 23.04 29.48 -15.48
CA SER G 167 22.70 29.92 -14.10
C SER G 167 24.02 30.23 -13.42
N SER G 168 24.20 29.84 -12.17
CA SER G 168 25.40 30.21 -11.37
C SER G 168 25.25 29.51 -10.02
N ALA G 169 26.34 29.27 -9.30
CA ALA G 169 26.26 28.83 -7.90
C ALA G 169 25.40 29.84 -7.11
N ALA G 170 25.38 31.10 -7.53
CA ALA G 170 24.54 32.17 -6.91
C ALA G 170 23.06 31.93 -7.23
N GLY G 171 22.77 31.09 -8.23
CA GLY G 171 21.42 30.58 -8.57
C GLY G 171 20.96 29.43 -7.68
N LYS G 172 21.84 28.83 -6.90
CA LYS G 172 21.53 27.69 -5.98
C LYS G 172 21.62 28.15 -4.51
N LYS G 173 22.52 29.08 -4.18
CA LYS G 173 22.57 29.71 -2.83
C LYS G 173 22.80 31.22 -3.01
N GLY G 174 21.86 32.03 -2.55
CA GLY G 174 21.95 33.50 -2.66
C GLY G 174 23.25 34.00 -2.04
N MET G 175 23.84 35.03 -2.61
CA MET G 175 25.21 35.50 -2.25
C MET G 175 25.14 36.93 -1.72
N ILE G 176 25.93 37.22 -0.70
CA ILE G 176 25.95 38.58 -0.12
C ILE G 176 26.45 39.57 -1.17
N ASN G 177 25.85 40.76 -1.17
CA ASN G 177 26.13 41.86 -2.14
C ASN G 177 25.87 41.43 -3.58
N LEU G 178 25.18 40.31 -3.84
CA LEU G 178 24.67 39.97 -5.19
C LEU G 178 23.15 39.73 -5.17
N PRO G 179 22.30 40.59 -4.57
CA PRO G 179 20.88 40.32 -4.51
C PRO G 179 20.29 40.25 -5.92
N ALA G 180 20.64 41.21 -6.80
CA ALA G 180 20.10 41.24 -8.18
C ALA G 180 20.63 40.04 -8.98
N TYR G 181 21.95 39.84 -8.97
CA TYR G 181 22.57 38.69 -9.67
C TYR G 181 21.94 37.38 -9.19
N SER G 182 21.89 37.17 -7.88
CA SER G 182 21.31 35.94 -7.26
C SER G 182 19.85 35.76 -7.70
N ALA G 183 19.03 36.81 -7.60
CA ALA G 183 17.62 36.74 -8.03
C ALA G 183 17.60 36.31 -9.50
N SER G 184 18.46 36.89 -10.35
CA SER G 184 18.41 36.64 -11.82
C SER G 184 18.79 35.18 -12.11
N LYS G 185 19.74 34.59 -11.38
CA LYS G 185 20.25 33.22 -11.63
C LYS G 185 19.31 32.17 -11.02
N PHE G 186 18.60 32.48 -9.91
CA PHE G 186 17.46 31.66 -9.42
C PHE G 186 16.38 31.66 -10.52
N ALA G 187 16.04 32.82 -11.09
CA ALA G 187 14.96 32.97 -12.09
C ALA G 187 15.26 32.09 -13.31
N VAL G 188 16.53 32.06 -13.74
CA VAL G 188 16.99 31.19 -14.86
C VAL G 188 16.63 29.73 -14.54
N ARG G 189 16.76 29.26 -13.29
CA ARG G 189 16.41 27.83 -13.01
C ARG G 189 14.89 27.66 -13.13
N GLY G 190 14.13 28.65 -12.64
CA GLY G 190 12.65 28.65 -12.73
C GLY G 190 12.17 28.49 -14.15
N ILE G 191 12.63 29.34 -15.05
CA ILE G 191 12.20 29.24 -16.48
C ILE G 191 12.74 27.96 -17.14
N THR G 192 13.96 27.48 -16.80
CA THR G 192 14.50 26.17 -17.26
C THR G 192 13.52 25.02 -16.92
N GLN G 193 12.98 24.98 -15.70
CA GLN G 193 12.05 23.91 -15.26
C GLN G 193 10.71 24.05 -15.99
N SER G 194 10.18 25.26 -16.10
CA SER G 194 8.91 25.49 -16.82
C SER G 194 9.07 25.14 -18.32
N ALA G 195 10.14 25.63 -18.94
CA ALA G 195 10.43 25.43 -20.37
C ALA G 195 10.67 23.92 -20.61
N ALA G 196 11.33 23.23 -19.68
CA ALA G 196 11.63 21.79 -19.83
C ALA G 196 10.31 21.04 -20.00
N LEU G 197 9.34 21.34 -19.16
CA LEU G 197 7.97 20.74 -19.22
C LEU G 197 7.28 21.12 -20.54
N GLU G 198 7.40 22.37 -20.96
CA GLU G 198 6.68 22.88 -22.17
C GLU G 198 7.21 22.18 -23.42
N PHE G 199 8.53 21.99 -23.53
CA PHE G 199 9.22 21.54 -24.76
C PHE G 199 9.45 20.02 -24.74
N ALA G 200 9.17 19.33 -23.63
CA ALA G 200 9.43 17.87 -23.53
C ALA G 200 8.75 17.11 -24.68
N PRO G 201 7.47 17.38 -25.03
CA PRO G 201 6.79 16.65 -26.11
C PRO G 201 7.45 16.85 -27.49
N HIS G 202 8.32 17.86 -27.65
CA HIS G 202 9.06 18.08 -28.91
C HIS G 202 10.48 17.55 -28.78
N ASN G 203 10.78 16.79 -27.75
CA ASN G 203 12.13 16.19 -27.52
C ASN G 203 13.16 17.32 -27.54
N ILE G 204 12.84 18.45 -26.93
CA ILE G 204 13.83 19.52 -26.64
C ILE G 204 14.16 19.46 -25.16
N THR G 205 15.41 19.18 -24.80
CA THR G 205 15.86 19.27 -23.39
C THR G 205 16.21 20.74 -23.07
N VAL G 206 15.91 21.14 -21.85
CA VAL G 206 16.25 22.48 -21.31
C VAL G 206 16.92 22.31 -19.95
N ASN G 207 18.17 22.76 -19.84
CA ASN G 207 19.01 22.55 -18.63
C ASN G 207 19.82 23.82 -18.37
N ALA G 208 20.50 23.86 -17.24
CA ALA G 208 21.29 25.03 -16.84
C ALA G 208 22.56 24.54 -16.14
N TYR G 209 23.65 25.30 -16.29
CA TYR G 209 24.93 25.05 -15.61
C TYR G 209 25.09 26.11 -14.52
N CYS G 210 25.61 25.69 -13.36
CA CYS G 210 25.79 26.54 -12.17
C CYS G 210 27.28 26.51 -11.80
N PRO G 211 28.11 27.33 -12.45
CA PRO G 211 29.55 27.39 -12.12
C PRO G 211 29.89 28.14 -10.84
N GLY G 212 31.00 27.75 -10.22
CA GLY G 212 31.62 28.53 -9.13
C GLY G 212 33.12 28.40 -9.26
N GLY G 213 33.88 29.43 -8.88
CA GLY G 213 35.36 29.39 -8.83
C GLY G 213 36.03 29.28 -10.18
N ILE G 214 35.39 29.77 -11.25
CA ILE G 214 35.98 29.78 -12.63
C ILE G 214 36.92 31.01 -12.77
N ARG G 215 38.16 30.84 -13.26
CA ARG G 215 39.13 31.97 -13.37
C ARG G 215 38.84 32.78 -14.65
N LEU G 226 45.93 42.66 -15.05
CA LEU G 226 44.99 42.16 -14.03
C LEU G 226 45.73 41.29 -13.00
N LEU G 227 45.39 41.45 -11.73
CA LEU G 227 46.07 40.67 -10.68
C LEU G 227 45.48 39.27 -10.62
N ASP G 228 46.30 38.35 -10.13
CA ASP G 228 45.91 36.94 -9.89
C ASP G 228 45.54 36.83 -8.39
N LEU G 229 44.37 37.31 -8.00
CA LEU G 229 43.97 37.37 -6.57
C LEU G 229 43.90 36.01 -5.87
N PRO G 230 44.36 35.91 -4.61
CA PRO G 230 44.39 34.66 -3.91
C PRO G 230 42.96 34.18 -3.69
N THR G 231 42.79 32.89 -3.83
CA THR G 231 41.48 32.28 -3.56
C THR G 231 41.68 31.09 -2.64
N ASN G 232 40.85 31.06 -1.65
CA ASN G 232 40.83 29.92 -0.68
C ASN G 232 39.81 28.87 -1.13
N LEU G 233 39.13 29.08 -2.23
CA LEU G 233 38.16 28.07 -2.73
C LEU G 233 38.73 27.31 -3.93
N PRO G 234 38.20 26.10 -4.24
CA PRO G 234 38.58 25.39 -5.47
C PRO G 234 38.39 26.34 -6.66
N PHE G 235 39.27 26.23 -7.64
CA PHE G 235 39.20 27.07 -8.85
C PHE G 235 39.48 26.18 -10.05
N ALA G 236 38.97 26.55 -11.22
CA ALA G 236 39.19 25.83 -12.50
C ALA G 236 39.15 26.83 -13.65
N ASP G 237 39.66 26.46 -14.81
CA ASP G 237 39.53 27.28 -16.05
C ASP G 237 38.19 26.96 -16.70
N PRO G 238 37.68 27.83 -17.59
CA PRO G 238 36.35 27.69 -18.20
C PRO G 238 36.07 26.38 -18.95
N GLU G 239 37.13 25.70 -19.36
CA GLU G 239 37.02 24.41 -20.08
C GLU G 239 36.14 23.42 -19.30
N VAL G 240 36.09 23.51 -17.97
CA VAL G 240 35.27 22.57 -17.14
C VAL G 240 33.78 22.86 -17.36
N VAL G 241 33.42 24.11 -17.57
CA VAL G 241 32.01 24.48 -17.87
C VAL G 241 31.71 24.03 -19.30
N ALA G 242 32.63 24.30 -20.24
CA ALA G 242 32.51 23.88 -21.66
C ALA G 242 32.30 22.37 -21.73
N SER G 243 33.01 21.60 -20.90
CA SER G 243 32.85 20.13 -20.87
C SER G 243 31.42 19.72 -20.46
N LEU G 244 30.84 20.37 -19.45
CA LEU G 244 29.47 20.04 -18.98
C LEU G 244 28.48 20.43 -20.07
N VAL G 245 28.64 21.61 -20.66
CA VAL G 245 27.68 22.11 -21.70
C VAL G 245 27.76 21.16 -22.90
N SER G 246 28.98 20.80 -23.31
CA SER G 246 29.25 19.80 -24.37
C SER G 246 28.43 18.52 -24.14
N TYR G 247 28.48 17.97 -22.94
CA TYR G 247 27.80 16.69 -22.59
C TYR G 247 26.29 16.89 -22.72
N LEU G 248 25.76 17.96 -22.10
CA LEU G 248 24.29 18.19 -22.09
C LEU G 248 23.80 18.38 -23.51
N ALA G 249 24.63 18.90 -24.39
CA ALA G 249 24.31 19.23 -25.79
C ALA G 249 24.26 17.95 -26.63
N LYS G 250 24.67 16.81 -26.10
CA LYS G 250 24.84 15.59 -26.92
C LYS G 250 23.48 14.90 -27.13
N PRO G 251 23.35 14.21 -28.27
CA PRO G 251 22.22 13.31 -28.53
C PRO G 251 21.92 12.36 -27.35
N GLU G 252 22.95 11.73 -26.77
CA GLU G 252 22.76 10.67 -25.74
C GLU G 252 22.12 11.22 -24.45
N ALA G 253 22.22 12.53 -24.22
CA ALA G 253 21.78 13.23 -22.98
C ALA G 253 20.31 13.64 -23.08
N TYR G 254 19.51 12.92 -23.87
CA TYR G 254 18.10 13.28 -24.12
C TYR G 254 17.23 13.06 -22.88
N PHE G 255 17.68 12.35 -21.85
CA PHE G 255 16.82 12.04 -20.67
C PHE G 255 17.15 12.94 -19.49
N ILE G 256 18.09 13.87 -19.64
CA ILE G 256 18.32 14.95 -18.65
C ILE G 256 17.61 16.20 -19.12
N THR G 257 16.60 16.65 -18.39
CA THR G 257 15.91 17.93 -18.72
C THR G 257 15.42 18.55 -17.42
N GLY G 258 15.38 19.88 -17.41
CA GLY G 258 14.91 20.67 -16.26
C GLY G 258 15.99 20.86 -15.20
N GLN G 259 17.20 20.32 -15.42
CA GLN G 259 18.24 20.23 -14.34
C GLN G 259 19.15 21.45 -14.39
N SER G 260 19.59 21.88 -13.21
CA SER G 260 20.63 22.91 -13.00
C SER G 260 21.80 22.24 -12.26
N ILE G 261 22.94 22.04 -12.93
CA ILE G 261 24.09 21.21 -12.44
C ILE G 261 25.22 22.13 -11.95
N LEU G 262 25.71 21.87 -10.73
CA LEU G 262 26.83 22.62 -10.12
C LEU G 262 28.16 22.08 -10.62
N VAL G 263 28.99 22.96 -11.15
CA VAL G 263 30.39 22.69 -11.58
C VAL G 263 31.23 23.72 -10.82
N ASP G 264 31.64 23.36 -9.61
CA ASP G 264 32.20 24.31 -8.62
C ASP G 264 33.24 23.65 -7.71
N GLY G 265 33.72 22.46 -8.05
CA GLY G 265 34.73 21.73 -7.24
C GLY G 265 34.24 21.36 -5.86
N GLY G 266 32.93 21.36 -5.60
CA GLY G 266 32.32 20.84 -4.35
C GLY G 266 32.24 21.89 -3.27
N VAL G 267 31.85 23.12 -3.61
CA VAL G 267 31.54 24.18 -2.62
C VAL G 267 30.05 24.05 -2.24
N LEU G 268 29.18 23.92 -3.23
CA LEU G 268 27.73 23.72 -3.05
C LEU G 268 27.38 22.34 -3.57
N PHE G 269 26.43 21.68 -2.92
CA PHE G 269 25.91 20.34 -3.30
C PHE G 269 24.41 20.46 -3.62
N ASP G 270 23.93 19.82 -4.69
CA ASP G 270 22.48 19.61 -4.98
C ASP G 270 21.96 18.45 -4.11
N SER H 5 5.54 47.02 24.31
CA SER H 5 5.46 48.12 23.27
C SER H 5 5.20 47.52 21.88
N THR H 6 4.22 48.07 21.14
CA THR H 6 3.47 47.41 20.05
C THR H 6 4.36 47.30 18.79
N ARG H 7 4.40 46.14 18.14
CA ARG H 7 5.08 45.99 16.83
C ARG H 7 4.14 46.34 15.67
N VAL H 8 4.74 46.85 14.59
CA VAL H 8 4.03 47.42 13.44
C VAL H 8 4.38 46.62 12.19
N ALA H 9 3.37 46.15 11.48
CA ALA H 9 3.53 45.40 10.21
C ALA H 9 2.99 46.25 9.05
N ILE H 10 3.63 46.11 7.88
CA ILE H 10 3.04 46.43 6.56
C ILE H 10 2.75 45.10 5.86
N VAL H 11 1.56 44.97 5.27
CA VAL H 11 1.21 43.86 4.36
C VAL H 11 0.85 44.45 2.99
N THR H 12 1.61 44.15 1.96
CA THR H 12 1.27 44.56 0.56
C THR H 12 0.30 43.51 -0.05
N GLY H 13 -0.50 43.91 -1.03
CA GLY H 13 -1.50 43.01 -1.65
C GLY H 13 -2.52 42.53 -0.62
N ALA H 14 -2.99 43.43 0.24
CA ALA H 14 -3.74 43.08 1.45
C ALA H 14 -5.26 43.26 1.25
N ALA H 15 -5.72 43.80 0.13
CA ALA H 15 -7.16 44.09 -0.06
C ALA H 15 -7.95 42.78 0.05
N GLN H 16 -7.42 41.69 -0.53
CA GLN H 16 -8.18 40.47 -0.84
C GLN H 16 -7.38 39.23 -0.43
N GLY H 17 -8.08 38.14 -0.14
CA GLY H 17 -7.53 36.77 -0.15
C GLY H 17 -6.43 36.57 0.87
N LEU H 18 -5.26 36.13 0.40
CA LEU H 18 -4.07 35.76 1.21
C LEU H 18 -3.65 36.98 2.05
N GLY H 19 -3.45 38.12 1.38
CA GLY H 19 -2.95 39.37 2.01
C GLY H 19 -3.84 39.82 3.16
N ALA H 20 -5.14 39.82 2.94
CA ALA H 20 -6.13 40.21 3.98
C ALA H 20 -6.01 39.22 5.14
N SER H 21 -5.85 37.93 4.83
CA SER H 21 -5.84 36.86 5.86
C SER H 21 -4.59 37.03 6.73
N ILE H 22 -3.46 37.42 6.14
CA ILE H 22 -2.20 37.69 6.87
C ILE H 22 -2.37 38.93 7.75
N ALA H 23 -2.94 40.00 7.19
CA ALA H 23 -3.11 41.29 7.91
C ALA H 23 -3.95 41.03 9.17
N LEU H 24 -5.07 40.32 9.02
CA LEU H 24 -6.03 40.08 10.14
C LEU H 24 -5.40 39.18 11.19
N ARG H 25 -4.59 38.21 10.79
CA ARG H 25 -3.92 37.31 11.78
C ARG H 25 -2.84 38.09 12.55
N LEU H 26 -2.08 38.96 11.88
CA LEU H 26 -1.02 39.76 12.57
C LEU H 26 -1.71 40.73 13.56
N ALA H 27 -2.89 41.24 13.22
CA ALA H 27 -3.71 42.08 14.14
C ALA H 27 -4.16 41.22 15.34
N ASP H 28 -4.62 39.99 15.11
CA ASP H 28 -4.98 39.04 16.21
C ASP H 28 -3.76 38.77 17.10
N ASP H 29 -2.56 38.73 16.53
CA ASP H 29 -1.32 38.44 17.30
C ASP H 29 -0.88 39.67 18.10
N GLY H 30 -1.48 40.85 17.90
CA GLY H 30 -1.15 42.03 18.74
C GLY H 30 -0.32 43.08 18.00
N LEU H 31 -0.18 42.99 16.68
CA LEU H 31 0.56 44.00 15.90
C LEU H 31 -0.40 45.06 15.39
N ASP H 32 0.06 46.30 15.31
CA ASP H 32 -0.57 47.35 14.50
C ASP H 32 -0.21 47.06 13.05
N VAL H 33 -1.16 47.20 12.13
CA VAL H 33 -0.97 46.75 10.72
C VAL H 33 -1.32 47.90 9.78
N ALA H 34 -0.42 48.22 8.85
CA ALA H 34 -0.73 49.07 7.70
C ALA H 34 -0.96 48.13 6.52
N VAL H 35 -2.03 48.33 5.76
CA VAL H 35 -2.34 47.45 4.60
C VAL H 35 -2.22 48.23 3.31
N ASN H 36 -1.59 47.60 2.34
CA ASN H 36 -1.34 48.23 1.03
C ASN H 36 -2.04 47.41 -0.05
N ASP H 37 -2.53 48.10 -1.08
CA ASP H 37 -2.86 47.50 -2.40
C ASP H 37 -2.99 48.66 -3.38
N ILE H 38 -3.31 48.38 -4.64
CA ILE H 38 -3.36 49.39 -5.73
C ILE H 38 -4.48 50.39 -5.43
N GLY H 39 -4.33 51.63 -5.93
CA GLY H 39 -5.25 52.77 -5.75
C GLY H 39 -6.73 52.37 -5.89
N SER H 40 -7.06 51.57 -6.90
CA SER H 40 -8.46 51.20 -7.29
C SER H 40 -9.13 50.32 -6.23
N LYS H 41 -8.37 49.67 -5.35
CA LYS H 41 -8.96 48.79 -4.30
C LYS H 41 -8.99 49.53 -2.95
N SER H 42 -8.92 50.87 -2.95
CA SER H 42 -8.91 51.71 -1.72
C SER H 42 -10.12 51.41 -0.82
N ASP H 43 -11.26 50.99 -1.38
CA ASP H 43 -12.52 50.72 -0.63
C ASP H 43 -12.41 49.36 0.08
N GLN H 44 -11.83 48.36 -0.57
CA GLN H 44 -11.60 47.07 0.13
C GLN H 44 -10.61 47.27 1.28
N LEU H 45 -9.58 48.13 1.12
CA LEU H 45 -8.52 48.44 2.12
C LEU H 45 -9.13 49.03 3.39
N GLN H 46 -10.18 49.85 3.23
CA GLN H 46 -10.83 50.59 4.34
C GLN H 46 -11.57 49.59 5.22
N GLN H 47 -12.16 48.56 4.62
CA GLN H 47 -12.85 47.46 5.36
C GLN H 47 -11.83 46.62 6.13
N ILE H 48 -10.65 46.36 5.53
CA ILE H 48 -9.58 45.60 6.23
C ILE H 48 -9.13 46.42 7.45
N VAL H 49 -8.86 47.71 7.24
CA VAL H 49 -8.46 48.70 8.29
C VAL H 49 -9.52 48.70 9.41
N ALA H 50 -10.80 48.79 9.06
CA ALA H 50 -11.92 48.70 10.04
C ALA H 50 -11.84 47.38 10.80
N GLN H 51 -11.60 46.26 10.11
CA GLN H 51 -11.59 44.93 10.75
C GLN H 51 -10.35 44.75 11.62
N ILE H 52 -9.23 45.41 11.28
CA ILE H 52 -8.02 45.46 12.16
C ILE H 52 -8.38 46.32 13.38
N GLN H 53 -8.97 47.49 13.15
CA GLN H 53 -9.34 48.43 14.27
C GLN H 53 -10.33 47.71 15.18
N ALA H 54 -11.23 46.91 14.59
CA ALA H 54 -12.23 46.05 15.28
C ALA H 54 -11.57 45.21 16.38
N LYS H 55 -10.30 44.80 16.21
CA LYS H 55 -9.58 43.92 17.17
C LYS H 55 -8.81 44.76 18.20
N GLY H 56 -8.95 46.10 18.18
CA GLY H 56 -8.30 47.01 19.15
C GLY H 56 -6.84 47.34 18.79
N ARG H 57 -6.48 47.22 17.51
CA ARG H 57 -5.14 47.62 17.01
C ARG H 57 -5.28 48.92 16.22
N ARG H 58 -4.16 49.61 16.05
CA ARG H 58 -4.10 50.70 15.06
C ARG H 58 -3.94 50.08 13.66
N ALA H 59 -4.51 50.74 12.67
CA ALA H 59 -4.39 50.33 11.26
C ALA H 59 -4.41 51.56 10.38
N LEU H 60 -3.86 51.42 9.18
CA LEU H 60 -3.69 52.48 8.17
C LEU H 60 -3.83 51.84 6.78
N ALA H 61 -4.54 52.50 5.86
CA ALA H 61 -4.57 52.18 4.41
C ALA H 61 -3.42 52.97 3.75
N VAL H 62 -2.51 52.30 3.06
CA VAL H 62 -1.42 53.00 2.34
C VAL H 62 -1.43 52.50 0.90
N PRO H 63 -2.35 53.02 0.07
CA PRO H 63 -2.43 52.56 -1.32
C PRO H 63 -1.15 53.02 -2.01
N ALA H 64 -0.62 52.19 -2.92
CA ALA H 64 0.67 52.39 -3.61
C ALA H 64 0.90 51.26 -4.60
N ASP H 65 1.61 51.58 -5.68
CA ASP H 65 2.05 50.64 -6.72
C ASP H 65 3.44 50.15 -6.31
N VAL H 66 3.52 48.91 -5.81
CA VAL H 66 4.78 48.36 -5.25
C VAL H 66 5.84 48.24 -6.35
N SER H 67 5.49 48.38 -7.64
CA SER H 67 6.51 48.32 -8.71
C SER H 67 7.26 49.64 -8.82
N ARG H 68 6.84 50.69 -8.10
CA ARG H 68 7.41 52.06 -8.25
C ARG H 68 8.24 52.40 -7.03
N ASP H 69 9.52 52.73 -7.25
CA ASP H 69 10.46 53.13 -6.17
C ASP H 69 9.84 54.24 -5.30
N VAL H 70 9.34 55.33 -5.92
CA VAL H 70 8.83 56.49 -5.14
C VAL H 70 7.63 56.06 -4.30
N ASP H 71 6.73 55.24 -4.85
CA ASP H 71 5.53 54.78 -4.10
C ASP H 71 5.97 53.96 -2.88
N VAL H 72 6.93 53.05 -3.01
CA VAL H 72 7.30 52.15 -1.88
C VAL H 72 7.99 53.02 -0.83
N GLN H 73 8.94 53.85 -1.25
CA GLN H 73 9.68 54.78 -0.33
C GLN H 73 8.66 55.61 0.49
N ALA H 74 7.66 56.20 -0.17
CA ALA H 74 6.61 57.01 0.47
C ALA H 74 5.72 56.15 1.38
N MET H 75 5.35 54.93 0.96
CA MET H 75 4.52 53.99 1.77
C MET H 75 5.21 53.69 3.10
N VAL H 76 6.47 53.28 3.08
CA VAL H 76 7.23 53.02 4.33
C VAL H 76 7.31 54.30 5.16
N ALA H 77 7.59 55.45 4.54
CA ALA H 77 7.67 56.76 5.24
C ALA H 77 6.33 57.11 5.93
N LYS H 78 5.21 56.84 5.29
CA LYS H 78 3.89 57.18 5.87
C LYS H 78 3.63 56.32 7.11
N VAL H 79 3.91 55.05 6.99
CA VAL H 79 3.73 54.08 8.10
C VAL H 79 4.58 54.55 9.30
N VAL H 80 5.84 54.86 9.07
CA VAL H 80 6.76 55.35 10.15
C VAL H 80 6.16 56.61 10.81
N GLU H 81 5.74 57.59 10.01
CA GLU H 81 5.10 58.83 10.49
C GLU H 81 3.80 58.47 11.27
N GLU H 82 2.94 57.58 10.76
CA GLU H 82 1.60 57.39 11.41
C GLU H 82 1.67 56.36 12.55
N LEU H 83 2.44 55.29 12.41
CA LEU H 83 2.48 54.22 13.43
C LEU H 83 3.82 54.22 14.16
N GLY H 84 3.94 53.34 15.14
CA GLY H 84 5.00 53.37 16.17
C GLY H 84 5.95 52.19 16.05
N TYR H 108 8.97 53.42 12.46
CA TYR H 108 8.04 52.55 13.21
C TYR H 108 7.64 51.41 12.27
N ASP H 109 8.60 50.56 11.93
CA ASP H 109 8.33 49.37 11.04
C ASP H 109 9.06 48.17 11.64
N LEU H 110 8.36 47.10 12.04
CA LEU H 110 9.00 45.89 12.61
C LEU H 110 8.80 44.63 11.76
N GLN H 111 7.73 44.54 10.98
CA GLN H 111 7.46 43.42 10.07
C GLN H 111 7.00 43.94 8.71
N MET H 112 7.59 43.41 7.65
CA MET H 112 7.21 43.74 6.27
C MET H 112 6.84 42.42 5.59
N VAL H 113 5.58 42.29 5.19
CA VAL H 113 5.10 41.12 4.40
C VAL H 113 4.86 41.58 2.96
N ALA H 114 5.82 41.31 2.08
CA ALA H 114 5.76 41.56 0.62
C ALA H 114 4.96 40.44 -0.06
N ASN H 115 3.63 40.57 -0.05
CA ASN H 115 2.62 39.58 -0.49
C ASN H 115 2.06 39.93 -1.87
N ALA H 116 2.10 41.20 -2.29
CA ALA H 116 1.56 41.60 -3.61
C ALA H 116 2.23 40.73 -4.69
N GLY H 117 1.44 40.22 -5.61
CA GLY H 117 1.93 39.52 -6.81
C GLY H 117 0.79 39.26 -7.79
N ILE H 118 1.15 38.87 -9.00
CA ILE H 118 0.21 38.62 -10.10
C ILE H 118 0.51 37.21 -10.64
N VAL H 119 -0.55 36.47 -10.95
CA VAL H 119 -0.47 35.19 -11.71
C VAL H 119 -1.10 35.43 -13.07
N LEU H 120 -0.40 35.11 -14.14
CA LEU H 120 -1.00 34.98 -15.49
C LEU H 120 -0.45 33.69 -16.08
N TYR H 121 -1.32 32.86 -16.70
CA TYR H 121 -0.94 31.65 -17.45
C TYR H 121 -0.63 32.04 -18.89
N GLN H 122 0.61 31.83 -19.29
CA GLN H 122 1.02 32.04 -20.69
C GLN H 122 2.26 31.20 -20.95
N SER H 123 2.16 30.36 -21.99
CA SER H 123 3.25 29.45 -22.42
C SER H 123 4.41 30.32 -22.89
N LEU H 124 5.61 29.74 -22.95
CA LEU H 124 6.82 30.46 -23.39
C LEU H 124 6.68 30.78 -24.89
N ALA H 125 6.20 29.83 -25.71
CA ALA H 125 5.97 30.03 -27.16
C ALA H 125 5.00 31.22 -27.39
N ASP H 126 4.06 31.46 -26.49
CA ASP H 126 3.01 32.49 -26.60
C ASP H 126 3.40 33.74 -25.82
N THR H 127 4.59 33.80 -25.22
CA THR H 127 4.92 34.84 -24.20
C THR H 127 4.96 36.20 -24.88
N GLN H 128 4.17 37.17 -24.40
CA GLN H 128 4.37 38.57 -24.84
C GLN H 128 5.11 39.35 -23.75
N LEU H 129 5.90 40.29 -24.24
CA LEU H 129 6.85 41.06 -23.41
C LEU H 129 6.03 41.81 -22.34
N GLU H 130 4.86 42.33 -22.70
CA GLU H 130 3.99 43.10 -21.76
C GLU H 130 3.71 42.24 -20.51
N VAL H 131 3.37 40.96 -20.68
CA VAL H 131 3.05 40.04 -19.55
C VAL H 131 4.31 39.66 -18.77
N TRP H 132 5.38 39.27 -19.46
CA TRP H 132 6.69 38.99 -18.84
C TRP H 132 7.09 40.15 -17.92
N ASP H 133 7.24 41.37 -18.47
CA ASP H 133 7.83 42.51 -17.71
C ASP H 133 6.88 42.91 -16.57
N ARG H 134 5.56 42.87 -16.77
CA ARG H 134 4.59 43.18 -15.69
C ARG H 134 4.75 42.19 -14.52
N ILE H 135 4.72 40.88 -14.80
CA ILE H 135 4.97 39.87 -13.74
C ILE H 135 6.29 40.23 -13.04
N MET H 136 7.38 40.46 -13.77
CA MET H 136 8.69 40.69 -13.13
C MET H 136 8.66 42.02 -12.36
N SER H 137 7.92 43.04 -12.81
CA SER H 137 7.91 44.35 -12.14
C SER H 137 7.14 44.26 -10.81
N VAL H 138 6.06 43.50 -10.74
CA VAL H 138 5.23 43.40 -9.49
C VAL H 138 5.83 42.32 -8.57
N ASN H 139 6.02 41.11 -9.10
CA ASN H 139 6.42 39.87 -8.35
C ASN H 139 7.86 39.99 -7.84
N LEU H 140 8.74 40.62 -8.61
CA LEU H 140 10.17 40.65 -8.22
C LEU H 140 10.62 42.07 -7.85
N ARG H 141 10.47 43.06 -8.73
CA ARG H 141 10.95 44.44 -8.46
C ARG H 141 10.21 44.96 -7.22
N GLY H 142 8.91 44.68 -7.09
CA GLY H 142 8.10 45.09 -5.92
C GLY H 142 8.63 44.47 -4.63
N VAL H 143 9.00 43.20 -4.66
CA VAL H 143 9.56 42.54 -3.45
C VAL H 143 10.91 43.21 -3.12
N MET H 144 11.74 43.48 -4.11
CA MET H 144 13.06 44.11 -3.91
C MET H 144 12.87 45.48 -3.22
N LEU H 145 11.97 46.31 -3.74
CA LEU H 145 11.76 47.67 -3.19
C LEU H 145 11.27 47.54 -1.75
N CYS H 146 10.31 46.66 -1.49
CA CYS H 146 9.78 46.43 -0.14
C CYS H 146 10.90 45.93 0.80
N TYR H 147 11.74 44.99 0.36
CA TYR H 147 12.93 44.51 1.15
C TYR H 147 13.86 45.68 1.45
N LYS H 148 14.19 46.49 0.43
CA LYS H 148 15.17 47.59 0.56
C LYS H 148 14.66 48.62 1.56
N TYR H 149 13.49 49.19 1.34
CA TYR H 149 12.96 50.31 2.18
C TYR H 149 12.57 49.83 3.58
N ALA H 150 12.07 48.62 3.75
CA ALA H 150 11.81 48.03 5.09
C ALA H 150 13.16 47.83 5.81
N GLY H 151 14.12 47.21 5.13
CA GLY H 151 15.48 46.93 5.66
C GLY H 151 16.18 48.19 6.14
N VAL H 152 16.24 49.22 5.30
CA VAL H 152 16.86 50.53 5.63
C VAL H 152 16.20 51.10 6.90
N GLN H 153 14.87 51.07 6.98
CA GLN H 153 14.13 51.62 8.14
C GLN H 153 14.45 50.78 9.37
N MET H 154 14.52 49.46 9.24
CA MET H 154 14.76 48.57 10.39
C MET H 154 16.20 48.75 10.92
N ILE H 155 17.16 49.01 10.03
CA ILE H 155 18.60 49.20 10.41
C ILE H 155 18.69 50.49 11.24
N LYS H 156 18.00 51.53 10.79
CA LYS H 156 17.96 52.84 11.46
C LYS H 156 17.38 52.76 12.88
N GLN H 157 16.38 51.92 13.07
CA GLN H 157 15.69 51.80 14.39
C GLN H 157 16.58 51.08 15.40
N GLY H 158 17.30 50.05 14.98
CA GLY H 158 18.18 49.24 15.85
C GLY H 158 17.45 48.27 16.76
N ARG H 159 16.28 47.77 16.39
CA ARG H 159 15.58 46.72 17.20
C ARG H 159 15.27 45.51 16.31
N GLY H 160 16.10 45.27 15.31
CA GLY H 160 15.90 44.16 14.37
C GLY H 160 14.59 44.24 13.60
N GLY H 161 14.14 43.10 13.06
CA GLY H 161 12.87 43.03 12.33
C GLY H 161 12.64 41.71 11.62
N ARG H 162 11.56 41.67 10.88
CA ARG H 162 11.13 40.49 10.12
C ARG H 162 10.73 40.95 8.72
N ILE H 163 11.34 40.36 7.69
CA ILE H 163 10.95 40.61 6.28
C ILE H 163 10.51 39.26 5.69
N ILE H 164 9.30 39.24 5.13
CA ILE H 164 8.70 37.98 4.63
C ILE H 164 8.10 38.26 3.26
N ALA H 165 8.43 37.43 2.26
CA ALA H 165 7.85 37.60 0.92
C ALA H 165 7.03 36.37 0.55
N ALA H 166 6.01 36.57 -0.27
CA ALA H 166 5.30 35.50 -1.00
C ALA H 166 6.24 34.97 -2.06
N SER H 167 6.75 33.76 -1.86
CA SER H 167 7.18 32.92 -3.01
C SER H 167 5.96 32.09 -3.42
N SER H 168 6.15 30.85 -3.81
CA SER H 168 5.08 29.93 -4.24
C SER H 168 5.67 28.54 -4.41
N ALA H 169 4.81 27.51 -4.48
CA ALA H 169 5.27 26.15 -4.84
C ALA H 169 5.93 26.26 -6.22
N ALA H 170 5.49 27.22 -7.03
CA ALA H 170 6.05 27.49 -8.39
C ALA H 170 7.47 28.08 -8.30
N GLY H 171 7.89 28.61 -7.16
CA GLY H 171 9.27 29.09 -6.95
C GLY H 171 10.19 27.99 -6.44
N LYS H 172 9.66 26.78 -6.22
CA LYS H 172 10.43 25.57 -5.82
C LYS H 172 10.45 24.56 -6.96
N LYS H 173 9.37 24.48 -7.73
CA LYS H 173 9.26 23.56 -8.89
C LYS H 173 8.52 24.31 -9.99
N GLY H 174 9.23 24.66 -11.05
CA GLY H 174 8.66 25.41 -12.17
C GLY H 174 7.48 24.65 -12.72
N MET H 175 6.52 25.38 -13.26
CA MET H 175 5.22 24.80 -13.69
C MET H 175 4.97 25.17 -15.15
N ILE H 176 4.39 24.22 -15.88
CA ILE H 176 4.05 24.37 -17.31
C ILE H 176 3.06 25.53 -17.43
N ASN H 177 3.26 26.36 -18.44
CA ASN H 177 2.45 27.55 -18.78
C ASN H 177 2.57 28.64 -17.70
N LEU H 178 3.51 28.54 -16.77
CA LEU H 178 3.80 29.64 -15.83
C LEU H 178 5.31 29.94 -15.85
N PRO H 179 5.97 30.15 -17.02
CA PRO H 179 7.40 30.42 -17.03
C PRO H 179 7.72 31.78 -16.36
N ALA H 180 6.91 32.81 -16.64
CA ALA H 180 7.08 34.14 -16.02
C ALA H 180 6.86 34.05 -14.51
N TYR H 181 5.75 33.48 -14.10
CA TYR H 181 5.39 33.39 -12.66
C TYR H 181 6.44 32.53 -11.94
N SER H 182 6.87 31.41 -12.54
CA SER H 182 7.86 30.46 -11.98
C SER H 182 9.21 31.17 -11.81
N ALA H 183 9.69 31.85 -12.87
CA ALA H 183 10.91 32.67 -12.84
C ALA H 183 10.82 33.71 -11.71
N SER H 184 9.70 34.41 -11.58
CA SER H 184 9.54 35.47 -10.57
C SER H 184 9.59 34.88 -9.16
N LYS H 185 9.00 33.72 -8.92
CA LYS H 185 8.93 33.14 -7.55
C LYS H 185 10.25 32.47 -7.14
N PHE H 186 11.01 31.92 -8.10
CA PHE H 186 12.41 31.49 -7.89
C PHE H 186 13.27 32.71 -7.52
N ALA H 187 13.12 33.81 -8.25
CA ALA H 187 13.90 35.05 -8.03
C ALA H 187 13.64 35.57 -6.60
N VAL H 188 12.40 35.53 -6.13
CA VAL H 188 12.03 35.92 -4.73
C VAL H 188 12.86 35.10 -3.72
N ARG H 189 13.06 33.80 -3.94
CA ARG H 189 13.91 32.98 -3.04
C ARG H 189 15.35 33.47 -3.12
N GLY H 190 15.87 33.76 -4.30
CA GLY H 190 17.26 34.23 -4.49
C GLY H 190 17.54 35.52 -3.72
N ILE H 191 16.67 36.53 -3.89
CA ILE H 191 16.81 37.83 -3.17
C ILE H 191 16.62 37.62 -1.66
N THR H 192 15.73 36.71 -1.25
CA THR H 192 15.49 36.33 0.16
C THR H 192 16.79 35.80 0.80
N GLN H 193 17.51 34.94 0.11
CA GLN H 193 18.78 34.39 0.62
C GLN H 193 19.83 35.49 0.73
N SER H 194 20.01 36.28 -0.33
CA SER H 194 21.03 37.34 -0.41
C SER H 194 20.75 38.39 0.67
N ALA H 195 19.49 38.80 0.81
CA ALA H 195 19.03 39.76 1.83
C ALA H 195 19.18 39.20 3.25
N ALA H 196 18.92 37.91 3.48
CA ALA H 196 19.11 37.25 4.78
C ALA H 196 20.56 37.47 5.22
N LEU H 197 21.52 37.31 4.30
CA LEU H 197 22.96 37.46 4.61
C LEU H 197 23.29 38.93 4.90
N GLU H 198 22.78 39.85 4.09
CA GLU H 198 23.07 41.31 4.27
C GLU H 198 22.49 41.83 5.58
N PHE H 199 21.29 41.39 5.96
CA PHE H 199 20.56 41.94 7.15
C PHE H 199 20.86 41.15 8.43
N ALA H 200 21.54 40.01 8.37
CA ALA H 200 21.78 39.18 9.58
C ALA H 200 22.53 40.00 10.64
N PRO H 201 23.56 40.81 10.32
CA PRO H 201 24.25 41.59 11.36
C PRO H 201 23.31 42.56 12.11
N HIS H 202 22.12 42.86 11.58
CA HIS H 202 21.16 43.82 12.21
C HIS H 202 19.97 43.08 12.83
N ASN H 203 20.07 41.75 12.93
CA ASN H 203 19.02 40.93 13.57
C ASN H 203 17.72 41.17 12.81
N ILE H 204 17.82 41.27 11.50
CA ILE H 204 16.63 41.28 10.62
C ILE H 204 16.59 39.93 9.91
N THR H 205 15.55 39.11 10.15
CA THR H 205 15.37 37.85 9.41
C THR H 205 14.64 38.14 8.11
N VAL H 206 14.97 37.37 7.06
CA VAL H 206 14.29 37.49 5.75
C VAL H 206 13.94 36.09 5.30
N ASN H 207 12.63 35.85 5.12
CA ASN H 207 12.12 34.50 4.76
C ASN H 207 11.00 34.62 3.74
N ALA H 208 10.61 33.49 3.18
CA ALA H 208 9.52 33.43 2.17
C ALA H 208 8.60 32.26 2.51
N TYR H 209 7.33 32.41 2.15
CA TYR H 209 6.34 31.30 2.19
C TYR H 209 6.07 30.86 0.74
N CYS H 210 5.94 29.55 0.55
CA CYS H 210 5.72 28.86 -0.74
C CYS H 210 4.40 28.09 -0.67
N PRO H 211 3.22 28.73 -0.84
CA PRO H 211 1.97 28.00 -0.72
C PRO H 211 1.65 27.21 -2.00
N GLY H 212 0.91 26.13 -1.83
CA GLY H 212 0.22 25.46 -2.94
C GLY H 212 -1.11 24.96 -2.44
N GLY H 213 -2.10 24.96 -3.33
CA GLY H 213 -3.46 24.41 -3.14
C GLY H 213 -4.27 25.23 -2.16
N ILE H 214 -4.14 26.55 -2.20
CA ILE H 214 -4.86 27.49 -1.29
C ILE H 214 -6.07 28.00 -2.06
N ARG H 215 -7.26 27.93 -1.48
CA ARG H 215 -8.46 28.67 -1.99
C ARG H 215 -8.38 30.14 -1.61
N ASN H 232 -7.80 16.43 -6.75
CA ASN H 232 -7.13 15.26 -6.11
C ASN H 232 -6.00 15.71 -5.16
N LEU H 233 -5.45 16.92 -5.28
CA LEU H 233 -4.34 17.41 -4.42
C LEU H 233 -4.89 18.04 -3.15
N PRO H 234 -4.11 18.05 -2.04
CA PRO H 234 -4.53 18.71 -0.80
C PRO H 234 -4.84 20.18 -1.08
N PHE H 235 -5.79 20.74 -0.36
CA PHE H 235 -6.19 22.17 -0.46
C PHE H 235 -6.54 22.66 0.94
N ALA H 236 -6.51 23.98 1.13
CA ALA H 236 -6.72 24.67 2.42
C ALA H 236 -7.13 26.12 2.17
N ASP H 237 -7.64 26.78 3.20
CA ASP H 237 -7.93 28.24 3.19
C ASP H 237 -6.67 29.04 3.55
N PRO H 238 -6.68 30.36 3.29
CA PRO H 238 -5.50 31.19 3.46
C PRO H 238 -4.99 31.26 4.90
N GLU H 239 -5.82 30.86 5.87
CA GLU H 239 -5.49 30.83 7.32
C GLU H 239 -4.19 30.04 7.56
N VAL H 240 -3.94 28.99 6.77
CA VAL H 240 -2.74 28.12 6.97
C VAL H 240 -1.51 28.94 6.56
N VAL H 241 -1.62 29.81 5.56
CA VAL H 241 -0.47 30.65 5.14
C VAL H 241 -0.28 31.77 6.17
N ALA H 242 -1.39 32.38 6.59
CA ALA H 242 -1.40 33.43 7.63
C ALA H 242 -0.69 32.88 8.88
N SER H 243 -0.93 31.62 9.21
CA SER H 243 -0.38 30.93 10.40
C SER H 243 1.13 30.87 10.25
N LEU H 244 1.63 30.47 9.08
CA LEU H 244 3.08 30.38 8.88
C LEU H 244 3.71 31.77 9.00
N VAL H 245 3.11 32.78 8.37
CA VAL H 245 3.69 34.14 8.32
C VAL H 245 3.72 34.68 9.75
N SER H 246 2.66 34.41 10.51
CA SER H 246 2.55 34.90 11.91
C SER H 246 3.67 34.27 12.77
N TYR H 247 3.98 32.99 12.56
CA TYR H 247 5.09 32.34 13.32
C TYR H 247 6.43 33.02 12.98
N LEU H 248 6.73 33.12 11.69
CA LEU H 248 8.02 33.68 11.19
C LEU H 248 8.16 35.13 11.65
N ALA H 249 7.04 35.81 11.87
CA ALA H 249 6.99 37.22 12.31
C ALA H 249 7.24 37.36 13.83
N LYS H 250 7.26 36.28 14.61
CA LYS H 250 7.36 36.40 16.10
C LYS H 250 8.80 36.69 16.51
N PRO H 251 9.01 37.35 17.68
CA PRO H 251 10.34 37.51 18.28
C PRO H 251 11.09 36.17 18.47
N GLU H 252 10.36 35.12 18.87
CA GLU H 252 10.82 33.73 18.99
C GLU H 252 11.62 33.26 17.76
N ALA H 253 11.25 33.69 16.55
CA ALA H 253 11.68 33.06 15.27
C ALA H 253 12.94 33.74 14.72
N TYR H 254 13.76 34.33 15.59
CA TYR H 254 14.93 35.18 15.23
C TYR H 254 16.05 34.37 14.55
N PHE H 255 16.07 33.04 14.65
CA PHE H 255 17.19 32.19 14.18
C PHE H 255 16.82 31.45 12.88
N ILE H 256 15.61 31.68 12.36
CA ILE H 256 15.22 31.19 11.04
C ILE H 256 15.36 32.38 10.08
N THR H 257 16.22 32.26 9.09
CA THR H 257 16.41 33.34 8.09
C THR H 257 16.93 32.71 6.80
N GLY H 258 16.56 33.32 5.68
CA GLY H 258 16.93 32.89 4.33
C GLY H 258 16.09 31.72 3.81
N GLN H 259 15.10 31.26 4.59
CA GLN H 259 14.37 30.01 4.28
C GLN H 259 13.11 30.35 3.51
N SER H 260 12.76 29.44 2.60
CA SER H 260 11.48 29.42 1.86
C SER H 260 10.77 28.15 2.29
N ILE H 261 9.61 28.27 2.94
CA ILE H 261 8.95 27.11 3.61
C ILE H 261 7.68 26.76 2.82
N LEU H 262 7.56 25.48 2.40
CA LEU H 262 6.37 24.98 1.69
C LEU H 262 5.21 24.75 2.66
N VAL H 263 4.08 25.36 2.36
CA VAL H 263 2.80 25.10 3.05
C VAL H 263 1.80 24.68 1.96
N ASP H 264 1.76 23.37 1.69
CA ASP H 264 1.07 22.82 0.50
C ASP H 264 0.48 21.44 0.77
N GLY H 265 0.38 21.01 2.02
CA GLY H 265 -0.20 19.69 2.37
C GLY H 265 0.66 18.52 1.89
N GLY H 266 1.94 18.72 1.62
CA GLY H 266 2.88 17.65 1.22
C GLY H 266 2.89 17.32 -0.28
N VAL H 267 2.72 18.29 -1.16
CA VAL H 267 2.89 18.04 -2.61
C VAL H 267 4.40 18.10 -2.95
N LEU H 268 5.09 19.18 -2.60
CA LEU H 268 6.56 19.29 -2.75
C LEU H 268 7.20 19.16 -1.38
N PHE H 269 8.47 18.76 -1.36
CA PHE H 269 9.24 18.62 -0.11
C PHE H 269 10.61 19.33 -0.21
N ASP H 270 11.01 19.95 0.89
CA ASP H 270 12.32 20.61 1.15
C ASP H 270 12.94 19.96 2.40
#